data_5WCB
#
_entry.id   5WCB
#
_cell.length_a   1.0
_cell.length_b   1.0
_cell.length_c   1.0
_cell.angle_alpha   90.0
_cell.angle_beta   90.0
_cell.angle_gamma   90.0
#
_symmetry.space_group_name_H-M   'P 1'
#
loop_
_entity.id
_entity.type
_entity.pdbx_description
1 polymer 'Meiotic spindle formation protein mei-1'
2 non-polymer "ADENOSINE-5'-TRIPHOSPHATE"
#
_entity_poly.entity_id   1
_entity_poly.type   'polypeptide(L)'
_entity_poly.pdbx_seq_one_letter_code
;MNGDVQSVIRGYLERAQVAKTMSDAGRWNEAGDLLRQLMTDVKSCKISASNRDEHDARNTFLRALEANLKLVQQNVRDED
DLHEAMTRQSGSPEPPADPDVWSKPSPPLPSSSKFGATKKGVGAAGPRPREISKSTSSMSTNPADVKPANPTQGILPQNS
AGDSFDASAYDAYIVQAVRGTMATNTENTMSLDDIIGMHDVKQVLHEAVTLPLLVPEFFQGLRSPWKAMVLAGPPGTGKT
LIARAIASESSSTFFTVSSTDLSSKWRGDSEKIVRLLFELARFYAPSIIFIDQIDTLGGQRGNSGEHEASRRVKSEFLVQ
MDGSQNKFDSRRVFVLAATNIPWELDEALRRRFEKRIFIPLPDIDARKKLIEKSMEGTPKSDEINYDDLAARTEGFSGAD
VVSLCRTAAINVLRRYDTKSLRGGELTAAMESLKAELVRNIDFEAALQAVSPSAGPDTMLKCKEWCDSFGAM
;
_entity_poly.pdbx_strand_id   A,B,C,D,E,F
#
loop_
_chem_comp.id
_chem_comp.type
_chem_comp.name
_chem_comp.formula
ATP non-polymer ADENOSINE-5'-TRIPHOSPHATE 'C10 H16 N5 O13 P3'
#
# COMPACT_ATOMS: atom_id res chain seq x y z
N TYR A 173 29.98 25.40 23.49
CA TYR A 173 29.80 24.10 24.11
C TYR A 173 30.82 23.10 23.59
N ILE A 174 30.63 22.69 22.34
CA ILE A 174 31.48 21.69 21.70
C ILE A 174 32.67 22.32 20.97
N VAL A 175 33.10 23.51 21.39
CA VAL A 175 34.20 24.19 20.71
C VAL A 175 35.50 23.41 20.80
N GLN A 176 35.91 23.01 22.01
CA GLN A 176 37.09 22.17 22.14
C GLN A 176 36.84 20.79 21.54
N ALA A 177 35.61 20.29 21.68
CA ALA A 177 35.21 19.09 20.93
C ALA A 177 35.31 19.34 19.44
N VAL A 178 35.00 20.56 19.01
CA VAL A 178 35.16 20.92 17.61
C VAL A 178 36.62 21.15 17.24
N ARG A 179 37.44 21.51 18.23
CA ARG A 179 38.88 21.62 17.98
C ARG A 179 39.51 20.26 17.65
N GLY A 180 38.80 19.17 17.91
CA GLY A 180 39.24 17.84 17.49
C GLY A 180 38.90 17.56 16.03
N THR A 181 37.89 18.25 15.48
CA THR A 181 37.66 18.19 14.04
C THR A 181 38.85 18.72 13.26
N MET A 182 39.70 19.53 13.88
CA MET A 182 40.90 20.04 13.22
C MET A 182 41.76 18.87 12.76
N ALA A 183 42.45 19.05 11.64
CA ALA A 183 43.29 18.01 11.07
C ALA A 183 44.43 18.66 10.28
N THR A 184 45.16 17.84 9.53
CA THR A 184 46.28 18.31 8.71
C THR A 184 46.33 17.53 7.40
N MET A 190 52.27 12.71 4.19
CA MET A 190 51.53 11.56 3.68
C MET A 190 51.61 11.50 2.17
N SER A 191 52.38 10.53 1.67
CA SER A 191 52.54 10.35 0.23
C SER A 191 51.20 10.05 -0.41
N LEU A 192 51.03 10.50 -1.64
CA LEU A 192 49.74 10.49 -2.31
C LEU A 192 49.67 9.50 -3.46
N ASP A 193 50.80 9.13 -4.05
CA ASP A 193 50.85 7.95 -4.91
C ASP A 193 50.93 6.66 -4.10
N ASP A 194 50.90 6.75 -2.77
CA ASP A 194 50.59 5.58 -1.95
C ASP A 194 49.30 4.94 -2.42
N ILE A 195 48.29 5.76 -2.65
CA ILE A 195 47.03 5.31 -3.23
C ILE A 195 47.21 5.29 -4.74
N ILE A 196 46.92 4.15 -5.35
CA ILE A 196 47.38 3.84 -6.69
C ILE A 196 46.18 3.47 -7.55
N GLY A 197 46.29 3.77 -8.84
CA GLY A 197 45.18 3.65 -9.75
C GLY A 197 44.37 4.93 -9.73
N MET A 198 43.45 5.03 -10.68
CA MET A 198 42.64 6.24 -10.86
C MET A 198 43.56 7.44 -11.08
N HIS A 199 44.62 7.24 -11.87
CA HIS A 199 45.55 8.32 -12.16
C HIS A 199 44.85 9.48 -12.85
N ASP A 200 43.77 9.20 -13.59
CA ASP A 200 42.92 10.28 -14.04
C ASP A 200 42.36 11.08 -12.88
N VAL A 201 42.06 10.40 -11.77
CA VAL A 201 41.61 11.11 -10.58
C VAL A 201 42.78 11.78 -9.89
N LYS A 202 43.99 11.23 -10.03
CA LYS A 202 45.16 11.93 -9.51
C LYS A 202 45.34 13.25 -10.25
N GLN A 203 45.02 13.26 -11.55
CA GLN A 203 44.93 14.53 -12.26
C GLN A 203 43.80 15.39 -11.72
N VAL A 204 42.65 14.77 -11.40
CA VAL A 204 41.51 15.52 -10.88
C VAL A 204 41.88 16.23 -9.59
N LEU A 205 42.75 15.63 -8.77
CA LEU A 205 43.05 16.13 -7.45
C LEU A 205 44.25 17.04 -7.46
N HIS A 206 45.19 16.81 -8.38
CA HIS A 206 46.11 17.85 -8.77
C HIS A 206 45.38 19.08 -9.31
N GLU A 207 44.17 18.88 -9.85
CA GLU A 207 43.34 19.97 -10.34
C GLU A 207 42.28 20.41 -9.33
N ALA A 208 42.23 19.78 -8.16
CA ALA A 208 41.28 20.13 -7.10
C ALA A 208 41.97 20.56 -5.82
N VAL A 209 43.27 20.28 -5.68
CA VAL A 209 44.05 20.64 -4.50
C VAL A 209 45.17 21.61 -4.87
N THR A 210 46.04 21.18 -5.79
CA THR A 210 47.20 22.00 -6.14
C THR A 210 46.79 23.25 -6.89
N LEU A 211 45.99 23.11 -7.94
CA LEU A 211 45.73 24.23 -8.83
C LEU A 211 44.70 25.22 -8.30
N PRO A 212 43.59 24.79 -7.70
CA PRO A 212 42.70 25.76 -7.04
C PRO A 212 43.37 26.56 -5.93
N LEU A 213 44.52 26.10 -5.45
CA LEU A 213 45.35 26.86 -4.52
C LEU A 213 46.46 27.62 -5.23
N LEU A 214 47.01 27.07 -6.31
CA LEU A 214 48.08 27.73 -7.05
C LEU A 214 47.56 28.57 -8.22
N VAL A 215 46.86 27.93 -9.15
CA VAL A 215 46.45 28.58 -10.40
C VAL A 215 44.96 28.39 -10.64
N PRO A 216 44.07 29.19 -10.02
CA PRO A 216 42.66 29.19 -10.43
C PRO A 216 42.38 30.07 -11.64
N GLU A 217 43.42 30.49 -12.37
CA GLU A 217 43.21 31.31 -13.55
C GLU A 217 42.79 30.47 -14.76
N PHE A 218 43.45 29.34 -14.98
CA PHE A 218 42.87 28.32 -15.86
C PHE A 218 41.46 27.97 -15.40
N PHE A 219 41.31 27.71 -14.11
CA PHE A 219 40.04 27.27 -13.54
C PHE A 219 39.21 28.51 -13.25
N GLN A 220 38.60 29.04 -14.31
CA GLN A 220 37.84 30.28 -14.26
C GLN A 220 36.54 30.07 -15.02
N GLY A 221 35.48 30.69 -14.53
CA GLY A 221 34.19 30.61 -15.20
C GLY A 221 33.69 29.20 -15.35
N LEU A 222 33.72 28.69 -16.58
CA LEU A 222 33.36 27.30 -16.81
C LEU A 222 34.34 26.37 -16.11
N ARG A 223 35.63 26.58 -16.33
CA ARG A 223 36.67 25.77 -15.72
C ARG A 223 36.80 25.99 -14.22
N SER A 224 36.03 26.93 -13.64
CA SER A 224 36.07 27.30 -12.22
C SER A 224 36.07 26.08 -11.31
N PRO A 225 36.66 26.16 -10.11
CA PRO A 225 36.74 24.97 -9.26
C PRO A 225 35.36 24.44 -8.89
N TRP A 226 35.29 23.14 -8.69
CA TRP A 226 34.04 22.47 -8.34
C TRP A 226 33.81 22.55 -6.84
N LYS A 227 32.56 22.32 -6.44
CA LYS A 227 32.16 22.53 -5.06
C LYS A 227 32.53 21.33 -4.19
N ALA A 228 31.94 20.19 -4.46
CA ALA A 228 32.13 18.99 -3.66
C ALA A 228 31.37 17.86 -4.33
N MET A 229 31.54 16.66 -3.80
CA MET A 229 30.91 15.47 -4.37
C MET A 229 30.86 14.40 -3.28
N VAL A 230 30.56 13.18 -3.71
CA VAL A 230 30.67 12.01 -2.86
C VAL A 230 30.95 10.83 -3.77
N LEU A 231 30.96 9.63 -3.19
CA LEU A 231 31.61 8.49 -3.83
C LEU A 231 30.84 7.21 -3.58
N ALA A 232 30.59 6.46 -4.65
CA ALA A 232 30.27 5.05 -4.53
C ALA A 232 31.56 4.26 -4.57
N GLY A 233 31.46 2.98 -4.21
CA GLY A 233 32.62 2.14 -4.13
C GLY A 233 32.47 1.14 -3.00
N PRO A 234 33.26 0.06 -3.01
CA PRO A 234 33.38 -0.75 -1.80
C PRO A 234 34.16 0.01 -0.75
N PRO A 235 34.03 -0.35 0.51
CA PRO A 235 35.08 -0.02 1.49
C PRO A 235 36.23 -1.01 1.34
N GLY A 236 37.28 -0.77 2.13
CA GLY A 236 38.53 -1.42 1.84
C GLY A 236 39.17 -0.88 0.58
N THR A 237 38.95 0.40 0.28
CA THR A 237 39.33 1.01 -0.99
C THR A 237 40.10 2.31 -0.81
N GLY A 238 40.57 2.61 0.41
CA GLY A 238 41.39 3.79 0.61
C GLY A 238 40.65 5.09 0.40
N LYS A 239 39.37 5.15 0.76
CA LYS A 239 38.66 6.43 0.72
C LYS A 239 39.29 7.43 1.67
N THR A 240 39.60 7.00 2.88
CA THR A 240 40.31 7.84 3.84
C THR A 240 41.80 7.87 3.56
N LEU A 241 42.34 6.84 2.90
CA LEU A 241 43.74 6.86 2.49
C LEU A 241 44.04 8.09 1.65
N ILE A 242 43.34 8.22 0.53
CA ILE A 242 43.53 9.37 -0.35
C ILE A 242 43.11 10.66 0.35
N ALA A 243 42.17 10.57 1.29
CA ALA A 243 41.73 11.75 2.03
C ALA A 243 42.88 12.35 2.84
N ARG A 244 43.46 11.56 3.74
CA ARG A 244 44.58 12.05 4.55
C ARG A 244 45.81 12.31 3.70
N ALA A 245 46.00 11.51 2.64
CA ALA A 245 47.15 11.73 1.78
C ALA A 245 47.09 13.11 1.14
N ILE A 246 45.95 13.43 0.54
CA ILE A 246 45.68 14.79 0.08
C ILE A 246 45.86 15.78 1.22
N ALA A 247 45.36 15.44 2.41
CA ALA A 247 45.33 16.36 3.54
C ALA A 247 46.73 16.85 3.90
N SER A 248 47.60 15.93 4.33
CA SER A 248 48.96 16.33 4.67
C SER A 248 49.72 16.76 3.42
N GLU A 249 49.30 16.31 2.24
CA GLU A 249 49.85 16.85 0.99
C GLU A 249 49.30 18.24 0.70
N SER A 250 48.06 18.49 1.09
CA SER A 250 47.38 19.70 0.65
C SER A 250 48.04 20.95 1.24
N SER A 251 48.23 21.95 0.39
CA SER A 251 48.39 23.31 0.90
C SER A 251 47.12 23.79 1.57
N SER A 252 45.98 23.20 1.24
CA SER A 252 44.74 23.42 1.97
C SER A 252 44.75 22.60 3.25
N THR A 253 43.89 23.00 4.20
CA THR A 253 43.81 22.30 5.46
C THR A 253 42.90 21.07 5.32
N PHE A 254 42.57 20.44 6.45
CA PHE A 254 41.77 19.23 6.46
C PHE A 254 41.02 19.20 7.79
N PHE A 255 40.00 18.34 7.86
CA PHE A 255 39.26 18.15 9.10
C PHE A 255 38.91 16.68 9.29
N THR A 256 38.76 16.29 10.55
CA THR A 256 38.40 14.93 10.94
C THR A 256 36.90 14.91 11.19
N VAL A 257 36.15 14.33 10.26
CA VAL A 257 34.71 14.44 10.24
C VAL A 257 34.07 13.11 9.88
N SER A 258 32.95 12.83 10.52
CA SER A 258 32.04 11.77 10.11
C SER A 258 30.61 12.32 10.25
N SER A 259 29.63 11.47 10.02
CA SER A 259 28.24 11.82 10.33
C SER A 259 27.90 11.59 11.79
N THR A 260 28.88 11.23 12.62
CA THR A 260 28.63 10.82 14.00
C THR A 260 28.72 12.02 14.96
N ASP A 261 27.97 13.07 14.62
CA ASP A 261 27.71 14.16 15.54
C ASP A 261 26.43 13.86 16.33
N LEU A 262 26.52 12.85 17.18
CA LEU A 262 25.35 12.37 17.89
C LEU A 262 24.99 13.41 18.94
N SER A 263 24.17 14.37 18.54
CA SER A 263 23.88 15.54 19.35
C SER A 263 22.99 15.15 20.53
N SER A 264 22.68 16.14 21.35
CA SER A 264 21.96 15.91 22.60
C SER A 264 21.09 17.12 22.91
N LYS A 265 20.30 16.99 23.98
CA LYS A 265 19.64 18.16 24.54
C LYS A 265 20.66 19.11 25.16
N TRP A 266 21.79 18.57 25.64
CA TRP A 266 22.85 19.43 26.17
C TRP A 266 23.55 20.19 25.05
N ARG A 267 23.82 19.51 23.93
CA ARG A 267 24.38 20.19 22.77
C ARG A 267 23.30 21.03 22.08
N GLY A 268 22.14 20.43 21.86
CA GLY A 268 20.97 21.12 21.34
C GLY A 268 20.88 21.19 19.84
N ASP A 269 22.00 21.45 19.15
CA ASP A 269 21.96 21.60 17.69
C ASP A 269 23.36 21.31 17.14
N SER A 270 23.52 20.14 16.54
CA SER A 270 24.67 19.88 15.67
C SER A 270 24.49 20.48 14.29
N GLU A 271 23.38 21.17 14.04
CA GLU A 271 23.24 22.06 12.89
C GLU A 271 23.98 23.36 13.11
N LYS A 272 24.02 23.84 14.36
CA LYS A 272 24.94 24.90 14.71
C LYS A 272 26.38 24.44 14.57
N ILE A 273 26.61 23.12 14.63
CA ILE A 273 27.94 22.58 14.36
C ILE A 273 28.17 22.47 12.86
N VAL A 274 27.11 22.35 12.07
CA VAL A 274 27.26 22.51 10.62
C VAL A 274 27.67 23.94 10.29
N ARG A 275 26.92 24.91 10.82
CA ARG A 275 27.28 26.31 10.63
C ARG A 275 28.67 26.59 11.15
N LEU A 276 29.05 25.96 12.26
CA LEU A 276 30.41 26.10 12.77
C LEU A 276 31.42 25.42 11.86
N LEU A 277 30.99 24.38 11.14
CA LEU A 277 31.88 23.73 10.18
C LEU A 277 32.20 24.66 9.04
N PHE A 278 31.18 25.31 8.48
CA PHE A 278 31.43 26.36 7.50
C PHE A 278 32.29 27.46 8.10
N GLU A 279 32.05 27.80 9.36
CA GLU A 279 32.80 28.88 10.01
C GLU A 279 34.27 28.54 10.09
N LEU A 280 34.61 27.31 10.46
CA LEU A 280 36.00 26.90 10.51
C LEU A 280 36.58 26.75 9.11
N ALA A 281 35.74 26.33 8.16
CA ALA A 281 36.18 26.21 6.78
C ALA A 281 36.63 27.55 6.23
N ARG A 282 35.89 28.60 6.52
CA ARG A 282 36.30 29.94 6.11
C ARG A 282 37.40 30.48 7.02
N PHE A 283 37.47 29.98 8.26
CA PHE A 283 38.52 30.42 9.18
C PHE A 283 39.88 30.00 8.67
N TYR A 284 40.11 28.69 8.57
CA TYR A 284 41.19 28.15 7.75
C TYR A 284 40.80 28.14 6.28
N ALA A 285 40.62 29.33 5.68
CA ALA A 285 39.80 29.60 4.50
C ALA A 285 39.89 28.53 3.41
N PRO A 286 41.07 28.22 2.87
CA PRO A 286 41.16 27.03 2.00
C PRO A 286 41.26 25.78 2.86
N SER A 287 40.25 24.92 2.77
CA SER A 287 40.11 23.81 3.70
C SER A 287 39.57 22.59 2.97
N ILE A 288 39.62 21.46 3.68
CA ILE A 288 39.12 20.19 3.19
C ILE A 288 38.35 19.54 4.33
N ILE A 289 37.19 18.95 4.02
CA ILE A 289 36.42 18.19 4.99
C ILE A 289 36.03 16.87 4.34
N PHE A 290 36.09 15.80 5.13
CA PHE A 290 35.98 14.44 4.62
C PHE A 290 35.03 13.68 5.53
N ILE A 291 33.91 13.23 4.96
CA ILE A 291 32.82 12.65 5.73
C ILE A 291 32.27 11.42 5.03
N ASP A 292 31.77 10.49 5.83
CA ASP A 292 30.98 9.35 5.38
C ASP A 292 30.01 9.05 6.53
N GLN A 293 29.45 7.84 6.55
CA GLN A 293 28.24 7.56 7.33
C GLN A 293 27.12 8.49 6.89
N ILE A 294 27.10 8.76 5.58
CA ILE A 294 26.37 9.91 5.05
C ILE A 294 24.87 9.75 5.29
N ASP A 295 24.37 8.53 5.20
CA ASP A 295 22.98 8.23 5.51
C ASP A 295 22.75 7.89 6.97
N THR A 296 23.76 8.02 7.82
CA THR A 296 23.61 7.75 9.25
C THR A 296 23.07 8.97 9.96
N HIS A 307 17.70 8.71 11.93
CA HIS A 307 16.69 9.37 12.75
C HIS A 307 16.35 10.74 12.17
N GLU A 308 15.59 11.53 12.94
CA GLU A 308 15.19 12.85 12.48
C GLU A 308 16.36 13.83 12.46
N ALA A 309 17.31 13.66 13.40
CA ALA A 309 18.45 14.56 13.49
C ALA A 309 19.25 14.57 12.20
N SER A 310 19.30 13.44 11.50
CA SER A 310 19.90 13.38 10.17
C SER A 310 19.36 14.47 9.27
N ARG A 311 18.03 14.60 9.23
CA ARG A 311 17.40 15.64 8.42
C ARG A 311 17.47 17.01 9.08
N ARG A 312 17.66 17.20 10.37
CA ARG A 312 17.79 18.64 10.66
C ARG A 312 19.13 19.20 10.06
N VAL A 313 20.18 18.46 10.36
CA VAL A 313 21.54 18.79 9.94
C VAL A 313 21.77 18.73 8.45
N LYS A 314 21.22 17.70 7.81
CA LYS A 314 21.39 17.54 6.38
C LYS A 314 20.78 18.73 5.66
N SER A 315 19.59 19.13 6.08
CA SER A 315 18.93 20.26 5.43
C SER A 315 19.78 21.52 5.61
N GLU A 316 20.30 21.73 6.82
CA GLU A 316 21.11 22.94 7.00
C GLU A 316 22.36 22.95 6.10
N PHE A 317 23.02 21.79 6.04
CA PHE A 317 24.23 21.68 5.25
C PHE A 317 23.94 21.91 3.77
N LEU A 318 22.83 21.34 3.32
CA LEU A 318 22.45 21.47 1.92
C LEU A 318 22.21 22.93 1.58
N VAL A 319 21.54 23.66 2.47
CA VAL A 319 21.31 25.05 2.20
C VAL A 319 22.60 25.89 2.12
N GLN A 320 23.53 25.65 3.05
CA GLN A 320 24.80 26.44 3.08
C GLN A 320 25.93 26.39 2.01
N MET A 321 26.21 25.19 1.52
CA MET A 321 27.33 24.78 0.69
C MET A 321 27.89 25.91 -0.17
N ASP A 322 27.08 26.88 -0.56
CA ASP A 322 27.55 28.01 -1.36
C ASP A 322 28.40 28.94 -0.51
N ARG A 331 33.77 30.63 -3.36
CA ARG A 331 35.17 30.40 -3.03
C ARG A 331 35.56 28.96 -3.34
N ARG A 332 36.86 28.73 -3.53
CA ARG A 332 37.39 27.40 -3.82
C ARG A 332 37.79 26.67 -2.54
N VAL A 333 36.89 26.65 -1.57
CA VAL A 333 37.08 25.93 -0.32
C VAL A 333 36.47 24.56 -0.53
N PHE A 334 37.26 23.64 -1.09
CA PHE A 334 36.72 22.38 -1.59
C PHE A 334 36.42 21.44 -0.43
N VAL A 335 35.40 20.60 -0.63
CA VAL A 335 34.90 19.67 0.38
C VAL A 335 34.56 18.37 -0.33
N LEU A 336 34.46 17.29 0.45
CA LEU A 336 34.12 15.98 -0.09
C LEU A 336 33.41 15.16 0.97
N ALA A 337 32.53 14.26 0.48
CA ALA A 337 31.93 13.21 1.29
C ALA A 337 32.15 11.88 0.60
N ALA A 338 31.50 10.82 1.09
CA ALA A 338 31.61 9.53 0.42
C ALA A 338 30.52 8.61 0.93
N THR A 339 30.42 7.44 0.30
CA THR A 339 29.58 6.35 0.77
C THR A 339 30.02 5.09 0.04
N ASN A 340 29.19 4.04 0.16
CA ASN A 340 29.36 2.82 -0.60
C ASN A 340 28.07 2.35 -1.26
N ILE A 341 26.92 2.88 -0.87
CA ILE A 341 25.65 2.50 -1.48
C ILE A 341 25.46 3.32 -2.75
N PRO A 342 25.37 2.71 -3.94
CA PRO A 342 25.18 3.54 -5.14
C PRO A 342 23.83 4.22 -5.18
N TRP A 343 22.79 3.58 -4.64
CA TRP A 343 21.47 4.19 -4.55
C TRP A 343 21.33 5.11 -3.34
N GLU A 344 22.44 5.51 -2.70
CA GLU A 344 22.41 6.48 -1.62
C GLU A 344 22.21 7.92 -2.11
N LEU A 345 21.93 8.12 -3.40
CA LEU A 345 21.48 9.42 -3.88
C LEU A 345 20.19 9.75 -3.17
N ASP A 346 20.23 10.75 -2.28
CA ASP A 346 19.18 10.87 -1.28
C ASP A 346 17.86 11.30 -1.92
N GLU A 347 17.77 12.54 -2.38
CA GLU A 347 16.74 12.95 -3.33
C GLU A 347 17.37 13.61 -4.55
N ALA A 348 18.16 14.66 -4.33
CA ALA A 348 18.90 15.35 -5.36
C ALA A 348 20.29 15.77 -4.90
N LEU A 349 20.69 15.40 -3.68
CA LEU A 349 22.02 15.77 -3.22
C LEU A 349 23.09 15.13 -4.08
N ARG A 350 22.81 13.96 -4.64
CA ARG A 350 23.62 13.45 -5.75
C ARG A 350 23.53 14.40 -6.93
N ARG A 351 22.32 14.80 -7.28
CA ARG A 351 22.13 15.73 -8.39
C ARG A 351 22.76 17.09 -8.08
N ARG A 352 22.83 17.47 -6.80
CA ARG A 352 23.47 18.73 -6.45
C ARG A 352 24.95 18.72 -6.77
N PHE A 353 25.60 17.57 -6.57
CA PHE A 353 27.05 17.53 -6.47
C PHE A 353 27.73 17.87 -7.79
N GLU A 354 29.01 18.22 -7.66
CA GLU A 354 29.89 18.30 -8.83
C GLU A 354 29.89 16.98 -9.59
N LYS A 355 30.12 15.88 -8.88
CA LYS A 355 30.22 14.57 -9.48
C LYS A 355 29.69 13.49 -8.53
N ARG A 356 29.79 12.24 -8.98
CA ARG A 356 29.46 11.08 -8.17
C ARG A 356 30.14 9.88 -8.82
N ILE A 357 31.10 9.28 -8.12
CA ILE A 357 32.05 8.35 -8.73
C ILE A 357 32.00 7.02 -8.00
N PHE A 358 31.91 5.95 -8.77
CA PHE A 358 32.26 4.61 -8.32
C PHE A 358 33.72 4.34 -8.63
N ILE A 359 34.35 3.51 -7.80
CA ILE A 359 35.80 3.28 -7.86
C ILE A 359 36.10 1.79 -8.02
N PRO A 360 37.26 1.42 -8.56
CA PRO A 360 37.52 0.01 -8.87
C PRO A 360 38.14 -0.75 -7.69
N LEU A 361 38.47 -2.02 -7.92
CA LEU A 361 39.19 -2.81 -6.94
C LEU A 361 40.63 -2.34 -6.87
N PRO A 362 41.39 -2.78 -5.88
CA PRO A 362 42.75 -2.26 -5.69
C PRO A 362 43.79 -3.04 -6.50
N ASP A 363 45.02 -2.54 -6.44
CA ASP A 363 46.15 -3.21 -7.05
C ASP A 363 46.61 -4.34 -6.13
N ILE A 364 47.78 -4.91 -6.39
CA ILE A 364 48.12 -6.25 -5.95
C ILE A 364 49.24 -6.24 -4.92
N ASP A 365 50.25 -5.40 -5.09
CA ASP A 365 51.41 -5.49 -4.21
C ASP A 365 51.08 -5.10 -2.77
N ALA A 366 50.04 -4.29 -2.57
CA ALA A 366 49.54 -4.04 -1.23
C ALA A 366 48.58 -5.12 -0.77
N ARG A 367 48.02 -5.90 -1.68
CA ARG A 367 47.34 -7.11 -1.23
C ARG A 367 48.34 -8.10 -0.66
N LYS A 368 49.48 -8.27 -1.33
CA LYS A 368 50.55 -9.08 -0.77
C LYS A 368 51.07 -8.47 0.52
N LYS A 369 51.31 -7.15 0.51
CA LYS A 369 51.92 -6.50 1.67
C LYS A 369 50.99 -6.50 2.88
N LEU A 370 49.69 -6.44 2.65
CA LEU A 370 48.72 -6.36 3.73
C LEU A 370 48.21 -7.73 4.15
N ILE A 371 48.27 -8.72 3.27
CA ILE A 371 48.39 -10.11 3.71
C ILE A 371 49.51 -10.20 4.73
N GLU A 372 50.70 -9.74 4.35
CA GLU A 372 51.85 -9.78 5.24
C GLU A 372 51.72 -8.84 6.43
N LYS A 373 50.70 -7.98 6.46
CA LYS A 373 50.38 -7.17 7.63
C LYS A 373 49.42 -7.86 8.58
N SER A 374 48.42 -8.55 8.05
CA SER A 374 47.49 -9.29 8.87
C SER A 374 48.05 -10.64 9.29
N MET A 375 48.96 -11.21 8.51
CA MET A 375 49.65 -12.44 8.86
C MET A 375 50.76 -12.23 9.87
N GLU A 376 50.97 -11.01 10.33
CA GLU A 376 52.04 -10.72 11.28
C GLU A 376 51.84 -11.50 12.57
N GLY A 377 52.94 -11.96 13.14
CA GLY A 377 52.90 -12.65 14.40
C GLY A 377 52.14 -13.96 14.33
N THR A 378 52.36 -14.73 13.28
CA THR A 378 51.60 -15.93 13.00
C THR A 378 52.56 -17.09 12.72
N PRO A 379 52.34 -18.28 13.28
CA PRO A 379 53.08 -19.45 12.80
C PRO A 379 52.67 -19.82 11.38
N LYS A 380 53.67 -20.01 10.52
CA LYS A 380 53.42 -20.13 9.08
C LYS A 380 54.73 -20.45 8.38
N SER A 381 54.62 -20.98 7.18
CA SER A 381 55.78 -21.42 6.42
C SER A 381 56.43 -20.27 5.66
N ASP A 382 57.64 -20.53 5.19
CA ASP A 382 58.44 -19.57 4.44
C ASP A 382 58.34 -19.76 2.93
N GLU A 383 57.61 -20.77 2.46
CA GLU A 383 57.47 -21.06 1.04
C GLU A 383 56.49 -20.15 0.33
N ILE A 384 55.99 -19.12 1.00
CA ILE A 384 54.71 -18.53 0.61
C ILE A 384 54.92 -17.50 -0.48
N ASN A 385 54.13 -17.61 -1.55
CA ASN A 385 54.21 -16.75 -2.73
C ASN A 385 53.12 -15.70 -2.57
N TYR A 386 53.47 -14.62 -1.87
CA TYR A 386 52.49 -13.61 -1.48
C TYR A 386 51.92 -12.85 -2.68
N ASP A 387 52.59 -12.92 -3.84
CA ASP A 387 52.06 -12.34 -5.06
C ASP A 387 51.22 -13.34 -5.86
N ASP A 388 51.39 -14.64 -5.60
CA ASP A 388 50.41 -15.61 -6.07
C ASP A 388 49.25 -15.72 -5.10
N LEU A 389 49.48 -15.41 -3.82
CA LEU A 389 48.36 -15.14 -2.92
C LEU A 389 47.56 -13.96 -3.45
N ALA A 390 48.23 -12.82 -3.61
CA ALA A 390 47.58 -11.62 -4.10
C ALA A 390 47.12 -11.73 -5.54
N ALA A 391 47.58 -12.74 -6.29
CA ALA A 391 47.21 -12.89 -7.69
C ALA A 391 45.71 -13.07 -7.86
N ARG A 392 45.17 -14.13 -7.25
CA ARG A 392 43.81 -14.57 -7.51
C ARG A 392 42.81 -14.01 -6.51
N THR A 393 43.05 -12.78 -6.04
CA THR A 393 42.21 -12.11 -5.06
C THR A 393 41.07 -11.34 -5.71
N GLU A 394 40.62 -11.77 -6.88
CA GLU A 394 39.73 -10.96 -7.70
C GLU A 394 38.40 -10.74 -7.00
N GLY A 395 38.07 -9.47 -6.76
CA GLY A 395 36.78 -9.11 -6.21
C GLY A 395 36.69 -9.12 -4.70
N PHE A 396 37.82 -9.00 -4.01
CA PHE A 396 37.89 -9.21 -2.56
C PHE A 396 38.21 -7.90 -1.86
N SER A 397 38.12 -7.94 -0.54
CA SER A 397 38.44 -6.81 0.32
C SER A 397 39.26 -7.27 1.51
N GLY A 398 39.45 -6.40 2.50
CA GLY A 398 40.36 -6.69 3.59
C GLY A 398 39.86 -7.71 4.58
N ALA A 399 38.76 -7.40 5.27
CA ALA A 399 38.28 -8.27 6.34
C ALA A 399 37.85 -9.63 5.81
N ASP A 400 37.47 -9.69 4.54
CA ASP A 400 37.33 -10.97 3.85
C ASP A 400 38.57 -11.81 4.05
N VAL A 401 39.73 -11.19 3.83
CA VAL A 401 40.99 -11.90 3.90
C VAL A 401 41.50 -12.01 5.33
N VAL A 402 41.02 -11.19 6.24
CA VAL A 402 41.26 -11.43 7.66
C VAL A 402 40.56 -12.73 8.07
N SER A 403 39.31 -12.88 7.65
CA SER A 403 38.61 -14.13 7.86
C SER A 403 39.23 -15.28 7.08
N LEU A 404 39.99 -14.97 6.01
CA LEU A 404 40.77 -16.01 5.36
C LEU A 404 41.98 -16.40 6.20
N CYS A 405 42.60 -15.43 6.88
CA CYS A 405 43.67 -15.75 7.80
C CYS A 405 43.15 -16.64 8.92
N ARG A 406 42.00 -16.29 9.48
CA ARG A 406 41.36 -17.18 10.43
C ARG A 406 40.99 -18.51 9.79
N THR A 407 40.67 -18.50 8.50
CA THR A 407 40.19 -19.70 7.84
C THR A 407 41.30 -20.74 7.73
N ALA A 408 42.48 -20.34 7.28
CA ALA A 408 43.58 -21.29 7.29
C ALA A 408 44.06 -21.53 8.71
N ALA A 409 43.91 -20.54 9.59
CA ALA A 409 44.30 -20.73 10.99
C ALA A 409 43.45 -21.76 11.70
N ILE A 410 42.27 -22.07 11.17
CA ILE A 410 41.50 -23.21 11.64
C ILE A 410 41.73 -24.43 10.76
N ASN A 411 42.12 -24.22 9.49
CA ASN A 411 42.59 -25.34 8.68
C ASN A 411 43.78 -26.04 9.32
N VAL A 412 44.51 -25.30 10.16
CA VAL A 412 45.51 -25.80 11.10
C VAL A 412 44.99 -27.09 11.73
N LEU A 413 43.76 -27.04 12.23
CA LEU A 413 43.10 -28.24 12.72
C LEU A 413 42.53 -29.06 11.57
N ARG A 414 41.74 -28.41 10.72
CA ARG A 414 40.81 -29.15 9.87
C ARG A 414 41.50 -29.96 8.79
N ARG A 415 42.84 -29.92 8.71
CA ARG A 415 43.56 -31.06 8.15
C ARG A 415 43.51 -32.24 9.12
N TYR A 416 43.81 -31.98 10.38
CA TYR A 416 43.73 -33.01 11.41
C TYR A 416 42.28 -33.32 11.74
N ASP A 417 42.09 -34.42 12.46
CA ASP A 417 40.75 -34.94 12.74
C ASP A 417 40.21 -34.26 13.99
N THR A 418 39.10 -33.54 13.84
CA THR A 418 38.43 -32.94 14.98
C THR A 418 37.55 -33.95 15.72
N LYS A 419 37.04 -34.95 14.99
CA LYS A 419 36.13 -35.91 15.61
C LYS A 419 36.86 -36.85 16.54
N SER A 420 37.97 -37.44 16.07
CA SER A 420 38.77 -38.34 16.90
C SER A 420 39.69 -37.50 17.78
N LEU A 421 39.20 -37.17 18.97
CA LEU A 421 39.99 -36.43 19.94
C LEU A 421 41.05 -37.35 20.55
N ARG A 422 41.77 -36.82 21.55
CA ARG A 422 42.63 -37.62 22.40
C ARG A 422 41.87 -38.25 23.56
N GLY A 423 40.56 -38.41 23.44
CA GLY A 423 39.76 -39.00 24.50
C GLY A 423 39.54 -38.09 25.67
N GLY A 424 39.28 -36.81 25.42
CA GLY A 424 39.22 -35.82 26.45
C GLY A 424 40.56 -35.27 26.87
N GLU A 425 41.66 -35.93 26.52
CA GLU A 425 42.99 -35.40 26.77
C GLU A 425 43.32 -34.31 25.76
N LEU A 426 44.41 -33.59 26.03
CA LEU A 426 44.96 -32.62 25.10
C LEU A 426 46.35 -33.14 24.74
N THR A 427 46.40 -34.00 23.73
CA THR A 427 47.68 -34.52 23.26
C THR A 427 48.54 -33.39 22.72
N ALA A 428 49.86 -33.55 22.85
CA ALA A 428 50.79 -32.47 22.51
C ALA A 428 50.69 -32.06 21.05
N ALA A 429 50.15 -32.92 20.19
CA ALA A 429 49.81 -32.47 18.85
C ALA A 429 48.65 -31.48 18.87
N MET A 430 47.69 -31.68 19.78
CA MET A 430 46.53 -30.81 19.84
C MET A 430 46.93 -29.40 20.26
N GLU A 431 47.98 -29.28 21.06
CA GLU A 431 48.54 -27.98 21.41
C GLU A 431 49.58 -27.51 20.41
N SER A 432 50.25 -28.44 19.73
CA SER A 432 51.19 -28.09 18.66
C SER A 432 50.49 -27.59 17.42
N LEU A 433 49.15 -27.70 17.35
CA LEU A 433 48.41 -26.97 16.34
C LEU A 433 48.71 -25.48 16.43
N LYS A 434 48.83 -24.95 17.64
CA LYS A 434 49.35 -23.60 17.81
C LYS A 434 50.76 -23.50 17.23
N ALA A 435 51.58 -24.53 17.44
CA ALA A 435 52.93 -24.59 16.89
C ALA A 435 52.96 -24.97 15.41
N GLU A 436 51.83 -25.30 14.81
CA GLU A 436 51.81 -25.85 13.45
C GLU A 436 51.90 -24.74 12.41
N LEU A 437 52.42 -25.10 11.24
CA LEU A 437 52.70 -24.15 10.17
C LEU A 437 51.52 -24.07 9.21
N VAL A 438 51.00 -22.85 9.01
CA VAL A 438 50.07 -22.61 7.92
C VAL A 438 50.86 -22.32 6.65
N ARG A 439 50.30 -22.72 5.50
CA ARG A 439 51.03 -22.76 4.25
C ARG A 439 50.14 -22.29 3.11
N ASN A 440 50.68 -22.32 1.90
CA ASN A 440 49.93 -21.92 0.72
C ASN A 440 48.71 -22.80 0.51
N ILE A 441 48.94 -24.10 0.28
CA ILE A 441 47.86 -25.04 0.02
C ILE A 441 46.99 -25.27 1.24
N ASP A 442 47.39 -24.77 2.41
CA ASP A 442 46.47 -24.74 3.54
C ASP A 442 45.33 -23.77 3.31
N PHE A 443 45.50 -22.79 2.43
CA PHE A 443 44.42 -21.92 2.01
C PHE A 443 43.63 -22.47 0.84
N GLU A 444 44.00 -23.65 0.32
CA GLU A 444 43.52 -24.13 -0.99
C GLU A 444 42.00 -24.08 -1.09
N ALA A 445 41.32 -24.76 -0.18
CA ALA A 445 39.87 -24.62 -0.11
C ALA A 445 39.47 -23.23 0.35
N ALA A 446 40.28 -22.65 1.25
CA ALA A 446 40.07 -21.28 1.68
C ALA A 446 40.26 -20.29 0.54
N LEU A 447 40.94 -20.70 -0.53
CA LEU A 447 41.06 -19.88 -1.72
C LEU A 447 39.87 -20.09 -2.67
N GLN A 448 39.65 -21.33 -3.09
CA GLN A 448 38.70 -21.57 -4.18
C GLN A 448 37.26 -21.52 -3.69
N ALA A 449 36.99 -22.11 -2.51
CA ALA A 449 35.62 -22.19 -2.04
C ALA A 449 35.14 -20.86 -1.46
N VAL A 450 36.05 -20.01 -1.00
CA VAL A 450 35.69 -18.72 -0.43
C VAL A 450 35.32 -17.76 -1.56
N SER A 451 34.13 -17.18 -1.46
CA SER A 451 33.56 -16.31 -2.48
C SER A 451 33.35 -14.90 -1.93
N PRO A 452 33.21 -13.89 -2.81
CA PRO A 452 32.87 -12.55 -2.30
C PRO A 452 31.48 -12.50 -1.66
N SER A 453 30.50 -13.18 -2.25
CA SER A 453 29.09 -13.01 -1.89
C SER A 453 28.69 -11.54 -1.96
N ALA A 454 28.97 -10.92 -3.10
CA ALA A 454 28.62 -9.52 -3.33
C ALA A 454 28.32 -9.31 -4.80
N GLY A 455 27.63 -8.21 -5.09
CA GLY A 455 27.20 -7.90 -6.44
C GLY A 455 28.16 -7.00 -7.20
N PRO A 456 28.84 -7.57 -8.20
CA PRO A 456 29.75 -6.81 -9.05
C PRO A 456 29.06 -6.17 -10.26
N ASP A 457 27.85 -6.62 -10.60
CA ASP A 457 27.14 -6.07 -11.74
C ASP A 457 26.32 -4.84 -11.36
N THR A 458 26.00 -4.68 -10.08
CA THR A 458 25.50 -3.39 -9.62
C THR A 458 26.65 -2.40 -9.48
N MET A 459 27.83 -2.90 -9.13
CA MET A 459 29.04 -2.09 -9.26
C MET A 459 29.25 -1.68 -10.70
N LEU A 460 28.89 -2.55 -11.65
CA LEU A 460 28.92 -2.18 -13.06
C LEU A 460 27.81 -1.18 -13.39
N LYS A 461 26.66 -1.30 -12.73
CA LYS A 461 25.57 -0.37 -12.94
C LYS A 461 25.97 1.04 -12.54
N CYS A 462 26.30 1.24 -11.27
CA CYS A 462 26.72 2.55 -10.80
C CYS A 462 28.03 2.99 -11.41
N LYS A 463 28.86 2.05 -11.89
CA LYS A 463 30.03 2.44 -12.67
C LYS A 463 29.61 3.08 -13.98
N GLU A 464 28.57 2.53 -14.62
CA GLU A 464 27.99 3.21 -15.76
C GLU A 464 27.36 4.53 -15.36
N TRP A 465 26.88 4.62 -14.11
CA TRP A 465 26.28 5.86 -13.64
C TRP A 465 27.31 6.96 -13.44
N CYS A 466 28.55 6.61 -13.09
CA CYS A 466 29.63 7.59 -13.08
C CYS A 466 30.24 7.76 -14.45
N ASP A 467 30.00 6.82 -15.38
CA ASP A 467 30.34 7.03 -16.77
C ASP A 467 29.33 7.94 -17.45
N SER A 468 28.05 7.75 -17.15
CA SER A 468 26.97 8.52 -17.75
C SER A 468 25.99 8.93 -16.66
N PHE A 469 25.61 10.22 -16.68
CA PHE A 469 24.76 10.83 -15.65
C PHE A 469 25.49 10.93 -14.30
N GLY A 470 26.81 10.82 -14.33
CA GLY A 470 27.63 11.11 -13.16
C GLY A 470 28.93 11.74 -13.61
N ALA A 471 29.22 12.93 -13.08
CA ALA A 471 30.33 13.71 -13.59
C ALA A 471 31.66 13.13 -13.09
N MET A 472 32.74 13.84 -13.38
CA MET A 472 34.07 13.42 -12.98
C MET A 472 34.43 13.99 -11.61
N TYR B 173 13.24 -5.93 38.43
CA TYR B 173 11.85 -6.06 38.88
C TYR B 173 11.05 -6.89 37.88
N ILE B 174 10.43 -6.25 36.89
CA ILE B 174 9.90 -6.99 35.74
C ILE B 174 11.01 -7.67 34.95
N VAL B 175 12.26 -7.21 35.13
CA VAL B 175 13.42 -7.90 34.59
C VAL B 175 13.47 -9.37 34.95
N GLN B 176 12.80 -9.79 36.04
CA GLN B 176 12.65 -11.20 36.34
C GLN B 176 11.99 -11.98 35.20
N ALA B 177 11.29 -11.30 34.30
CA ALA B 177 11.01 -11.85 32.99
C ALA B 177 12.24 -12.48 32.37
N VAL B 178 13.39 -11.84 32.52
CA VAL B 178 14.64 -12.44 32.09
C VAL B 178 15.15 -13.49 33.07
N ARG B 179 14.83 -13.36 34.36
CA ARG B 179 14.98 -14.50 35.25
C ARG B 179 14.05 -15.62 34.84
N GLY B 180 12.93 -15.28 34.23
CA GLY B 180 12.05 -16.27 33.63
C GLY B 180 12.56 -16.73 32.27
N THR B 181 13.38 -15.91 31.60
CA THR B 181 14.04 -16.33 30.38
C THR B 181 15.16 -17.36 30.62
N MET B 182 15.41 -17.73 31.87
CA MET B 182 16.45 -18.70 32.17
C MET B 182 16.00 -20.10 31.77
N ALA B 183 16.98 -20.94 31.42
CA ALA B 183 16.73 -22.36 31.23
C ALA B 183 17.96 -23.14 31.69
N THR B 184 17.79 -24.46 31.77
CA THR B 184 18.85 -25.37 32.20
C THR B 184 18.90 -26.59 31.30
N MET B 190 19.71 -35.52 27.22
CA MET B 190 19.63 -36.01 25.85
C MET B 190 21.03 -36.07 25.24
N SER B 191 21.10 -36.27 23.92
CA SER B 191 22.36 -36.45 23.20
C SER B 191 22.65 -35.22 22.36
N LEU B 192 23.76 -35.29 21.62
CA LEU B 192 24.21 -34.21 20.75
C LEU B 192 24.27 -34.60 19.28
N ASP B 193 24.88 -35.74 18.98
CA ASP B 193 25.35 -36.05 17.64
C ASP B 193 24.41 -36.99 16.90
N ASP B 194 23.10 -36.81 17.07
CA ASP B 194 22.12 -37.63 16.39
C ASP B 194 21.79 -37.15 14.99
N ILE B 195 22.67 -36.36 14.37
CA ILE B 195 22.41 -35.68 13.10
C ILE B 195 23.34 -36.26 12.05
N ILE B 196 22.86 -36.27 10.80
CA ILE B 196 23.66 -36.68 9.65
C ILE B 196 23.62 -35.51 8.67
N GLY B 197 24.75 -34.83 8.52
CA GLY B 197 24.88 -33.69 7.63
C GLY B 197 25.70 -32.59 8.25
N MET B 198 26.06 -31.62 7.43
CA MET B 198 26.64 -30.36 7.91
C MET B 198 27.95 -30.62 8.63
N HIS B 199 28.69 -31.64 8.17
CA HIS B 199 29.87 -32.09 8.89
C HIS B 199 30.88 -30.97 9.07
N ASP B 200 31.00 -30.10 8.07
CA ASP B 200 31.87 -28.94 8.19
C ASP B 200 31.37 -28.00 9.26
N VAL B 201 30.07 -27.83 9.37
CA VAL B 201 29.51 -26.98 10.40
C VAL B 201 29.72 -27.63 11.76
N LYS B 202 29.48 -28.94 11.82
CA LYS B 202 29.70 -29.69 13.04
C LYS B 202 31.13 -29.53 13.54
N GLN B 203 32.10 -29.55 12.62
CA GLN B 203 33.46 -29.18 12.99
C GLN B 203 33.49 -27.78 13.57
N VAL B 204 33.00 -26.81 12.79
CA VAL B 204 33.03 -25.39 13.17
C VAL B 204 32.46 -25.16 14.57
N LEU B 205 31.54 -26.00 14.99
CA LEU B 205 30.78 -25.80 16.22
C LEU B 205 31.19 -26.76 17.32
N HIS B 206 32.09 -27.69 17.04
CA HIS B 206 32.95 -28.21 18.08
C HIS B 206 34.12 -27.27 18.34
N GLU B 207 34.46 -26.45 17.35
CA GLU B 207 35.78 -25.84 17.24
C GLU B 207 35.80 -24.39 17.68
N ALA B 208 34.76 -23.62 17.39
CA ALA B 208 34.63 -22.28 17.91
C ALA B 208 34.03 -22.25 19.31
N VAL B 209 33.89 -23.42 19.93
CA VAL B 209 32.90 -23.61 20.98
C VAL B 209 33.53 -24.15 22.25
N THR B 210 34.20 -25.30 22.12
CA THR B 210 34.71 -26.04 23.27
C THR B 210 36.21 -25.83 23.44
N LEU B 211 36.95 -26.04 22.35
CA LEU B 211 38.38 -25.84 22.40
C LEU B 211 38.77 -24.43 22.82
N PRO B 212 37.98 -23.38 22.55
CA PRO B 212 38.17 -22.15 23.30
C PRO B 212 38.04 -22.35 24.80
N LEU B 213 37.07 -23.16 25.22
CA LEU B 213 36.90 -23.43 26.64
C LEU B 213 37.98 -24.36 27.18
N LEU B 214 38.89 -24.84 26.34
CA LEU B 214 39.95 -25.76 26.74
C LEU B 214 41.35 -25.26 26.42
N VAL B 215 41.52 -24.52 25.33
CA VAL B 215 42.81 -23.95 24.96
C VAL B 215 42.61 -22.52 24.49
N PRO B 216 42.35 -21.57 25.39
CA PRO B 216 42.36 -20.15 24.98
C PRO B 216 43.70 -19.69 24.43
N GLU B 217 44.79 -20.37 24.79
CA GLU B 217 46.11 -19.96 24.35
C GLU B 217 46.19 -19.93 22.83
N PHE B 218 45.63 -20.95 22.18
CA PHE B 218 45.33 -20.83 20.77
C PHE B 218 44.36 -19.67 20.61
N PHE B 219 43.15 -19.84 21.14
CA PHE B 219 42.03 -18.99 20.78
C PHE B 219 42.11 -17.59 21.37
N GLN B 220 42.76 -16.68 20.68
CA GLN B 220 42.81 -15.29 21.07
C GLN B 220 43.47 -14.49 19.95
N GLY B 221 42.99 -13.27 19.74
CA GLY B 221 43.43 -12.47 18.62
C GLY B 221 42.84 -12.94 17.31
N LEU B 222 43.70 -13.17 16.32
CA LEU B 222 43.25 -13.81 15.08
C LEU B 222 42.58 -15.14 15.38
N ARG B 223 43.20 -15.93 16.26
CA ARG B 223 42.70 -17.24 16.64
C ARG B 223 41.44 -17.18 17.48
N SER B 224 41.01 -16.00 17.91
CA SER B 224 39.91 -15.89 18.86
C SER B 224 38.66 -16.55 18.31
N PRO B 225 37.75 -17.02 19.16
CA PRO B 225 36.59 -17.76 18.65
C PRO B 225 35.68 -16.87 17.83
N TRP B 226 34.96 -17.48 16.91
CA TRP B 226 33.97 -16.76 16.14
C TRP B 226 32.95 -16.15 17.08
N LYS B 227 32.83 -14.82 17.02
CA LYS B 227 31.90 -14.14 17.93
C LYS B 227 30.47 -14.54 17.63
N ALA B 228 30.07 -14.47 16.36
CA ALA B 228 28.73 -14.87 15.94
C ALA B 228 28.70 -14.88 14.42
N MET B 229 27.58 -15.35 13.90
CA MET B 229 27.37 -15.55 12.47
C MET B 229 25.85 -15.55 12.27
N VAL B 230 25.39 -16.13 11.17
CA VAL B 230 23.96 -16.18 10.88
C VAL B 230 23.60 -17.57 10.36
N LEU B 231 22.29 -17.83 10.29
CA LEU B 231 21.76 -19.11 9.88
C LEU B 231 20.41 -18.91 9.21
N ALA B 232 20.06 -19.87 8.36
CA ALA B 232 18.68 -20.07 7.92
C ALA B 232 18.65 -21.35 7.10
N GLY B 233 17.45 -21.68 6.63
CA GLY B 233 17.23 -22.85 5.83
C GLY B 233 15.76 -23.16 5.75
N PRO B 234 15.38 -24.22 5.04
CA PRO B 234 13.98 -24.60 4.99
C PRO B 234 13.53 -25.06 6.37
N PRO B 235 12.44 -24.54 6.92
CA PRO B 235 12.07 -24.90 8.30
C PRO B 235 11.90 -26.41 8.49
N GLY B 236 11.85 -26.78 9.77
CA GLY B 236 11.95 -28.14 10.24
C GLY B 236 12.96 -29.03 9.55
N THR B 237 14.24 -28.69 9.66
CA THR B 237 15.33 -29.58 9.29
C THR B 237 16.28 -29.78 10.46
N GLY B 238 15.70 -29.99 11.64
CA GLY B 238 16.48 -30.19 12.85
C GLY B 238 17.25 -28.99 13.30
N LYS B 239 16.88 -27.80 12.82
CA LYS B 239 17.66 -26.60 13.08
C LYS B 239 17.21 -25.91 14.36
N THR B 240 15.91 -25.97 14.61
CA THR B 240 15.34 -25.55 15.88
C THR B 240 15.50 -26.62 16.94
N LEU B 241 15.73 -27.88 16.52
CA LEU B 241 15.88 -28.99 17.45
C LEU B 241 17.32 -29.20 17.84
N ILE B 242 18.25 -28.66 17.05
CA ILE B 242 19.67 -28.87 17.33
C ILE B 242 20.02 -28.28 18.70
N ALA B 243 19.53 -27.08 19.00
CA ALA B 243 19.97 -26.36 20.19
C ALA B 243 19.60 -27.09 21.46
N ARG B 244 18.52 -27.88 21.44
CA ARG B 244 18.25 -28.77 22.56
C ARG B 244 19.39 -29.76 22.72
N ALA B 245 19.90 -30.28 21.60
CA ALA B 245 21.07 -31.15 21.66
C ALA B 245 22.27 -30.40 22.20
N ILE B 246 22.45 -29.16 21.75
CA ILE B 246 23.62 -28.38 22.11
C ILE B 246 23.64 -28.12 23.61
N ALA B 247 22.60 -27.47 24.11
CA ALA B 247 22.55 -27.11 25.51
C ALA B 247 22.40 -28.35 26.41
N SER B 248 21.75 -29.40 25.91
CA SER B 248 21.74 -30.65 26.66
C SER B 248 23.14 -31.22 26.78
N GLU B 249 23.98 -30.99 25.78
CA GLU B 249 25.38 -31.39 25.81
C GLU B 249 26.27 -30.31 26.41
N SER B 250 25.95 -29.04 26.17
CA SER B 250 26.87 -27.98 26.51
C SER B 250 26.98 -27.81 28.01
N SER B 251 28.18 -27.99 28.54
CA SER B 251 28.41 -27.73 29.95
C SER B 251 28.30 -26.25 30.27
N SER B 252 28.50 -25.38 29.27
CA SER B 252 28.35 -23.96 29.48
C SER B 252 26.88 -23.61 29.66
N THR B 253 26.60 -22.33 29.82
CA THR B 253 25.33 -21.84 30.34
C THR B 253 24.46 -21.29 29.22
N PHE B 254 23.22 -21.75 29.15
CA PHE B 254 22.24 -21.23 28.21
C PHE B 254 21.11 -20.51 28.91
N PHE B 255 20.59 -19.48 28.24
CA PHE B 255 19.41 -18.76 28.64
C PHE B 255 18.49 -18.63 27.44
N THR B 256 17.19 -18.66 27.68
CA THR B 256 16.21 -18.77 26.61
C THR B 256 16.09 -17.46 25.85
N VAL B 257 15.46 -17.53 24.68
CA VAL B 257 15.32 -16.38 23.81
C VAL B 257 13.95 -16.41 23.13
N SER B 258 13.37 -15.23 22.94
CA SER B 258 12.32 -15.01 21.97
C SER B 258 12.45 -13.59 21.43
N SER B 259 11.44 -13.17 20.67
CA SER B 259 11.29 -11.79 20.26
C SER B 259 10.37 -11.03 21.20
N THR B 260 10.34 -11.41 22.47
CA THR B 260 9.32 -10.97 23.41
C THR B 260 9.80 -9.76 24.22
N ASP B 261 10.18 -8.71 23.51
CA ASP B 261 10.36 -7.39 24.11
C ASP B 261 9.08 -6.58 23.98
N LEU B 262 7.96 -7.18 24.38
CA LEU B 262 6.68 -6.48 24.36
C LEU B 262 6.61 -5.52 25.53
N SER B 263 7.01 -4.28 25.29
CA SER B 263 7.09 -3.29 26.35
C SER B 263 5.70 -2.75 26.66
N SER B 264 5.65 -1.68 27.44
CA SER B 264 4.41 -1.01 27.77
C SER B 264 4.67 0.48 27.67
N LYS B 265 3.65 1.23 27.27
CA LYS B 265 3.74 2.68 27.32
C LYS B 265 3.95 3.16 28.75
N TRP B 266 3.45 2.40 29.72
CA TRP B 266 3.83 2.62 31.11
C TRP B 266 5.35 2.55 31.26
N ARG B 267 5.96 1.51 30.68
CA ARG B 267 7.41 1.41 30.68
C ARG B 267 8.03 2.33 29.65
N GLY B 268 7.37 2.51 28.51
CA GLY B 268 7.95 3.16 27.35
C GLY B 268 9.31 2.63 26.93
N ASP B 269 9.66 1.39 27.30
CA ASP B 269 11.00 0.89 27.05
C ASP B 269 11.12 -0.59 27.38
N SER B 270 11.97 -1.30 26.65
CA SER B 270 12.34 -2.68 26.94
C SER B 270 13.83 -2.90 27.07
N GLU B 271 14.64 -2.28 26.23
CA GLU B 271 16.01 -2.76 26.03
C GLU B 271 16.95 -2.43 27.18
N LYS B 272 16.47 -1.82 28.27
CA LYS B 272 17.21 -1.87 29.52
C LYS B 272 17.41 -3.31 29.95
N ILE B 273 16.45 -4.17 29.58
CA ILE B 273 16.63 -5.62 29.62
C ILE B 273 18.00 -5.99 29.08
N VAL B 274 18.30 -5.54 27.86
CA VAL B 274 19.50 -5.98 27.16
C VAL B 274 20.74 -5.57 27.92
N ARG B 275 20.75 -4.32 28.40
CA ARG B 275 21.83 -3.84 29.25
C ARG B 275 22.00 -4.74 30.46
N LEU B 276 20.89 -5.21 31.03
CA LEU B 276 20.95 -6.17 32.12
C LEU B 276 21.20 -7.60 31.65
N LEU B 277 21.29 -7.82 30.34
CA LEU B 277 21.22 -9.13 29.73
C LEU B 277 22.58 -9.65 29.36
N PHE B 278 23.39 -8.83 28.70
CA PHE B 278 24.79 -9.17 28.57
C PHE B 278 25.47 -9.15 29.92
N GLU B 279 25.01 -8.25 30.79
CA GLU B 279 25.40 -8.32 32.19
C GLU B 279 24.96 -9.62 32.82
N LEU B 280 23.78 -10.12 32.41
CA LEU B 280 23.37 -11.45 32.84
C LEU B 280 24.34 -12.51 32.33
N ALA B 281 24.81 -12.34 31.09
CA ALA B 281 25.70 -13.31 30.50
C ALA B 281 27.00 -13.40 31.28
N ARG B 282 27.73 -12.30 31.38
CA ARG B 282 29.01 -12.33 32.08
C ARG B 282 28.83 -12.53 33.57
N PHE B 283 27.62 -12.24 34.09
CA PHE B 283 27.35 -12.43 35.51
C PHE B 283 27.55 -13.88 35.92
N TYR B 284 26.97 -14.80 35.16
CA TYR B 284 27.07 -16.21 35.51
C TYR B 284 28.34 -16.84 34.93
N ALA B 285 28.50 -16.77 33.61
CA ALA B 285 29.61 -17.45 32.95
C ALA B 285 29.62 -17.14 31.46
N PRO B 286 30.69 -17.49 30.73
CA PRO B 286 30.59 -17.46 29.27
C PRO B 286 29.54 -18.43 28.80
N SER B 287 28.51 -17.89 28.15
CA SER B 287 27.19 -18.50 28.13
C SER B 287 26.77 -18.83 26.72
N ILE B 288 25.53 -19.25 26.59
CA ILE B 288 24.98 -19.81 25.35
C ILE B 288 23.67 -19.06 25.10
N ILE B 289 23.44 -18.63 23.87
CA ILE B 289 22.23 -17.91 23.51
C ILE B 289 21.87 -18.28 22.08
N PHE B 290 20.57 -18.35 21.80
CA PHE B 290 20.14 -18.58 20.43
C PHE B 290 18.66 -18.30 20.24
N ILE B 291 18.31 -17.73 19.09
CA ILE B 291 16.94 -17.46 18.67
C ILE B 291 16.74 -18.05 17.28
N ASP B 292 15.49 -18.21 16.88
CA ASP B 292 15.11 -18.44 15.50
C ASP B 292 14.16 -17.33 15.05
N GLN B 293 14.19 -17.03 13.75
CA GLN B 293 13.37 -15.97 13.15
C GLN B 293 13.61 -14.63 13.82
N ILE B 294 14.89 -14.24 13.90
CA ILE B 294 15.25 -12.90 14.34
C ILE B 294 14.96 -11.84 13.28
N ASP B 295 14.45 -12.23 12.10
CA ASP B 295 14.00 -11.27 11.10
C ASP B 295 13.05 -10.22 11.67
N THR B 296 12.35 -10.55 12.76
CA THR B 296 11.84 -9.60 13.74
C THR B 296 12.61 -8.29 13.80
N HIS B 307 7.07 0.21 13.14
CA HIS B 307 7.17 1.35 14.04
C HIS B 307 8.63 1.61 14.41
N GLU B 308 8.84 2.53 15.34
CA GLU B 308 10.18 2.90 15.76
C GLU B 308 10.79 1.87 16.70
N ALA B 309 9.94 1.08 17.38
CA ALA B 309 10.40 0.22 18.47
C ALA B 309 11.46 -0.77 18.03
N SER B 310 11.40 -1.22 16.77
CA SER B 310 12.46 -2.06 16.25
C SER B 310 13.79 -1.33 16.30
N ARG B 311 13.81 -0.08 15.85
CA ARG B 311 15.02 0.72 15.95
C ARG B 311 15.38 0.99 17.41
N ARG B 312 14.39 1.08 18.29
CA ARG B 312 14.66 1.36 19.69
C ARG B 312 15.45 0.21 20.31
N VAL B 313 14.88 -0.98 20.29
CA VAL B 313 15.53 -2.12 20.92
C VAL B 313 16.73 -2.60 20.12
N LYS B 314 16.75 -2.34 18.82
CA LYS B 314 17.87 -2.78 17.99
C LYS B 314 19.08 -1.89 18.23
N SER B 315 18.90 -0.57 18.08
CA SER B 315 19.97 0.35 18.39
C SER B 315 20.41 0.23 19.84
N GLU B 316 19.45 0.00 20.74
CA GLU B 316 19.79 -0.28 22.13
C GLU B 316 20.60 -1.56 22.25
N PHE B 317 20.36 -2.51 21.35
CA PHE B 317 21.02 -3.81 21.45
C PHE B 317 22.45 -3.76 20.97
N LEU B 318 22.65 -3.29 19.73
CA LEU B 318 23.78 -3.69 18.93
C LEU B 318 25.12 -3.18 19.46
N VAL B 319 25.08 -2.29 20.46
CA VAL B 319 26.29 -2.00 21.22
C VAL B 319 26.46 -2.99 22.36
N GLN B 320 25.35 -3.35 23.01
CA GLN B 320 25.39 -4.37 24.05
C GLN B 320 25.84 -5.70 23.49
N MET B 321 25.60 -5.93 22.19
CA MET B 321 26.20 -7.03 21.45
C MET B 321 27.68 -7.18 21.76
N ASP B 322 28.41 -6.08 21.88
CA ASP B 322 29.81 -6.08 22.25
C ASP B 322 30.00 -5.29 23.53
N ARG B 331 37.04 -12.79 29.20
CA ARG B 331 35.64 -12.80 28.80
C ARG B 331 35.50 -12.94 27.29
N ARG B 332 34.83 -13.99 26.85
CA ARG B 332 34.59 -14.24 25.44
C ARG B 332 33.47 -15.27 25.32
N VAL B 333 32.45 -14.94 24.52
CA VAL B 333 31.21 -15.70 24.50
C VAL B 333 30.72 -15.76 23.06
N PHE B 334 29.89 -16.78 22.78
CA PHE B 334 29.29 -17.00 21.47
C PHE B 334 27.78 -16.91 21.56
N VAL B 335 27.17 -16.37 20.49
CA VAL B 335 25.73 -16.37 20.31
C VAL B 335 25.46 -16.52 18.82
N LEU B 336 24.25 -16.98 18.50
CA LEU B 336 23.83 -17.09 17.11
C LEU B 336 22.33 -16.88 17.03
N ALA B 337 21.81 -16.88 15.81
CA ALA B 337 20.38 -16.76 15.55
C ALA B 337 20.09 -17.48 14.25
N ALA B 338 18.83 -17.46 13.83
CA ALA B 338 18.44 -18.10 12.59
C ALA B 338 17.10 -17.56 12.14
N THR B 339 16.72 -17.93 10.92
CA THR B 339 15.40 -17.66 10.38
C THR B 339 15.14 -18.67 9.27
N ASN B 340 14.10 -18.41 8.48
CA ASN B 340 13.96 -18.98 7.14
C ASN B 340 13.47 -17.92 6.16
N ILE B 341 13.55 -16.65 6.52
CA ILE B 341 13.12 -15.53 5.68
C ILE B 341 14.29 -14.59 5.46
N PRO B 342 15.34 -15.04 4.76
CA PRO B 342 16.42 -14.12 4.40
C PRO B 342 16.02 -13.09 3.37
N TRP B 343 14.82 -13.19 2.81
CA TRP B 343 14.25 -12.08 2.07
C TRP B 343 14.20 -10.83 2.95
N GLU B 344 14.02 -11.02 4.26
CA GLU B 344 14.08 -9.94 5.25
C GLU B 344 15.46 -9.85 5.89
N LEU B 345 16.49 -10.38 5.23
CA LEU B 345 17.82 -10.35 5.81
C LEU B 345 18.33 -8.92 5.90
N ASP B 346 19.16 -8.67 6.92
CA ASP B 346 19.65 -7.33 7.17
C ASP B 346 20.88 -7.05 6.32
N GLU B 347 21.35 -5.80 6.35
CA GLU B 347 22.70 -5.48 5.94
C GLU B 347 23.62 -5.38 7.14
N ALA B 348 23.19 -4.66 8.18
CA ALA B 348 24.03 -4.43 9.35
C ALA B 348 24.32 -5.72 10.10
N LEU B 349 23.39 -6.67 10.07
CA LEU B 349 23.64 -7.96 10.69
C LEU B 349 24.20 -8.94 9.67
N ARG B 350 23.89 -8.73 8.38
CA ARG B 350 24.71 -9.34 7.35
C ARG B 350 26.14 -8.81 7.41
N ARG B 351 26.30 -7.60 7.94
CA ARG B 351 27.63 -7.01 8.10
C ARG B 351 28.34 -7.58 9.31
N ARG B 352 27.77 -7.41 10.51
CA ARG B 352 28.51 -7.73 11.73
C ARG B 352 28.77 -9.23 11.89
N PHE B 353 28.02 -10.06 11.15
CA PHE B 353 28.08 -11.49 11.39
C PHE B 353 29.09 -12.17 10.48
N GLU B 354 29.76 -13.18 11.04
CA GLU B 354 30.85 -13.84 10.33
C GLU B 354 30.36 -14.69 9.17
N LYS B 355 29.17 -15.29 9.31
CA LYS B 355 28.71 -16.28 8.36
C LYS B 355 27.19 -16.29 8.35
N ARG B 356 26.64 -16.89 7.29
CA ARG B 356 25.19 -16.96 7.10
C ARG B 356 24.91 -18.27 6.38
N ILE B 357 24.61 -19.32 7.15
CA ILE B 357 24.68 -20.68 6.64
C ILE B 357 23.31 -21.13 6.16
N PHE B 358 23.31 -21.80 5.01
CA PHE B 358 22.15 -22.46 4.45
C PHE B 358 22.42 -23.96 4.40
N ILE B 359 21.35 -24.73 4.48
CA ILE B 359 21.40 -26.15 4.14
C ILE B 359 20.34 -26.42 3.09
N PRO B 360 20.67 -27.07 1.97
CA PRO B 360 19.60 -27.61 1.12
C PRO B 360 18.99 -28.84 1.77
N LEU B 361 18.12 -29.53 1.05
CA LEU B 361 17.64 -30.80 1.53
C LEU B 361 18.79 -31.79 1.59
N PRO B 362 18.65 -32.87 2.35
CA PRO B 362 19.72 -33.86 2.45
C PRO B 362 19.91 -34.60 1.12
N ASP B 363 20.83 -35.55 1.13
CA ASP B 363 21.06 -36.44 -0.01
C ASP B 363 20.83 -37.89 0.39
N ILE B 364 20.67 -38.72 -0.64
CA ILE B 364 19.95 -39.99 -0.52
C ILE B 364 20.61 -40.93 0.47
N ASP B 365 21.92 -40.81 0.67
CA ASP B 365 22.63 -41.70 1.57
C ASP B 365 22.59 -41.20 3.01
N ALA B 366 22.83 -39.89 3.19
CA ALA B 366 22.46 -39.25 4.45
C ALA B 366 21.03 -39.56 4.78
N ARG B 367 20.14 -39.42 3.80
CA ARG B 367 18.74 -39.77 4.01
C ARG B 367 18.58 -41.23 4.38
N LYS B 368 19.45 -42.11 3.86
CA LYS B 368 19.33 -43.53 4.17
C LYS B 368 19.72 -43.80 5.61
N LYS B 369 20.89 -43.32 6.03
CA LYS B 369 21.27 -43.44 7.43
C LYS B 369 20.35 -42.64 8.35
N LEU B 370 19.53 -41.75 7.78
CA LEU B 370 18.51 -41.05 8.55
C LEU B 370 17.19 -41.80 8.59
N ILE B 371 16.95 -42.70 7.63
CA ILE B 371 15.98 -43.76 7.87
C ILE B 371 16.44 -44.56 9.07
N GLU B 372 17.65 -45.11 8.97
CA GLU B 372 18.20 -45.97 10.01
C GLU B 372 18.28 -45.26 11.34
N LYS B 373 18.44 -43.94 11.33
CA LYS B 373 18.31 -43.15 12.54
C LYS B 373 16.85 -43.04 12.94
N SER B 374 15.98 -42.90 11.97
CA SER B 374 14.55 -42.87 12.23
C SER B 374 13.99 -44.26 12.49
N MET B 375 14.72 -45.30 12.09
CA MET B 375 14.34 -46.67 12.34
C MET B 375 14.98 -47.22 13.61
N GLU B 376 15.20 -46.35 14.58
CA GLU B 376 15.79 -46.72 15.86
C GLU B 376 14.69 -47.03 16.87
N GLY B 377 14.99 -47.98 17.75
CA GLY B 377 13.98 -48.46 18.69
C GLY B 377 12.74 -48.96 17.99
N THR B 378 12.91 -49.60 16.84
CA THR B 378 11.85 -49.75 15.86
C THR B 378 11.68 -51.21 15.46
N PRO B 379 10.56 -51.85 15.75
CA PRO B 379 10.27 -53.15 15.11
C PRO B 379 10.18 -52.99 13.60
N LYS B 380 11.00 -53.74 12.88
CA LYS B 380 11.11 -53.58 11.44
C LYS B 380 11.57 -54.87 10.78
N SER B 381 11.15 -55.04 9.53
CA SER B 381 11.34 -56.28 8.78
C SER B 381 12.75 -56.34 8.19
N ASP B 382 12.95 -57.33 7.31
CA ASP B 382 14.24 -57.59 6.68
C ASP B 382 14.18 -57.52 5.17
N GLU B 383 13.03 -57.17 4.58
CA GLU B 383 12.90 -56.98 3.14
C GLU B 383 13.26 -55.58 2.71
N ILE B 384 14.06 -54.88 3.48
CA ILE B 384 14.14 -53.43 3.38
C ILE B 384 15.27 -53.04 2.44
N ASN B 385 15.04 -51.97 1.67
CA ASN B 385 16.01 -51.41 0.74
C ASN B 385 16.07 -49.91 1.00
N TYR B 386 16.92 -49.54 1.97
CA TYR B 386 16.93 -48.18 2.50
C TYR B 386 17.26 -47.13 1.45
N ASP B 387 17.97 -47.52 0.39
CA ASP B 387 18.26 -46.60 -0.69
C ASP B 387 17.13 -46.52 -1.70
N ASP B 388 16.39 -47.61 -1.88
CA ASP B 388 15.18 -47.55 -2.69
C ASP B 388 14.05 -46.90 -1.91
N LEU B 389 14.01 -47.14 -0.60
CA LEU B 389 13.20 -46.31 0.28
C LEU B 389 13.54 -44.84 0.08
N ALA B 390 14.82 -44.51 0.16
CA ALA B 390 15.26 -43.13 0.02
C ALA B 390 15.11 -42.61 -1.41
N ALA B 391 14.81 -43.48 -2.37
CA ALA B 391 14.66 -43.07 -3.76
C ALA B 391 13.56 -42.03 -3.91
N ARG B 392 12.46 -42.22 -3.19
CA ARG B 392 11.30 -41.35 -3.32
C ARG B 392 11.41 -40.09 -2.47
N THR B 393 12.61 -39.73 -2.02
CA THR B 393 12.81 -38.58 -1.17
C THR B 393 12.83 -37.27 -1.94
N GLU B 394 12.39 -37.27 -3.19
CA GLU B 394 12.14 -36.06 -3.94
C GLU B 394 11.32 -35.08 -3.11
N GLY B 395 11.93 -33.95 -2.79
CA GLY B 395 11.27 -32.93 -1.99
C GLY B 395 11.28 -33.18 -0.50
N PHE B 396 11.72 -34.34 -0.05
CA PHE B 396 11.59 -34.72 1.36
C PHE B 396 12.85 -34.38 2.14
N SER B 397 12.64 -33.76 3.30
CA SER B 397 13.68 -33.50 4.28
C SER B 397 13.54 -34.51 5.42
N GLY B 398 14.29 -34.28 6.50
CA GLY B 398 14.33 -35.26 7.59
C GLY B 398 12.99 -35.42 8.28
N ALA B 399 12.37 -34.32 8.68
CA ALA B 399 11.12 -34.38 9.43
C ALA B 399 10.03 -35.11 8.66
N ASP B 400 10.05 -35.02 7.33
CA ASP B 400 9.17 -35.83 6.51
C ASP B 400 9.39 -37.30 6.78
N VAL B 401 10.65 -37.70 6.93
CA VAL B 401 10.96 -39.10 7.23
C VAL B 401 10.53 -39.44 8.64
N VAL B 402 10.64 -38.49 9.57
CA VAL B 402 10.21 -38.72 10.94
C VAL B 402 8.73 -39.08 10.94
N SER B 403 7.91 -38.19 10.37
CA SER B 403 6.49 -38.45 10.26
C SER B 403 6.19 -39.63 9.37
N LEU B 404 7.14 -40.04 8.53
CA LEU B 404 6.95 -41.22 7.69
C LEU B 404 7.07 -42.49 8.50
N CYS B 405 8.08 -42.57 9.36
CA CYS B 405 8.16 -43.72 10.27
C CYS B 405 6.97 -43.74 11.21
N ARG B 406 6.54 -42.56 11.67
CA ARG B 406 5.30 -42.53 12.44
C ARG B 406 4.08 -42.86 11.57
N THR B 407 4.21 -42.73 10.26
CA THR B 407 3.09 -42.97 9.36
C THR B 407 2.92 -44.45 9.09
N ALA B 408 4.02 -45.18 8.95
CA ALA B 408 3.92 -46.63 8.92
C ALA B 408 3.60 -47.17 10.30
N ALA B 409 4.04 -46.48 11.34
CA ALA B 409 3.70 -46.86 12.71
C ALA B 409 2.19 -46.85 12.90
N ILE B 410 1.53 -45.75 12.55
CA ILE B 410 0.06 -45.73 12.57
C ILE B 410 -0.48 -46.74 11.58
N ASN B 411 0.20 -46.92 10.44
CA ASN B 411 -0.26 -47.87 9.44
C ASN B 411 -0.40 -49.26 10.01
N VAL B 412 0.40 -49.58 11.04
CA VAL B 412 0.34 -50.90 11.65
C VAL B 412 -1.05 -51.15 12.21
N LEU B 413 -1.56 -50.21 13.02
CA LEU B 413 -2.92 -50.33 13.51
C LEU B 413 -3.92 -50.23 12.37
N ARG B 414 -3.62 -49.40 11.37
CA ARG B 414 -4.55 -49.25 10.26
C ARG B 414 -4.69 -50.53 9.46
N ARG B 415 -3.76 -51.47 9.62
CA ARG B 415 -3.96 -52.81 9.07
C ARG B 415 -4.86 -53.64 9.98
N TYR B 416 -4.87 -53.35 11.27
CA TYR B 416 -5.89 -53.90 12.15
C TYR B 416 -7.18 -53.11 11.99
N ASP B 417 -8.24 -53.61 12.63
CA ASP B 417 -9.54 -52.94 12.66
C ASP B 417 -9.68 -52.25 14.00
N THR B 418 -9.69 -50.91 13.99
CA THR B 418 -9.68 -50.15 15.22
C THR B 418 -11.07 -50.01 15.83
N LYS B 419 -11.99 -49.35 15.10
CA LYS B 419 -13.30 -49.06 15.65
C LYS B 419 -14.15 -50.31 15.83
N SER B 420 -13.70 -51.46 15.35
CA SER B 420 -14.20 -52.73 15.83
C SER B 420 -13.58 -52.97 17.19
N LEU B 421 -14.15 -52.34 18.23
CA LEU B 421 -13.52 -52.31 19.53
C LEU B 421 -13.41 -53.70 20.14
N ARG B 422 -12.48 -53.82 21.09
CA ARG B 422 -12.43 -54.92 22.03
C ARG B 422 -13.20 -54.61 23.29
N GLY B 423 -14.25 -53.80 23.18
CA GLY B 423 -14.79 -53.12 24.34
C GLY B 423 -13.82 -52.12 24.91
N GLY B 424 -12.95 -51.56 24.07
CA GLY B 424 -11.85 -50.76 24.53
C GLY B 424 -10.75 -51.53 25.23
N GLU B 425 -10.82 -52.86 25.24
CA GLU B 425 -9.82 -53.66 25.93
C GLU B 425 -8.48 -53.57 25.23
N LEU B 426 -7.41 -53.72 26.00
CA LEU B 426 -6.10 -53.86 25.41
C LEU B 426 -6.04 -55.24 24.77
N THR B 427 -6.37 -55.30 23.49
CA THR B 427 -6.30 -56.55 22.77
C THR B 427 -4.86 -57.03 22.72
N ALA B 428 -4.66 -58.32 22.93
CA ALA B 428 -3.29 -58.84 22.95
C ALA B 428 -2.59 -58.65 21.61
N ALA B 429 -3.35 -58.45 20.52
CA ALA B 429 -2.78 -57.96 19.28
C ALA B 429 -2.13 -56.61 19.44
N MET B 430 -2.53 -55.82 20.44
CA MET B 430 -1.91 -54.53 20.68
C MET B 430 -0.53 -54.70 21.33
N GLU B 431 -0.31 -55.79 22.04
CA GLU B 431 1.04 -56.19 22.39
C GLU B 431 1.74 -56.82 21.19
N SER B 432 0.98 -57.46 20.31
CA SER B 432 1.55 -57.98 19.07
C SER B 432 2.03 -56.87 18.17
N LEU B 433 1.52 -55.65 18.36
CA LEU B 433 2.12 -54.49 17.72
C LEU B 433 3.56 -54.34 18.17
N LYS B 434 3.80 -54.47 19.48
CA LYS B 434 5.16 -54.56 19.99
C LYS B 434 5.90 -55.73 19.35
N ALA B 435 5.18 -56.84 19.10
CA ALA B 435 5.75 -57.95 18.36
C ALA B 435 5.80 -57.66 16.86
N GLU B 436 4.85 -56.88 16.35
CA GLU B 436 4.74 -56.68 14.91
C GLU B 436 5.91 -55.87 14.39
N LEU B 437 6.29 -56.15 13.15
CA LEU B 437 7.34 -55.42 12.45
C LEU B 437 6.72 -54.60 11.33
N VAL B 438 7.39 -53.54 10.99
CA VAL B 438 6.96 -52.64 9.92
C VAL B 438 7.71 -53.03 8.65
N ARG B 439 7.09 -52.76 7.49
CA ARG B 439 7.50 -53.34 6.23
C ARG B 439 7.50 -52.28 5.14
N ASN B 440 8.18 -52.60 4.04
CA ASN B 440 8.22 -51.69 2.90
C ASN B 440 6.81 -51.37 2.40
N ILE B 441 5.96 -52.40 2.35
CA ILE B 441 4.56 -52.20 2.00
C ILE B 441 3.89 -51.22 2.94
N ASP B 442 4.28 -51.25 4.21
CA ASP B 442 3.65 -50.38 5.19
C ASP B 442 3.99 -48.92 4.94
N PHE B 443 5.15 -48.66 4.36
CA PHE B 443 5.52 -47.31 3.97
C PHE B 443 4.97 -46.94 2.61
N GLU B 444 4.75 -47.93 1.74
CA GLU B 444 4.26 -47.70 0.38
C GLU B 444 3.06 -46.78 0.38
N ALA B 445 2.09 -47.07 1.24
CA ALA B 445 0.87 -46.28 1.29
C ALA B 445 1.16 -44.85 1.70
N ALA B 446 2.06 -44.66 2.66
CA ALA B 446 2.45 -43.31 3.06
C ALA B 446 3.11 -42.57 1.91
N LEU B 447 3.99 -43.26 1.20
CA LEU B 447 4.76 -42.63 0.14
C LEU B 447 3.85 -42.16 -0.98
N GLN B 448 2.97 -43.03 -1.45
CA GLN B 448 2.00 -42.62 -2.45
C GLN B 448 1.05 -41.57 -1.91
N ALA B 449 0.74 -41.63 -0.62
CA ALA B 449 -0.32 -40.81 -0.05
C ALA B 449 0.12 -39.39 0.30
N VAL B 450 1.41 -39.10 0.30
CA VAL B 450 1.96 -37.92 0.97
C VAL B 450 2.80 -37.11 -0.01
N SER B 451 2.61 -35.79 0.04
CA SER B 451 3.47 -34.80 -0.59
C SER B 451 4.51 -34.30 0.41
N PRO B 452 5.56 -33.60 -0.05
CA PRO B 452 6.46 -32.96 0.92
C PRO B 452 5.80 -31.85 1.70
N SER B 453 4.68 -31.31 1.20
CA SER B 453 4.00 -30.19 1.85
C SER B 453 4.93 -28.99 1.97
N ALA B 454 5.41 -28.51 0.83
CA ALA B 454 6.42 -27.47 0.81
C ALA B 454 6.63 -27.01 -0.62
N GLY B 455 7.34 -25.89 -0.75
CA GLY B 455 7.75 -25.37 -2.05
C GLY B 455 9.26 -25.25 -2.11
N PRO B 456 9.82 -25.72 -3.23
CA PRO B 456 11.27 -25.85 -3.34
C PRO B 456 11.94 -24.52 -3.69
N ASP B 457 11.38 -23.78 -4.63
CA ASP B 457 12.10 -22.67 -5.24
C ASP B 457 12.36 -21.51 -4.29
N THR B 458 11.75 -21.50 -3.10
CA THR B 458 12.12 -20.52 -2.09
C THR B 458 13.39 -20.94 -1.37
N MET B 459 13.47 -22.21 -1.01
CA MET B 459 14.73 -22.78 -0.55
C MET B 459 15.81 -22.58 -1.60
N LEU B 460 15.43 -22.68 -2.88
CA LEU B 460 16.35 -22.34 -3.95
C LEU B 460 16.70 -20.86 -3.94
N LYS B 461 15.72 -20.01 -3.60
CA LYS B 461 15.95 -18.57 -3.58
C LYS B 461 17.03 -18.20 -2.58
N CYS B 462 16.83 -18.60 -1.32
CA CYS B 462 17.85 -18.33 -0.33
C CYS B 462 19.12 -19.14 -0.58
N LYS B 463 18.99 -20.30 -1.25
CA LYS B 463 20.17 -21.02 -1.71
C LYS B 463 20.96 -20.22 -2.72
N GLU B 464 20.32 -19.26 -3.40
CA GLU B 464 21.04 -18.31 -4.22
C GLU B 464 21.58 -17.16 -3.37
N TRP B 465 20.78 -16.70 -2.41
CA TRP B 465 21.23 -15.61 -1.57
C TRP B 465 22.34 -16.05 -0.62
N CYS B 466 22.32 -17.31 -0.21
CA CYS B 466 23.39 -17.80 0.67
C CYS B 466 24.74 -17.71 -0.02
N ASP B 467 24.75 -17.80 -1.34
CA ASP B 467 25.98 -17.60 -2.09
C ASP B 467 26.25 -16.11 -2.29
N SER B 468 25.20 -15.34 -2.58
CA SER B 468 25.31 -13.95 -2.98
C SER B 468 24.67 -13.07 -1.93
N PHE B 469 25.51 -12.32 -1.20
CA PHE B 469 25.13 -11.46 -0.09
C PHE B 469 24.69 -12.25 1.15
N GLY B 470 24.82 -13.58 1.10
CA GLY B 470 24.76 -14.41 2.28
C GLY B 470 26.15 -14.85 2.65
N ALA B 471 26.61 -14.50 3.85
CA ALA B 471 27.95 -14.87 4.27
C ALA B 471 28.06 -16.39 4.37
N MET B 472 29.27 -16.87 4.64
CA MET B 472 29.54 -18.30 4.60
C MET B 472 28.92 -19.04 5.77
N TYR C 173 -7.02 -8.34 34.33
CA TYR C 173 -6.08 -8.05 33.26
C TYR C 173 -6.55 -8.64 31.95
N ILE C 174 -5.81 -8.37 30.88
CA ILE C 174 -5.99 -9.13 29.66
C ILE C 174 -5.74 -10.61 29.90
N VAL C 175 -4.86 -10.94 30.84
CA VAL C 175 -4.77 -12.31 31.35
C VAL C 175 -6.14 -12.81 31.77
N GLN C 176 -6.91 -11.98 32.48
CA GLN C 176 -8.26 -12.36 32.84
C GLN C 176 -9.14 -12.49 31.60
N ALA C 177 -8.83 -11.73 30.55
CA ALA C 177 -9.54 -11.91 29.29
C ALA C 177 -9.27 -13.30 28.72
N VAL C 178 -8.09 -13.86 29.02
CA VAL C 178 -7.82 -15.23 28.65
C VAL C 178 -8.77 -16.19 29.34
N ARG C 179 -9.31 -15.80 30.51
CA ARG C 179 -10.37 -16.58 31.13
C ARG C 179 -11.63 -16.62 30.27
N GLY C 180 -11.76 -15.68 29.33
CA GLY C 180 -12.81 -15.77 28.33
C GLY C 180 -12.47 -16.77 27.24
N THR C 181 -11.24 -17.29 27.22
CA THR C 181 -10.81 -18.28 26.25
C THR C 181 -11.02 -19.70 26.73
N MET C 182 -12.08 -19.91 27.51
CA MET C 182 -12.24 -21.07 28.37
C MET C 182 -13.54 -21.78 28.01
N ALA C 183 -13.45 -23.11 27.85
CA ALA C 183 -14.56 -23.96 27.45
C ALA C 183 -14.88 -24.95 28.55
N THR C 184 -15.81 -25.84 28.25
CA THR C 184 -16.22 -26.89 29.18
C THR C 184 -16.72 -28.12 28.42
N MET C 190 -24.84 -34.83 21.40
CA MET C 190 -24.04 -34.75 20.18
C MET C 190 -22.84 -35.68 20.26
N SER C 191 -22.45 -36.24 19.12
CA SER C 191 -21.40 -37.25 19.08
C SER C 191 -20.92 -37.41 17.64
N LEU C 192 -20.09 -38.42 17.41
CA LEU C 192 -19.44 -38.60 16.11
C LEU C 192 -20.39 -39.21 15.08
N ASP C 193 -21.11 -40.26 15.44
CA ASP C 193 -21.94 -40.95 14.46
C ASP C 193 -23.14 -40.11 14.02
N ASP C 194 -23.35 -38.95 14.64
CA ASP C 194 -24.16 -37.91 14.01
C ASP C 194 -23.64 -37.58 12.62
N ILE C 195 -22.33 -37.69 12.41
CA ILE C 195 -21.69 -37.37 11.15
C ILE C 195 -21.52 -38.66 10.37
N ILE C 196 -21.37 -38.50 9.05
CA ILE C 196 -21.21 -39.61 8.11
C ILE C 196 -19.88 -39.44 7.38
N GLY C 197 -19.29 -40.56 6.98
CA GLY C 197 -18.21 -40.54 6.02
C GLY C 197 -16.85 -40.33 6.65
N MET C 198 -15.84 -40.32 5.78
CA MET C 198 -14.46 -40.14 6.19
C MET C 198 -14.04 -41.19 7.21
N HIS C 199 -14.30 -42.46 6.87
CA HIS C 199 -13.80 -43.55 7.68
C HIS C 199 -12.31 -43.41 7.95
N ASP C 200 -11.56 -42.92 6.96
CA ASP C 200 -10.13 -42.69 7.12
C ASP C 200 -9.87 -41.67 8.22
N VAL C 201 -10.52 -40.51 8.13
CA VAL C 201 -10.27 -39.45 9.10
C VAL C 201 -10.70 -39.91 10.47
N LYS C 202 -11.98 -40.24 10.62
CA LYS C 202 -12.56 -40.65 11.88
C LYS C 202 -11.76 -41.77 12.52
N GLN C 203 -11.21 -42.67 11.70
CA GLN C 203 -10.27 -43.65 12.21
C GLN C 203 -9.05 -42.95 12.81
N VAL C 204 -8.42 -42.07 12.04
CA VAL C 204 -7.19 -41.44 12.49
C VAL C 204 -7.43 -40.62 13.76
N LEU C 205 -8.66 -40.17 13.98
CA LEU C 205 -8.97 -39.29 15.09
C LEU C 205 -9.35 -40.09 16.32
N HIS C 206 -10.29 -41.02 16.16
CA HIS C 206 -10.56 -42.07 17.12
C HIS C 206 -9.26 -42.62 17.70
N GLU C 207 -8.38 -43.05 16.80
CA GLU C 207 -7.09 -43.60 17.16
C GLU C 207 -6.25 -42.57 17.89
N ALA C 208 -5.88 -41.52 17.15
CA ALA C 208 -4.82 -40.61 17.58
C ALA C 208 -5.19 -39.87 18.84
N VAL C 209 -6.48 -39.71 19.11
CA VAL C 209 -6.93 -39.05 20.32
C VAL C 209 -7.07 -40.09 21.42
N THR C 210 -7.95 -41.05 21.20
CA THR C 210 -8.43 -41.82 22.33
C THR C 210 -7.47 -42.93 22.73
N LEU C 211 -6.91 -43.62 21.76
CA LEU C 211 -6.16 -44.82 22.09
C LEU C 211 -4.86 -44.53 22.83
N PRO C 212 -4.16 -43.44 22.53
CA PRO C 212 -3.11 -43.00 23.47
C PRO C 212 -3.65 -42.74 24.86
N LEU C 213 -4.82 -42.11 24.95
CA LEU C 213 -5.42 -41.85 26.24
C LEU C 213 -5.85 -43.13 26.94
N LEU C 214 -6.00 -44.21 26.19
CA LEU C 214 -6.29 -45.52 26.75
C LEU C 214 -5.07 -46.42 26.84
N VAL C 215 -4.06 -46.17 26.01
CA VAL C 215 -2.83 -46.95 26.01
C VAL C 215 -1.64 -45.99 26.02
N PRO C 216 -1.21 -45.51 27.19
CA PRO C 216 0.04 -44.73 27.25
C PRO C 216 1.27 -45.55 26.93
N GLU C 217 1.18 -46.88 26.92
CA GLU C 217 2.36 -47.74 26.87
C GLU C 217 2.83 -47.97 25.44
N PHE C 218 1.95 -48.46 24.58
CA PHE C 218 2.25 -48.48 23.16
C PHE C 218 2.48 -47.06 22.65
N PHE C 219 1.50 -46.19 22.85
CA PHE C 219 1.54 -44.84 22.30
C PHE C 219 2.48 -43.99 23.14
N GLN C 220 3.73 -43.89 22.69
CA GLN C 220 4.76 -43.11 23.36
C GLN C 220 6.03 -43.18 22.51
N GLY C 221 7.03 -42.41 22.92
CA GLY C 221 8.31 -42.38 22.25
C GLY C 221 8.18 -42.05 20.79
N LEU C 222 8.50 -43.02 19.92
CA LEU C 222 8.26 -42.84 18.50
C LEU C 222 6.79 -43.05 18.17
N ARG C 223 6.09 -43.85 18.97
CA ARG C 223 4.63 -43.95 18.86
C ARG C 223 3.97 -42.81 19.60
N SER C 224 4.37 -41.57 19.29
CA SER C 224 3.81 -40.43 19.99
C SER C 224 2.54 -39.95 19.28
N PRO C 225 1.51 -39.46 19.98
CA PRO C 225 0.31 -39.01 19.27
C PRO C 225 0.53 -37.68 18.60
N TRP C 226 -0.09 -37.54 17.42
CA TRP C 226 -0.01 -36.30 16.65
C TRP C 226 -0.87 -35.25 17.34
N LYS C 227 -0.22 -34.28 17.98
CA LYS C 227 -0.93 -33.27 18.75
C LYS C 227 -1.58 -32.20 17.88
N ALA C 228 -1.41 -32.23 16.56
CA ALA C 228 -2.07 -31.35 15.61
C ALA C 228 -1.65 -31.76 14.21
N MET C 229 -2.45 -31.39 13.22
CA MET C 229 -2.10 -31.59 11.81
C MET C 229 -3.05 -30.75 10.96
N VAL C 230 -3.01 -30.96 9.64
CA VAL C 230 -3.46 -29.98 8.67
C VAL C 230 -4.72 -30.43 7.98
N LEU C 231 -5.60 -29.45 7.73
CA LEU C 231 -7.00 -29.72 7.45
C LEU C 231 -7.48 -28.82 6.32
N ALA C 232 -8.45 -29.32 5.56
CA ALA C 232 -8.98 -28.55 4.45
C ALA C 232 -10.37 -29.07 4.10
N GLY C 233 -11.02 -28.32 3.22
CA GLY C 233 -12.34 -28.65 2.75
C GLY C 233 -13.06 -27.40 2.30
N PRO C 234 -14.08 -27.53 1.45
CA PRO C 234 -14.98 -26.41 1.24
C PRO C 234 -15.69 -26.07 2.54
N PRO C 235 -15.62 -24.82 3.03
CA PRO C 235 -16.18 -24.55 4.37
C PRO C 235 -17.68 -24.78 4.45
N GLY C 236 -18.23 -24.50 5.62
CA GLY C 236 -19.56 -24.93 5.99
C GLY C 236 -19.93 -26.33 5.54
N THR C 237 -19.01 -27.28 5.68
CA THR C 237 -19.27 -28.66 5.31
C THR C 237 -18.92 -29.58 6.46
N GLY C 238 -19.43 -29.21 7.63
CA GLY C 238 -19.35 -30.05 8.81
C GLY C 238 -18.04 -29.96 9.54
N LYS C 239 -17.35 -28.82 9.43
CA LYS C 239 -16.06 -28.62 10.06
C LYS C 239 -16.21 -28.01 11.44
N THR C 240 -16.88 -26.87 11.52
CA THR C 240 -17.28 -26.35 12.81
C THR C 240 -18.31 -27.27 13.47
N LEU C 241 -19.03 -28.04 12.66
CA LEU C 241 -20.07 -28.90 13.20
C LEU C 241 -19.46 -30.09 13.92
N ILE C 242 -18.47 -30.71 13.30
CA ILE C 242 -17.70 -31.73 14.00
C ILE C 242 -16.90 -31.09 15.12
N ALA C 243 -16.48 -29.83 14.94
CA ALA C 243 -15.78 -29.15 16.01
C ALA C 243 -16.64 -29.04 17.25
N ARG C 244 -17.96 -28.91 17.07
CA ARG C 244 -18.87 -28.93 18.21
C ARG C 244 -19.15 -30.35 18.67
N ALA C 245 -19.38 -31.26 17.73
CA ALA C 245 -19.81 -32.62 18.07
C ALA C 245 -18.74 -33.35 18.85
N ILE C 246 -17.47 -33.06 18.55
CA ILE C 246 -16.39 -33.70 19.30
C ILE C 246 -16.25 -33.04 20.65
N ALA C 247 -16.51 -31.75 20.74
CA ALA C 247 -16.58 -31.10 22.03
C ALA C 247 -17.64 -31.76 22.91
N SER C 248 -18.75 -32.20 22.32
CA SER C 248 -19.68 -33.03 23.05
C SER C 248 -19.07 -34.38 23.37
N GLU C 249 -18.29 -34.93 22.42
CA GLU C 249 -17.56 -36.16 22.67
C GLU C 249 -16.40 -35.93 23.63
N SER C 250 -15.81 -34.75 23.61
CA SER C 250 -14.48 -34.54 24.17
C SER C 250 -14.50 -34.76 25.67
N SER C 251 -13.97 -35.91 26.09
CA SER C 251 -13.76 -36.20 27.50
C SER C 251 -12.35 -35.82 27.93
N SER C 252 -11.97 -34.61 27.56
CA SER C 252 -10.73 -33.99 28.02
C SER C 252 -10.98 -32.48 28.02
N THR C 253 -9.90 -31.71 28.09
CA THR C 253 -10.00 -30.29 28.44
C THR C 253 -9.74 -29.44 27.20
N PHE C 254 -10.78 -29.22 26.42
CA PHE C 254 -10.77 -28.16 25.43
C PHE C 254 -11.01 -26.81 26.10
N PHE C 255 -10.49 -25.76 25.49
CA PHE C 255 -10.77 -24.41 25.90
C PHE C 255 -10.96 -23.55 24.66
N THR C 256 -11.80 -22.53 24.76
CA THR C 256 -12.30 -21.89 23.56
C THR C 256 -11.18 -21.11 22.87
N VAL C 257 -11.41 -20.84 21.59
CA VAL C 257 -10.34 -20.57 20.64
C VAL C 257 -10.70 -19.37 19.75
N SER C 258 -10.01 -18.26 19.96
CA SER C 258 -10.21 -17.04 19.20
C SER C 258 -9.05 -16.81 18.24
N SER C 259 -9.38 -16.25 17.08
CA SER C 259 -8.41 -15.59 16.23
C SER C 259 -8.35 -14.09 16.51
N THR C 260 -8.82 -13.66 17.68
CA THR C 260 -9.07 -12.26 17.98
C THR C 260 -8.31 -11.92 19.26
N ASP C 261 -7.06 -11.56 19.09
CA ASP C 261 -6.25 -10.95 20.13
C ASP C 261 -5.91 -9.56 19.63
N LEU C 262 -6.42 -8.54 20.32
CA LEU C 262 -6.43 -7.19 19.78
C LEU C 262 -5.03 -6.68 19.47
N SER C 263 -4.97 -5.71 18.57
CA SER C 263 -3.71 -5.09 18.15
C SER C 263 -3.43 -3.88 19.03
N SER C 264 -3.44 -4.12 20.34
CA SER C 264 -3.25 -3.06 21.30
C SER C 264 -1.82 -2.54 21.24
N LYS C 265 -1.67 -1.26 20.91
CA LYS C 265 -0.40 -0.56 21.06
C LYS C 265 -0.30 0.04 22.46
N TRP C 266 -0.57 -0.79 23.45
CA TRP C 266 -0.62 -0.45 24.87
C TRP C 266 0.23 -1.37 25.72
N ARG C 267 0.29 -2.67 25.36
CA ARG C 267 1.02 -3.67 26.12
C ARG C 267 2.11 -4.37 25.31
N GLY C 268 2.25 -4.07 24.02
CA GLY C 268 3.33 -4.59 23.22
C GLY C 268 3.03 -5.87 22.48
N ASP C 269 2.32 -6.81 23.10
CA ASP C 269 2.03 -8.08 22.42
C ASP C 269 0.87 -8.77 23.12
N SER C 270 -0.22 -8.99 22.38
CA SER C 270 -1.21 -9.98 22.79
C SER C 270 -0.62 -11.38 22.81
N GLU C 271 0.46 -11.60 22.05
CA GLU C 271 1.13 -12.89 22.04
C GLU C 271 1.71 -13.25 23.40
N LYS C 272 1.82 -12.29 24.32
CA LYS C 272 2.17 -12.61 25.70
C LYS C 272 1.20 -13.64 26.27
N ILE C 273 -0.10 -13.43 26.06
CA ILE C 273 -1.09 -14.39 26.51
C ILE C 273 -1.03 -15.66 25.65
N VAL C 274 -0.47 -15.58 24.45
CA VAL C 274 -0.17 -16.78 23.70
C VAL C 274 1.04 -17.51 24.28
N ARG C 275 1.83 -16.84 25.12
CA ARG C 275 2.90 -17.50 25.85
C ARG C 275 2.37 -18.14 27.12
N LEU C 276 1.56 -17.40 27.89
CA LEU C 276 0.89 -17.98 29.05
C LEU C 276 -0.16 -19.02 28.65
N LEU C 277 -0.50 -19.09 27.37
CA LEU C 277 -1.39 -20.09 26.80
C LEU C 277 -1.11 -21.49 27.29
N PHE C 278 0.09 -21.99 27.01
CA PHE C 278 0.42 -23.36 27.34
C PHE C 278 0.64 -23.56 28.82
N GLU C 279 0.99 -22.49 29.54
CA GLU C 279 0.93 -22.55 30.99
C GLU C 279 -0.49 -22.87 31.43
N LEU C 280 -1.47 -22.24 30.80
CA LEU C 280 -2.87 -22.58 31.07
C LEU C 280 -3.15 -24.01 30.67
N ALA C 281 -2.56 -24.46 29.56
CA ALA C 281 -2.78 -25.82 29.09
C ALA C 281 -2.33 -26.84 30.12
N ARG C 282 -1.04 -26.86 30.42
CA ARG C 282 -0.50 -27.90 31.29
C ARG C 282 -0.97 -27.71 32.72
N PHE C 283 -1.09 -26.45 33.17
CA PHE C 283 -1.65 -26.20 34.50
C PHE C 283 -3.07 -26.73 34.59
N TYR C 284 -3.81 -26.64 33.49
CA TYR C 284 -5.15 -27.21 33.47
C TYR C 284 -5.10 -28.72 33.29
N ALA C 285 -4.65 -29.18 32.13
CA ALA C 285 -4.77 -30.60 31.80
C ALA C 285 -4.16 -30.92 30.44
N PRO C 286 -4.01 -32.20 30.10
CA PRO C 286 -3.81 -32.55 28.68
C PRO C 286 -5.02 -32.08 27.88
N SER C 287 -4.79 -31.11 27.00
CA SER C 287 -5.83 -30.21 26.54
C SER C 287 -5.98 -30.23 25.03
N ILE C 288 -6.99 -29.52 24.54
CA ILE C 288 -7.49 -29.65 23.18
C ILE C 288 -7.69 -28.25 22.63
N ILE C 289 -7.30 -28.03 21.38
CA ILE C 289 -7.49 -26.74 20.72
C ILE C 289 -7.80 -26.96 19.24
N PHE C 290 -8.65 -26.10 18.70
CA PHE C 290 -8.91 -26.04 17.26
C PHE C 290 -9.49 -24.68 16.88
N ILE C 291 -9.09 -24.19 15.70
CA ILE C 291 -9.66 -23.01 15.09
C ILE C 291 -9.86 -23.31 13.61
N ASP C 292 -10.45 -22.37 12.89
CA ASP C 292 -10.63 -22.50 11.44
C ASP C 292 -10.28 -21.20 10.74
N GLN C 293 -9.84 -21.34 9.48
CA GLN C 293 -9.56 -20.21 8.59
C GLN C 293 -8.55 -19.25 9.23
N ILE C 294 -7.51 -19.82 9.82
CA ILE C 294 -6.46 -19.06 10.47
C ILE C 294 -5.24 -19.01 9.56
N ASP C 295 -5.47 -18.99 8.25
CA ASP C 295 -4.51 -18.52 7.27
C ASP C 295 -3.72 -17.32 7.79
N THR C 296 -4.43 -16.39 8.43
CA THR C 296 -3.91 -15.51 9.47
C THR C 296 -2.54 -15.89 10.03
N HIS C 307 1.83 -6.95 7.06
CA HIS C 307 1.87 -6.17 8.29
C HIS C 307 2.91 -6.72 9.25
N GLU C 308 3.25 -5.93 10.26
CA GLU C 308 4.27 -6.33 11.22
C GLU C 308 3.70 -7.21 12.31
N ALA C 309 2.78 -6.65 13.11
CA ALA C 309 2.31 -7.31 14.33
C ALA C 309 1.72 -8.67 14.03
N SER C 310 1.12 -8.82 12.84
CA SER C 310 0.62 -10.11 12.39
C SER C 310 1.70 -11.19 12.49
N ARG C 311 2.81 -11.00 11.78
CA ARG C 311 3.85 -12.02 11.81
C ARG C 311 4.61 -12.02 13.12
N ARG C 312 4.61 -10.89 13.83
CA ARG C 312 5.17 -10.85 15.17
C ARG C 312 4.51 -11.90 16.05
N VAL C 313 3.20 -11.74 16.26
CA VAL C 313 2.48 -12.67 17.13
C VAL C 313 2.37 -14.05 16.49
N LYS C 314 2.37 -14.13 15.16
CA LYS C 314 2.31 -15.42 14.50
C LYS C 314 3.54 -16.25 14.86
N SER C 315 4.72 -15.72 14.52
CA SER C 315 5.97 -16.38 14.87
C SER C 315 6.07 -16.59 16.37
N GLU C 316 5.53 -15.65 17.16
CA GLU C 316 5.48 -15.82 18.60
C GLU C 316 4.80 -17.12 18.97
N PHE C 317 3.67 -17.42 18.31
CA PHE C 317 3.07 -18.73 18.55
C PHE C 317 3.93 -19.85 17.98
N LEU C 318 4.57 -19.60 16.83
CA LEU C 318 5.37 -20.67 16.23
C LEU C 318 6.47 -21.14 17.19
N VAL C 319 6.96 -20.24 18.03
CA VAL C 319 7.79 -20.65 19.15
C VAL C 319 6.96 -21.26 20.27
N GLN C 320 5.80 -20.66 20.57
CA GLN C 320 5.01 -21.09 21.72
C GLN C 320 4.59 -22.54 21.63
N MET C 321 4.33 -23.04 20.42
CA MET C 321 3.95 -24.43 20.24
C MET C 321 5.06 -25.35 20.69
N ASP C 322 6.27 -25.12 20.20
CA ASP C 322 7.44 -25.92 20.56
C ASP C 322 8.35 -25.12 21.48
N ARG C 331 4.80 -34.98 28.91
CA ARG C 331 3.38 -34.64 28.98
C ARG C 331 2.70 -34.88 27.64
N ARG C 332 1.38 -34.66 27.60
CA ARG C 332 0.58 -34.86 26.41
C ARG C 332 -0.43 -33.72 26.31
N VAL C 333 -0.53 -33.11 25.13
CA VAL C 333 -1.51 -32.06 24.86
C VAL C 333 -1.88 -32.16 23.39
N PHE C 334 -3.11 -31.78 23.06
CA PHE C 334 -3.59 -31.74 21.69
C PHE C 334 -3.98 -30.33 21.29
N VAL C 335 -3.78 -30.04 20.00
CA VAL C 335 -4.14 -28.77 19.38
C VAL C 335 -4.56 -29.09 17.95
N LEU C 336 -5.26 -28.16 17.30
CA LEU C 336 -5.52 -28.32 15.88
C LEU C 336 -5.84 -26.96 15.28
N ALA C 337 -6.07 -26.95 13.97
CA ALA C 337 -6.53 -25.77 13.25
C ALA C 337 -6.78 -26.16 11.80
N ALA C 338 -7.67 -25.40 11.14
CA ALA C 338 -8.04 -25.70 9.76
C ALA C 338 -8.18 -24.40 8.97
N THR C 339 -8.42 -24.57 7.67
CA THR C 339 -8.79 -23.48 6.78
C THR C 339 -9.34 -24.10 5.49
N ASN C 340 -9.59 -23.24 4.51
CA ASN C 340 -9.83 -23.67 3.13
C ASN C 340 -9.00 -22.84 2.16
N ILE C 341 -8.06 -22.05 2.66
CA ILE C 341 -7.13 -21.28 1.85
C ILE C 341 -5.97 -22.15 1.41
N PRO C 342 -5.92 -22.62 0.15
CA PRO C 342 -4.82 -23.50 -0.22
C PRO C 342 -3.49 -22.79 -0.25
N TRP C 343 -3.49 -21.53 -0.68
CA TRP C 343 -2.27 -20.75 -0.71
C TRP C 343 -1.78 -20.36 0.67
N GLU C 344 -2.56 -20.62 1.72
CA GLU C 344 -2.21 -20.18 3.06
C GLU C 344 -1.33 -21.18 3.80
N LEU C 345 -0.32 -21.69 3.11
CA LEU C 345 0.81 -22.37 3.75
C LEU C 345 1.95 -21.38 3.86
N ASP C 346 1.68 -20.31 4.61
CA ASP C 346 2.39 -19.04 4.52
C ASP C 346 3.91 -19.20 4.64
N GLU C 347 4.41 -19.56 5.81
CA GLU C 347 5.85 -19.75 6.01
C GLU C 347 6.21 -21.16 6.43
N ALA C 348 5.63 -21.62 7.54
CA ALA C 348 6.08 -22.86 8.17
C ALA C 348 5.01 -23.93 8.11
N LEU C 349 3.81 -23.54 7.74
CA LEU C 349 2.63 -24.40 7.81
C LEU C 349 2.67 -25.75 7.10
N ARG C 350 3.27 -25.84 5.92
CA ARG C 350 3.31 -27.14 5.27
C ARG C 350 4.12 -28.12 6.13
N ARG C 351 5.27 -27.66 6.64
CA ARG C 351 6.13 -28.45 7.50
C ARG C 351 5.58 -28.80 8.89
N ARG C 352 4.92 -27.83 9.53
CA ARG C 352 4.41 -27.99 10.91
C ARG C 352 3.34 -29.07 11.13
N PHE C 353 2.37 -29.15 10.23
CA PHE C 353 1.31 -30.13 10.36
C PHE C 353 1.66 -31.37 9.55
N GLU C 354 1.51 -32.53 10.18
CA GLU C 354 1.96 -33.77 9.58
C GLU C 354 1.20 -34.08 8.30
N LYS C 355 -0.11 -34.31 8.41
CA LYS C 355 -0.95 -34.70 7.30
C LYS C 355 -1.81 -33.51 6.91
N ARG C 356 -1.92 -33.29 5.60
CA ARG C 356 -2.78 -32.25 5.05
C ARG C 356 -4.08 -32.90 4.62
N ILE C 357 -5.14 -32.66 5.39
CA ILE C 357 -6.41 -33.33 5.21
C ILE C 357 -7.33 -32.40 4.44
N PHE C 358 -8.09 -32.99 3.53
CA PHE C 358 -9.07 -32.30 2.72
C PHE C 358 -10.28 -33.20 2.56
N ILE C 359 -11.45 -32.57 2.41
CA ILE C 359 -12.68 -33.27 2.11
C ILE C 359 -13.17 -32.76 0.76
N PRO C 360 -13.34 -33.62 -0.25
CA PRO C 360 -14.01 -33.18 -1.48
C PRO C 360 -15.51 -33.09 -1.29
N LEU C 361 -16.17 -32.61 -2.33
CA LEU C 361 -17.61 -32.71 -2.39
C LEU C 361 -18.00 -34.19 -2.39
N PRO C 362 -19.23 -34.50 -2.01
CA PRO C 362 -19.60 -35.90 -1.80
C PRO C 362 -19.80 -36.63 -3.11
N ASP C 363 -19.70 -37.95 -3.03
CA ASP C 363 -20.21 -38.84 -4.05
C ASP C 363 -21.70 -39.03 -3.77
N ILE C 364 -22.32 -40.01 -4.42
CA ILE C 364 -23.77 -40.07 -4.46
C ILE C 364 -24.35 -40.91 -3.33
N ASP C 365 -23.73 -42.04 -2.99
CA ASP C 365 -24.23 -42.82 -1.87
C ASP C 365 -24.05 -42.04 -0.57
N ALA C 366 -23.00 -41.22 -0.50
CA ALA C 366 -22.90 -40.20 0.53
C ALA C 366 -24.18 -39.40 0.59
N ARG C 367 -24.59 -38.82 -0.53
CA ARG C 367 -25.80 -38.01 -0.54
C ARG C 367 -27.02 -38.82 -0.13
N LYS C 368 -27.01 -40.13 -0.39
CA LYS C 368 -28.08 -40.99 0.11
C LYS C 368 -28.11 -40.97 1.63
N LYS C 369 -27.02 -41.43 2.26
CA LYS C 369 -26.99 -41.51 3.71
C LYS C 369 -27.08 -40.14 4.37
N LEU C 370 -26.75 -39.07 3.64
CA LEU C 370 -26.71 -37.72 4.18
C LEU C 370 -28.07 -37.06 4.10
N ILE C 371 -28.81 -37.36 3.03
CA ILE C 371 -30.25 -37.16 3.06
C ILE C 371 -30.81 -37.82 4.31
N GLU C 372 -30.61 -39.14 4.39
CA GLU C 372 -31.25 -39.93 5.42
C GLU C 372 -30.86 -39.47 6.82
N LYS C 373 -29.67 -38.90 6.95
CA LYS C 373 -29.28 -38.23 8.18
C LYS C 373 -29.94 -36.87 8.31
N SER C 374 -30.17 -36.21 7.18
CA SER C 374 -30.90 -34.96 7.17
C SER C 374 -32.40 -35.18 7.27
N MET C 375 -32.87 -36.37 6.94
CA MET C 375 -34.27 -36.75 7.09
C MET C 375 -34.58 -37.29 8.48
N GLU C 376 -33.77 -36.94 9.47
CA GLU C 376 -33.97 -37.42 10.82
C GLU C 376 -34.97 -36.55 11.55
N GLY C 377 -35.72 -37.18 12.46
CA GLY C 377 -36.79 -36.48 13.14
C GLY C 377 -37.87 -35.99 12.22
N THR C 378 -38.03 -36.63 11.06
CA THR C 378 -38.80 -36.09 9.96
C THR C 378 -40.02 -36.95 9.69
N PRO C 379 -41.22 -36.54 10.10
CA PRO C 379 -42.42 -37.10 9.47
C PRO C 379 -42.37 -36.85 7.97
N LYS C 380 -42.40 -37.94 7.21
CA LYS C 380 -42.19 -37.88 5.77
C LYS C 380 -42.98 -38.95 5.06
N SER C 381 -43.48 -38.59 3.89
CA SER C 381 -44.15 -39.52 3.01
C SER C 381 -43.15 -40.54 2.46
N ASP C 382 -43.57 -41.81 2.44
CA ASP C 382 -42.71 -42.91 2.02
C ASP C 382 -42.62 -43.07 0.50
N GLU C 383 -43.10 -42.08 -0.26
CA GLU C 383 -42.96 -42.07 -1.72
C GLU C 383 -41.55 -41.73 -2.19
N ILE C 384 -40.60 -41.56 -1.28
CA ILE C 384 -39.31 -40.97 -1.62
C ILE C 384 -38.49 -41.98 -2.42
N ASN C 385 -37.77 -41.48 -3.42
CA ASN C 385 -36.71 -42.22 -4.10
C ASN C 385 -35.41 -41.51 -3.76
N TYR C 386 -34.82 -41.89 -2.63
CA TYR C 386 -33.57 -41.29 -2.16
C TYR C 386 -32.45 -41.39 -3.20
N ASP C 387 -32.51 -42.39 -4.08
CA ASP C 387 -31.54 -42.46 -5.16
C ASP C 387 -31.79 -41.36 -6.18
N ASP C 388 -33.06 -41.10 -6.50
CA ASP C 388 -33.39 -39.97 -7.35
C ASP C 388 -33.01 -38.67 -6.69
N LEU C 389 -33.19 -38.59 -5.37
CA LEU C 389 -32.85 -37.38 -4.64
C LEU C 389 -31.35 -37.10 -4.72
N ALA C 390 -30.54 -38.01 -4.19
CA ALA C 390 -29.09 -37.86 -4.22
C ALA C 390 -28.59 -37.72 -5.65
N ALA C 391 -29.27 -38.32 -6.61
CA ALA C 391 -28.91 -38.18 -8.01
C ALA C 391 -29.07 -36.75 -8.47
N ARG C 392 -30.30 -36.23 -8.39
CA ARG C 392 -30.61 -34.91 -8.88
C ARG C 392 -30.01 -33.80 -8.03
N THR C 393 -29.45 -34.13 -6.87
CA THR C 393 -28.99 -33.14 -5.89
C THR C 393 -27.47 -33.21 -5.75
N GLU C 394 -26.79 -33.30 -6.89
CA GLU C 394 -25.42 -33.75 -6.93
C GLU C 394 -24.44 -32.58 -6.98
N GLY C 395 -23.31 -32.75 -6.29
CA GLY C 395 -22.26 -31.77 -6.28
C GLY C 395 -22.44 -30.70 -5.24
N PHE C 396 -23.18 -30.99 -4.17
CA PHE C 396 -23.65 -29.97 -3.24
C PHE C 396 -22.92 -30.14 -1.90
N SER C 397 -23.28 -29.29 -0.94
CA SER C 397 -22.77 -29.36 0.41
C SER C 397 -23.76 -30.09 1.29
N GLY C 398 -23.32 -30.38 2.52
CA GLY C 398 -24.25 -30.82 3.54
C GLY C 398 -25.26 -29.73 3.85
N ALA C 399 -24.76 -28.53 4.11
CA ALA C 399 -25.60 -27.38 4.42
C ALA C 399 -26.64 -27.12 3.34
N ASP C 400 -26.30 -27.39 2.08
CA ASP C 400 -27.28 -27.34 1.00
C ASP C 400 -28.46 -28.22 1.35
N VAL C 401 -28.17 -29.44 1.79
CA VAL C 401 -29.23 -30.37 2.13
C VAL C 401 -29.96 -29.92 3.38
N VAL C 402 -29.24 -29.28 4.30
CA VAL C 402 -29.86 -28.78 5.52
C VAL C 402 -30.96 -27.79 5.17
N SER C 403 -30.58 -26.71 4.49
CA SER C 403 -31.56 -25.72 4.08
C SER C 403 -32.55 -26.27 3.08
N LEU C 404 -32.24 -27.40 2.44
CA LEU C 404 -33.17 -28.04 1.52
C LEU C 404 -34.29 -28.74 2.28
N CYS C 405 -33.94 -29.48 3.32
CA CYS C 405 -34.96 -30.06 4.18
C CYS C 405 -35.76 -28.97 4.86
N ARG C 406 -35.10 -27.90 5.29
CA ARG C 406 -35.82 -26.74 5.80
C ARG C 406 -36.68 -26.09 4.72
N THR C 407 -36.33 -26.29 3.44
CA THR C 407 -37.03 -25.65 2.35
C THR C 407 -38.34 -26.38 2.04
N ALA C 408 -38.29 -27.70 1.91
CA ALA C 408 -39.54 -28.43 1.80
C ALA C 408 -40.35 -28.30 3.08
N ALA C 409 -39.67 -28.16 4.22
CA ALA C 409 -40.34 -27.99 5.50
C ALA C 409 -41.21 -26.74 5.50
N ILE C 410 -40.63 -25.59 5.17
CA ILE C 410 -41.44 -24.39 5.04
C ILE C 410 -42.47 -24.57 3.93
N ASN C 411 -42.11 -25.31 2.88
CA ASN C 411 -43.04 -25.54 1.78
C ASN C 411 -44.31 -26.22 2.27
N VAL C 412 -44.22 -26.99 3.37
CA VAL C 412 -45.40 -27.60 3.95
C VAL C 412 -46.43 -26.53 4.29
N LEU C 413 -45.98 -25.43 4.87
CA LEU C 413 -46.86 -24.29 5.05
C LEU C 413 -47.25 -23.69 3.72
N ARG C 414 -46.24 -23.41 2.88
CA ARG C 414 -46.47 -22.58 1.71
C ARG C 414 -47.42 -23.23 0.71
N ARG C 415 -47.75 -24.50 0.90
CA ARG C 415 -48.92 -25.09 0.28
C ARG C 415 -50.18 -24.78 1.09
N TYR C 416 -50.08 -24.95 2.41
CA TYR C 416 -51.20 -24.69 3.29
C TYR C 416 -51.55 -23.20 3.31
N ASP C 417 -52.57 -22.87 4.10
CA ASP C 417 -53.15 -21.53 4.09
C ASP C 417 -52.20 -20.52 4.73
N THR C 418 -51.11 -20.22 4.03
CA THR C 418 -50.26 -19.10 4.40
C THR C 418 -51.05 -17.80 4.48
N LYS C 419 -52.09 -17.66 3.65
CA LYS C 419 -52.91 -16.46 3.61
C LYS C 419 -53.76 -16.26 4.85
N SER C 420 -53.77 -17.20 5.79
CA SER C 420 -54.53 -17.04 7.01
C SER C 420 -53.84 -16.03 7.92
N LEU C 421 -53.92 -14.75 7.54
CA LEU C 421 -53.28 -13.67 8.28
C LEU C 421 -54.20 -13.07 9.35
N ARG C 422 -55.13 -13.86 9.87
CA ARG C 422 -55.84 -13.47 11.08
C ARG C 422 -54.85 -13.11 12.18
N GLY C 423 -53.98 -14.06 12.53
CA GLY C 423 -52.91 -13.80 13.47
C GLY C 423 -53.40 -13.95 14.88
N GLY C 424 -52.76 -14.81 15.66
CA GLY C 424 -53.27 -15.15 16.98
C GLY C 424 -54.41 -16.14 16.93
N GLU C 425 -55.42 -15.87 16.09
CA GLU C 425 -56.41 -16.87 15.73
C GLU C 425 -55.70 -18.14 15.29
N LEU C 426 -55.87 -19.21 16.07
CA LEU C 426 -55.18 -20.44 15.75
C LEU C 426 -55.81 -21.09 14.54
N THR C 427 -54.98 -21.78 13.75
CA THR C 427 -55.43 -22.62 12.66
C THR C 427 -55.26 -24.08 13.08
N ALA C 428 -56.13 -24.95 12.56
CA ALA C 428 -55.97 -26.36 12.84
C ALA C 428 -54.65 -26.91 12.32
N ALA C 429 -54.07 -26.27 11.30
CA ALA C 429 -52.70 -26.56 10.91
C ALA C 429 -51.72 -26.10 11.97
N MET C 430 -51.93 -24.89 12.50
CA MET C 430 -51.01 -24.31 13.49
C MET C 430 -50.86 -25.22 14.70
N GLU C 431 -51.87 -26.03 15.00
CA GLU C 431 -51.72 -27.15 15.92
C GLU C 431 -51.18 -28.39 15.22
N SER C 432 -51.64 -28.64 14.00
CA SER C 432 -51.28 -29.83 13.23
C SER C 432 -50.10 -29.60 12.31
N LEU C 433 -49.25 -28.61 12.62
CA LEU C 433 -48.09 -28.31 11.78
C LEU C 433 -47.23 -29.54 11.59
N LYS C 434 -46.77 -30.14 12.70
CA LYS C 434 -45.97 -31.35 12.61
C LYS C 434 -46.77 -32.55 12.17
N ALA C 435 -48.11 -32.45 12.14
CA ALA C 435 -48.93 -33.57 11.73
C ALA C 435 -48.69 -33.98 10.29
N GLU C 436 -48.26 -33.05 9.44
CA GLU C 436 -48.16 -33.29 8.01
C GLU C 436 -46.82 -33.93 7.65
N LEU C 437 -46.86 -34.73 6.59
CA LEU C 437 -45.67 -35.35 6.03
C LEU C 437 -45.18 -34.56 4.83
N VAL C 438 -43.90 -34.67 4.54
CA VAL C 438 -43.30 -33.97 3.40
C VAL C 438 -43.25 -34.90 2.20
N ARG C 439 -43.12 -34.32 1.01
CA ARG C 439 -43.34 -35.04 -0.23
C ARG C 439 -42.28 -34.67 -1.25
N ASN C 440 -42.05 -35.60 -2.18
CA ASN C 440 -41.11 -35.38 -3.27
C ASN C 440 -41.48 -34.12 -4.06
N ILE C 441 -42.77 -33.89 -4.24
CA ILE C 441 -43.24 -32.67 -4.90
C ILE C 441 -42.77 -31.43 -4.15
N ASP C 442 -42.56 -31.55 -2.84
CA ASP C 442 -42.10 -30.41 -2.07
C ASP C 442 -40.63 -30.15 -2.38
N PHE C 443 -39.86 -31.23 -2.48
CA PHE C 443 -38.47 -31.12 -2.84
C PHE C 443 -38.27 -30.86 -4.33
N GLU C 444 -39.34 -30.86 -5.12
CA GLU C 444 -39.24 -30.34 -6.47
C GLU C 444 -39.09 -28.83 -6.43
N ALA C 445 -39.94 -28.17 -5.64
CA ALA C 445 -39.74 -26.76 -5.34
C ALA C 445 -38.36 -26.55 -4.74
N ALA C 446 -37.99 -27.41 -3.78
CA ALA C 446 -36.71 -27.23 -3.12
C ALA C 446 -35.54 -27.47 -4.07
N LEU C 447 -35.78 -28.21 -5.16
CA LEU C 447 -34.78 -28.31 -6.22
C LEU C 447 -34.70 -27.02 -7.02
N GLN C 448 -35.81 -26.67 -7.67
CA GLN C 448 -35.80 -25.61 -8.67
C GLN C 448 -35.43 -24.27 -8.04
N ALA C 449 -35.70 -24.10 -6.75
CA ALA C 449 -35.42 -22.84 -6.09
C ALA C 449 -33.93 -22.58 -5.91
N VAL C 450 -33.09 -23.58 -6.08
CA VAL C 450 -31.72 -23.29 -5.72
C VAL C 450 -30.51 -23.64 -6.58
N SER C 451 -29.54 -22.79 -6.34
CA SER C 451 -28.20 -22.85 -6.86
C SER C 451 -27.42 -22.98 -5.56
N PRO C 452 -26.46 -23.90 -5.53
CA PRO C 452 -25.70 -24.13 -4.28
C PRO C 452 -24.99 -22.87 -3.88
N SER C 453 -24.79 -21.99 -4.85
CA SER C 453 -24.08 -20.74 -4.64
C SER C 453 -22.63 -21.02 -4.25
N ALA C 454 -21.95 -21.77 -5.10
CA ALA C 454 -20.52 -22.01 -4.95
C ALA C 454 -20.01 -22.69 -6.21
N GLY C 455 -18.83 -22.27 -6.65
CA GLY C 455 -18.11 -22.94 -7.73
C GLY C 455 -16.96 -23.72 -7.14
N PRO C 456 -16.62 -24.83 -7.80
CA PRO C 456 -15.54 -25.69 -7.34
C PRO C 456 -14.18 -25.25 -7.87
N ASP C 457 -14.05 -23.98 -8.26
CA ASP C 457 -12.83 -23.51 -8.89
C ASP C 457 -11.64 -23.65 -7.95
N THR C 458 -11.67 -22.92 -6.84
CA THR C 458 -10.65 -23.09 -5.82
C THR C 458 -10.82 -24.39 -5.07
N MET C 459 -12.03 -24.93 -5.06
CA MET C 459 -12.21 -26.30 -4.56
C MET C 459 -11.38 -27.27 -5.38
N LEU C 460 -11.32 -27.05 -6.69
CA LEU C 460 -10.50 -27.90 -7.54
C LEU C 460 -9.03 -27.55 -7.39
N LYS C 461 -8.73 -26.27 -7.18
CA LYS C 461 -7.35 -25.84 -6.99
C LYS C 461 -6.75 -26.54 -5.78
N CYS C 462 -7.49 -26.54 -4.67
CA CYS C 462 -7.05 -27.28 -3.50
C CYS C 462 -7.22 -28.79 -3.68
N LYS C 463 -8.09 -29.20 -4.60
CA LYS C 463 -8.13 -30.61 -4.97
C LYS C 463 -6.87 -31.04 -5.69
N GLU C 464 -6.08 -30.08 -6.18
CA GLU C 464 -4.72 -30.35 -6.60
C GLU C 464 -3.72 -30.15 -5.47
N TRP C 465 -3.89 -29.08 -4.70
CA TRP C 465 -2.95 -28.79 -3.61
C TRP C 465 -3.00 -29.86 -2.54
N CYS C 466 -4.16 -30.49 -2.36
CA CYS C 466 -4.25 -31.63 -1.45
C CYS C 466 -3.35 -32.77 -1.90
N ASP C 467 -3.04 -32.84 -3.19
CA ASP C 467 -2.02 -33.72 -3.72
C ASP C 467 -0.70 -33.00 -3.93
N SER C 468 -0.76 -31.71 -4.26
CA SER C 468 0.43 -30.92 -4.59
C SER C 468 0.84 -30.16 -3.34
N PHE C 469 1.89 -30.63 -2.67
CA PHE C 469 2.26 -30.14 -1.35
C PHE C 469 1.12 -30.34 -0.36
N GLY C 470 0.32 -31.38 -0.57
CA GLY C 470 -0.68 -31.80 0.37
C GLY C 470 -0.37 -33.18 0.93
N ALA C 471 0.03 -33.23 2.19
CA ALA C 471 0.33 -34.50 2.83
C ALA C 471 -0.95 -35.32 2.99
N MET C 472 -0.80 -36.53 3.51
CA MET C 472 -1.92 -37.46 3.63
C MET C 472 -2.87 -37.03 4.75
N TYR D 173 -15.92 1.80 26.60
CA TYR D 173 -15.04 2.85 26.11
C TYR D 173 -15.32 3.12 24.64
N ILE D 174 -14.58 2.48 23.73
CA ILE D 174 -15.02 2.44 22.34
C ILE D 174 -16.23 1.54 22.18
N VAL D 175 -16.48 0.68 23.15
CA VAL D 175 -17.78 0.02 23.24
C VAL D 175 -18.91 1.03 23.30
N GLN D 176 -18.66 2.20 23.91
CA GLN D 176 -19.64 3.27 23.88
C GLN D 176 -19.98 3.69 22.46
N ALA D 177 -19.04 3.52 21.53
CA ALA D 177 -19.37 3.69 20.12
C ALA D 177 -20.42 2.69 19.70
N VAL D 178 -20.43 1.51 20.29
CA VAL D 178 -21.51 0.57 20.06
C VAL D 178 -22.75 0.96 20.85
N ARG D 179 -22.57 1.59 22.00
CA ARG D 179 -23.70 2.21 22.67
C ARG D 179 -24.32 3.28 21.79
N GLY D 180 -23.49 3.94 20.99
CA GLY D 180 -24.01 4.80 19.94
C GLY D 180 -24.67 3.98 18.85
N THR D 181 -24.11 2.82 18.55
CA THR D 181 -24.70 1.92 17.57
C THR D 181 -26.04 1.35 18.01
N MET D 182 -26.44 1.56 19.26
CA MET D 182 -27.78 1.18 19.69
C MET D 182 -28.81 1.91 18.85
N ALA D 183 -29.83 1.16 18.42
CA ALA D 183 -31.04 1.73 17.83
C ALA D 183 -32.12 1.83 18.90
N THR D 184 -32.94 2.87 18.79
CA THR D 184 -34.05 3.05 19.72
C THR D 184 -35.05 4.07 19.17
N MET D 190 -44.98 3.76 9.46
CA MET D 190 -45.00 3.10 8.17
C MET D 190 -45.76 1.78 8.26
N SER D 191 -45.68 0.98 7.19
CA SER D 191 -46.38 -0.30 7.13
C SER D 191 -45.84 -1.11 5.97
N LEU D 192 -46.14 -2.41 6.00
CA LEU D 192 -45.79 -3.26 4.86
C LEU D 192 -46.67 -2.93 3.65
N ASP D 193 -47.85 -2.38 3.88
CA ASP D 193 -48.71 -1.94 2.81
C ASP D 193 -48.26 -0.61 2.21
N ASP D 194 -47.12 -0.08 2.66
CA ASP D 194 -46.42 0.97 1.95
C ASP D 194 -45.57 0.44 0.79
N ILE D 195 -45.72 -0.83 0.43
CA ILE D 195 -44.80 -1.54 -0.44
C ILE D 195 -45.64 -2.45 -1.33
N ILE D 196 -45.08 -2.82 -2.48
CA ILE D 196 -45.78 -3.60 -3.50
C ILE D 196 -44.90 -4.76 -3.94
N GLY D 197 -45.52 -5.92 -4.15
CA GLY D 197 -44.81 -7.05 -4.68
C GLY D 197 -44.07 -7.81 -3.60
N MET D 198 -43.02 -8.52 -4.02
CA MET D 198 -42.21 -9.32 -3.12
C MET D 198 -43.06 -10.33 -2.36
N HIS D 199 -44.07 -10.85 -3.07
CA HIS D 199 -44.98 -11.82 -2.47
C HIS D 199 -44.23 -13.00 -1.88
N ASP D 200 -43.28 -13.54 -2.63
CA ASP D 200 -42.46 -14.64 -2.11
C ASP D 200 -41.67 -14.19 -0.89
N VAL D 201 -41.15 -12.97 -0.92
CA VAL D 201 -40.22 -12.54 0.11
C VAL D 201 -40.98 -12.06 1.34
N LYS D 202 -41.92 -11.14 1.13
CA LYS D 202 -42.81 -10.73 2.21
C LYS D 202 -43.45 -11.94 2.88
N GLN D 203 -43.89 -12.91 2.07
CA GLN D 203 -44.32 -14.19 2.60
C GLN D 203 -43.26 -14.80 3.50
N VAL D 204 -42.08 -15.05 2.94
CA VAL D 204 -41.08 -15.84 3.64
C VAL D 204 -40.55 -15.14 4.87
N LEU D 205 -40.78 -13.83 5.01
CA LEU D 205 -40.25 -13.03 6.10
C LEU D 205 -41.28 -12.76 7.17
N HIS D 206 -42.47 -12.34 6.76
CA HIS D 206 -43.66 -12.45 7.60
C HIS D 206 -43.67 -13.78 8.31
N GLU D 207 -43.56 -14.84 7.53
CA GLU D 207 -43.50 -16.20 8.03
C GLU D 207 -42.30 -16.40 8.93
N ALA D 208 -41.10 -16.36 8.34
CA ALA D 208 -39.90 -16.84 9.00
C ALA D 208 -39.58 -16.05 10.25
N VAL D 209 -40.09 -14.83 10.36
CA VAL D 209 -39.85 -14.02 11.53
C VAL D 209 -40.99 -14.21 12.50
N THR D 210 -42.18 -13.82 12.09
CA THR D 210 -43.24 -13.64 13.07
C THR D 210 -43.84 -14.97 13.50
N LEU D 211 -44.04 -15.88 12.58
CA LEU D 211 -44.83 -17.06 12.91
C LEU D 211 -44.09 -18.00 13.86
N PRO D 212 -42.77 -18.15 13.75
CA PRO D 212 -42.05 -18.78 14.87
C PRO D 212 -42.13 -17.98 16.14
N LEU D 213 -42.22 -16.66 16.03
CA LEU D 213 -42.41 -15.83 17.21
C LEU D 213 -43.84 -15.92 17.71
N LEU D 214 -44.76 -16.32 16.84
CA LEU D 214 -46.12 -16.66 17.26
C LEU D 214 -46.30 -18.15 17.48
N VAL D 215 -45.41 -18.97 16.93
CA VAL D 215 -45.40 -20.40 17.19
C VAL D 215 -43.97 -20.81 17.51
N PRO D 216 -43.46 -20.50 18.70
CA PRO D 216 -42.15 -21.02 19.08
C PRO D 216 -42.08 -22.52 19.12
N GLU D 217 -43.20 -23.20 19.27
CA GLU D 217 -43.21 -24.62 19.62
C GLU D 217 -42.86 -25.47 18.41
N PHE D 218 -43.51 -25.20 17.28
CA PHE D 218 -43.22 -25.95 16.07
C PHE D 218 -41.92 -25.47 15.43
N PHE D 219 -41.84 -24.17 15.15
CA PHE D 219 -40.75 -23.62 14.36
C PHE D 219 -39.53 -23.51 15.26
N GLN D 220 -38.80 -24.62 15.33
CA GLN D 220 -37.65 -24.79 16.18
C GLN D 220 -37.04 -26.15 15.88
N GLY D 221 -35.84 -26.37 16.40
CA GLY D 221 -35.20 -27.66 16.28
C GLY D 221 -34.97 -27.99 14.82
N LEU D 222 -35.59 -29.09 14.38
CA LEU D 222 -35.56 -29.42 12.97
C LEU D 222 -36.21 -28.33 12.14
N ARG D 223 -37.27 -27.72 12.65
CA ARG D 223 -37.88 -26.55 12.04
C ARG D 223 -37.22 -25.29 12.56
N SER D 224 -35.91 -25.21 12.48
CA SER D 224 -35.20 -24.05 12.98
C SER D 224 -35.61 -22.81 12.21
N PRO D 225 -36.08 -21.73 12.86
CA PRO D 225 -36.38 -20.51 12.11
C PRO D 225 -35.12 -19.87 11.57
N TRP D 226 -35.29 -19.13 10.48
CA TRP D 226 -34.16 -18.52 9.79
C TRP D 226 -33.52 -17.42 10.63
N LYS D 227 -32.20 -17.32 10.52
CA LYS D 227 -31.42 -16.27 11.16
C LYS D 227 -30.72 -15.36 10.17
N ALA D 228 -30.54 -15.80 8.92
CA ALA D 228 -29.99 -14.95 7.88
C ALA D 228 -30.07 -15.66 6.55
N MET D 229 -29.77 -14.91 5.50
CA MET D 229 -29.84 -15.38 4.12
C MET D 229 -29.10 -14.35 3.27
N VAL D 230 -29.24 -14.44 1.95
CA VAL D 230 -28.52 -13.59 1.03
C VAL D 230 -29.45 -12.58 0.38
N LEU D 231 -28.85 -11.60 -0.29
CA LEU D 231 -29.57 -10.56 -1.01
C LEU D 231 -28.62 -9.83 -1.94
N ALA D 232 -29.16 -9.25 -3.00
CA ALA D 232 -28.47 -8.22 -3.76
C ALA D 232 -29.44 -7.67 -4.82
N GLY D 233 -28.95 -6.69 -5.57
CA GLY D 233 -29.64 -6.18 -6.73
C GLY D 233 -29.18 -4.77 -7.05
N PRO D 234 -29.87 -4.12 -7.98
CA PRO D 234 -29.66 -2.69 -8.17
C PRO D 234 -30.02 -1.96 -6.89
N PRO D 235 -29.42 -0.80 -6.61
CA PRO D 235 -29.91 0.01 -5.49
C PRO D 235 -31.04 0.93 -5.93
N GLY D 236 -31.50 1.71 -4.97
CA GLY D 236 -32.77 2.39 -5.09
C GLY D 236 -33.94 1.46 -5.30
N THR D 237 -33.83 0.24 -4.81
CA THR D 237 -34.80 -0.82 -5.04
C THR D 237 -35.44 -1.24 -3.73
N GLY D 238 -35.79 -0.24 -2.93
CA GLY D 238 -36.48 -0.47 -1.70
C GLY D 238 -35.69 -1.15 -0.61
N LYS D 239 -34.36 -1.27 -0.76
CA LYS D 239 -33.58 -1.83 0.32
C LYS D 239 -33.50 -0.84 1.48
N THR D 240 -33.35 0.44 1.17
CA THR D 240 -33.45 1.45 2.20
C THR D 240 -34.89 1.59 2.66
N LEU D 241 -35.82 1.50 1.70
CA LEU D 241 -37.23 1.64 2.01
C LEU D 241 -37.69 0.50 2.90
N ILE D 242 -37.31 -0.73 2.56
CA ILE D 242 -37.66 -1.84 3.43
C ILE D 242 -36.90 -1.76 4.73
N ALA D 243 -35.69 -1.20 4.72
CA ALA D 243 -34.93 -1.06 5.95
C ALA D 243 -35.70 -0.21 6.97
N ARG D 244 -35.96 1.06 6.63
CA ARG D 244 -36.67 1.90 7.60
C ARG D 244 -38.11 1.45 7.78
N ALA D 245 -38.70 0.81 6.76
CA ALA D 245 -40.07 0.32 6.89
C ALA D 245 -40.14 -0.74 7.98
N ILE D 246 -39.25 -1.72 7.93
CA ILE D 246 -39.21 -2.72 8.98
C ILE D 246 -38.78 -2.10 10.29
N ALA D 247 -38.01 -1.01 10.22
CA ALA D 247 -37.61 -0.31 11.43
C ALA D 247 -38.83 0.19 12.19
N SER D 248 -39.68 0.97 11.54
CA SER D 248 -40.91 1.43 12.21
C SER D 248 -41.92 0.31 12.38
N GLU D 249 -41.76 -0.80 11.68
CA GLU D 249 -42.70 -1.92 11.78
C GLU D 249 -42.45 -2.76 13.02
N SER D 250 -41.23 -3.32 13.12
CA SER D 250 -40.99 -4.49 13.94
C SER D 250 -41.33 -4.26 15.41
N SER D 251 -41.91 -5.29 16.02
CA SER D 251 -42.08 -5.36 17.47
C SER D 251 -40.92 -6.11 18.12
N SER D 252 -39.70 -5.69 17.81
CA SER D 252 -38.51 -6.30 18.38
C SER D 252 -37.42 -5.24 18.47
N THR D 253 -36.18 -5.69 18.65
CA THR D 253 -35.08 -4.83 19.11
C THR D 253 -34.04 -4.67 18.00
N PHE D 254 -34.21 -3.65 17.18
CA PHE D 254 -33.22 -3.38 16.15
C PHE D 254 -31.97 -2.73 16.76
N PHE D 255 -30.87 -2.82 16.02
CA PHE D 255 -29.64 -2.12 16.35
C PHE D 255 -29.05 -1.51 15.09
N THR D 256 -28.52 -0.30 15.23
CA THR D 256 -28.13 0.47 14.06
C THR D 256 -26.90 -0.14 13.43
N VAL D 257 -26.66 0.26 12.18
CA VAL D 257 -25.79 -0.47 11.26
C VAL D 257 -24.87 0.54 10.57
N SER D 258 -23.57 0.45 10.83
CA SER D 258 -22.55 1.12 10.03
C SER D 258 -21.60 0.10 9.43
N SER D 259 -20.69 0.61 8.61
CA SER D 259 -19.47 -0.10 8.24
C SER D 259 -18.27 0.41 9.02
N THR D 260 -18.50 1.14 10.11
CA THR D 260 -17.45 1.82 10.84
C THR D 260 -17.15 1.02 12.09
N ASP D 261 -16.36 -0.03 11.90
CA ASP D 261 -15.58 -0.63 12.98
C ASP D 261 -14.17 -0.10 12.74
N LEU D 262 -13.92 1.11 13.25
CA LEU D 262 -12.81 1.91 12.77
C LEU D 262 -11.47 1.23 13.04
N SER D 263 -10.43 1.79 12.44
CA SER D 263 -9.11 1.17 12.35
C SER D 263 -8.09 2.08 13.00
N SER D 264 -7.97 1.98 14.32
CA SER D 264 -6.90 2.67 15.02
C SER D 264 -5.61 1.91 14.85
N LYS D 265 -4.50 2.64 14.72
CA LYS D 265 -3.19 2.05 15.00
C LYS D 265 -2.78 2.32 16.43
N TRP D 266 -3.74 2.12 17.34
CA TRP D 266 -3.51 2.10 18.78
C TRP D 266 -4.14 0.85 19.37
N ARG D 267 -5.29 0.45 18.80
CA ARG D 267 -5.95 -0.80 19.13
C ARG D 267 -6.25 -1.66 17.91
N GLY D 268 -6.73 -1.06 16.82
CA GLY D 268 -6.99 -1.74 15.57
C GLY D 268 -7.73 -3.07 15.68
N ASP D 269 -8.65 -3.16 16.63
CA ASP D 269 -9.37 -4.42 16.87
C ASP D 269 -10.75 -4.08 17.41
N SER D 270 -11.73 -4.10 16.53
CA SER D 270 -13.13 -3.91 16.88
C SER D 270 -13.96 -5.16 16.71
N GLU D 271 -13.36 -6.26 16.22
CA GLU D 271 -14.11 -7.49 16.08
C GLU D 271 -14.59 -7.99 17.44
N LYS D 272 -13.87 -7.65 18.51
CA LYS D 272 -14.39 -7.86 19.85
C LYS D 272 -15.72 -7.15 20.02
N ILE D 273 -15.84 -5.95 19.46
CA ILE D 273 -17.11 -5.24 19.51
C ILE D 273 -18.10 -5.86 18.52
N VAL D 274 -17.61 -6.62 17.54
CA VAL D 274 -18.47 -7.46 16.72
C VAL D 274 -18.82 -8.76 17.42
N ARG D 275 -18.29 -9.00 18.62
CA ARG D 275 -18.77 -10.06 19.50
C ARG D 275 -19.75 -9.50 20.53
N LEU D 276 -19.40 -8.37 21.14
CA LEU D 276 -20.35 -7.65 21.98
C LEU D 276 -21.57 -7.21 21.19
N LEU D 277 -21.44 -7.13 19.88
CA LEU D 277 -22.58 -7.19 18.97
C LEU D 277 -23.57 -8.25 19.39
N PHE D 278 -23.11 -9.50 19.40
CA PHE D 278 -23.98 -10.61 19.74
C PHE D 278 -24.36 -10.58 21.22
N GLU D 279 -23.50 -10.00 22.06
CA GLU D 279 -23.91 -9.75 23.43
C GLU D 279 -25.14 -8.85 23.47
N LEU D 280 -25.22 -7.89 22.56
CA LEU D 280 -26.40 -7.07 22.46
C LEU D 280 -27.55 -7.88 21.87
N ALA D 281 -27.24 -8.75 20.92
CA ALA D 281 -28.23 -9.70 20.42
C ALA D 281 -28.71 -10.59 21.55
N ARG D 282 -27.87 -10.82 22.54
CA ARG D 282 -28.27 -11.59 23.71
C ARG D 282 -28.98 -10.72 24.74
N PHE D 283 -28.39 -9.56 25.07
CA PHE D 283 -29.01 -8.67 26.03
C PHE D 283 -30.37 -8.22 25.53
N TYR D 284 -30.48 -7.96 24.23
CA TYR D 284 -31.74 -7.93 23.52
C TYR D 284 -31.99 -9.22 22.77
N ALA D 285 -32.40 -10.27 23.49
CA ALA D 285 -32.34 -11.67 23.07
C ALA D 285 -32.79 -11.90 21.63
N PRO D 286 -33.98 -11.45 21.21
CA PRO D 286 -34.25 -11.31 19.78
C PRO D 286 -33.87 -9.92 19.30
N SER D 287 -33.15 -9.84 18.19
CA SER D 287 -32.64 -8.58 17.68
C SER D 287 -32.74 -8.53 16.16
N ILE D 288 -32.60 -7.31 15.63
CA ILE D 288 -32.77 -7.05 14.20
C ILE D 288 -31.59 -6.21 13.76
N ILE D 289 -30.96 -6.59 12.66
CA ILE D 289 -29.85 -5.81 12.10
C ILE D 289 -29.92 -5.95 10.59
N PHE D 290 -29.43 -4.94 9.87
CA PHE D 290 -29.28 -5.06 8.44
C PHE D 290 -28.30 -4.04 7.89
N ILE D 291 -27.39 -4.50 7.04
CA ILE D 291 -26.47 -3.65 6.29
C ILE D 291 -26.70 -3.89 4.81
N ASP D 292 -26.06 -3.07 3.99
CA ASP D 292 -26.01 -3.28 2.56
C ASP D 292 -24.61 -2.97 2.06
N GLN D 293 -24.27 -3.52 0.90
CA GLN D 293 -23.03 -3.21 0.19
C GLN D 293 -21.82 -3.54 1.06
N ILE D 294 -21.62 -4.84 1.24
CA ILE D 294 -20.70 -5.38 2.23
C ILE D 294 -19.46 -5.94 1.54
N ASP D 295 -19.04 -5.28 0.47
CA ASP D 295 -17.66 -5.42 0.01
C ASP D 295 -16.69 -5.41 1.18
N THR D 296 -16.90 -4.51 2.13
CA THR D 296 -16.18 -4.52 3.40
C THR D 296 -16.23 -5.89 4.06
N HIS D 307 -7.16 -6.38 1.44
CA HIS D 307 -6.25 -6.08 2.53
C HIS D 307 -6.29 -7.17 3.58
N GLU D 308 -5.58 -6.95 4.69
CA GLU D 308 -5.59 -7.91 5.78
C GLU D 308 -6.81 -7.72 6.68
N ALA D 309 -6.91 -6.53 7.30
CA ALA D 309 -7.89 -6.28 8.36
C ALA D 309 -9.31 -6.61 7.93
N SER D 310 -9.61 -6.42 6.63
CA SER D 310 -10.88 -6.82 6.09
C SER D 310 -11.14 -8.30 6.33
N ARG D 311 -10.25 -9.16 5.82
CA ARG D 311 -10.38 -10.59 6.05
C ARG D 311 -10.34 -10.91 7.53
N ARG D 312 -9.55 -10.15 8.30
CA ARG D 312 -9.42 -10.40 9.73
C ARG D 312 -10.76 -10.30 10.44
N VAL D 313 -11.34 -9.10 10.42
CA VAL D 313 -12.61 -8.90 11.12
C VAL D 313 -13.75 -9.61 10.41
N LYS D 314 -13.60 -9.87 9.11
CA LYS D 314 -14.61 -10.61 8.37
C LYS D 314 -14.74 -12.02 8.92
N SER D 315 -13.64 -12.77 8.85
CA SER D 315 -13.63 -14.11 9.42
C SER D 315 -13.92 -14.09 10.92
N GLU D 316 -13.53 -13.00 11.59
CA GLU D 316 -13.92 -12.83 12.97
C GLU D 316 -15.44 -12.86 13.11
N PHE D 317 -16.14 -12.20 12.18
CA PHE D 317 -17.59 -12.32 12.20
C PHE D 317 -18.04 -13.70 11.81
N LEU D 318 -17.28 -14.41 10.97
CA LEU D 318 -17.65 -15.78 10.71
C LEU D 318 -17.55 -16.64 11.95
N VAL D 319 -16.70 -16.25 12.91
CA VAL D 319 -16.66 -16.93 14.20
C VAL D 319 -17.83 -16.51 15.08
N GLN D 320 -17.98 -15.21 15.29
CA GLN D 320 -19.04 -14.72 16.17
C GLN D 320 -20.43 -15.03 15.63
N MET D 321 -20.55 -15.30 14.33
CA MET D 321 -21.82 -15.61 13.70
C MET D 321 -22.53 -16.77 14.39
N ASP D 322 -21.83 -17.88 14.57
CA ASP D 322 -22.43 -19.07 15.16
C ASP D 322 -21.35 -19.93 15.83
N ARG D 331 -32.84 -19.49 22.37
CA ARG D 331 -32.43 -18.22 21.78
C ARG D 331 -32.86 -18.15 20.32
N ARG D 332 -33.08 -16.93 19.81
CA ARG D 332 -33.57 -16.73 18.45
C ARG D 332 -33.27 -15.29 18.03
N VAL D 333 -32.62 -15.14 16.88
CA VAL D 333 -32.33 -13.84 16.30
C VAL D 333 -32.37 -13.98 14.79
N PHE D 334 -32.75 -12.89 14.11
CA PHE D 334 -32.61 -12.78 12.67
C PHE D 334 -31.84 -11.52 12.31
N VAL D 335 -30.98 -11.65 11.30
CA VAL D 335 -30.25 -10.55 10.71
C VAL D 335 -30.03 -10.90 9.24
N LEU D 336 -29.90 -9.87 8.41
CA LEU D 336 -29.66 -10.07 6.99
C LEU D 336 -28.72 -8.97 6.49
N ALA D 337 -28.31 -9.09 5.24
CA ALA D 337 -27.47 -8.07 4.60
C ALA D 337 -27.71 -8.17 3.09
N ALA D 338 -27.14 -7.24 2.34
CA ALA D 338 -27.24 -7.26 0.89
C ALA D 338 -26.04 -6.55 0.27
N THR D 339 -25.99 -6.59 -1.05
CA THR D 339 -25.04 -5.82 -1.84
C THR D 339 -25.68 -5.51 -3.17
N ASN D 340 -24.86 -5.12 -4.15
CA ASN D 340 -25.26 -5.04 -5.54
C ASN D 340 -24.34 -5.83 -6.44
N ILE D 341 -23.21 -6.33 -5.94
CA ILE D 341 -22.26 -7.12 -6.70
C ILE D 341 -22.18 -8.54 -6.15
N PRO D 342 -23.18 -9.38 -6.42
CA PRO D 342 -22.99 -10.81 -6.20
C PRO D 342 -21.96 -11.40 -7.14
N TRP D 343 -21.71 -10.75 -8.26
CA TRP D 343 -20.48 -10.98 -9.00
C TRP D 343 -19.28 -10.87 -8.08
N GLU D 344 -19.33 -9.93 -7.15
CA GLU D 344 -18.31 -9.77 -6.11
C GLU D 344 -18.66 -10.50 -4.82
N LEU D 345 -19.49 -11.54 -4.92
CA LEU D 345 -19.74 -12.40 -3.76
C LEU D 345 -18.42 -13.07 -3.41
N ASP D 346 -17.82 -12.62 -2.30
CA ASP D 346 -16.37 -12.68 -2.16
C ASP D 346 -15.81 -14.10 -2.15
N GLU D 347 -15.95 -14.83 -1.05
CA GLU D 347 -15.43 -16.19 -0.97
C GLU D 347 -16.45 -17.20 -0.45
N ALA D 348 -16.86 -17.09 0.81
CA ALA D 348 -17.84 -18.05 1.37
C ALA D 348 -19.30 -17.60 1.56
N LEU D 349 -19.61 -16.37 1.17
CA LEU D 349 -20.96 -15.85 1.36
C LEU D 349 -22.07 -16.60 0.63
N ARG D 350 -21.84 -16.97 -0.63
CA ARG D 350 -22.88 -17.67 -1.39
C ARG D 350 -23.20 -19.01 -0.74
N ARG D 351 -22.15 -19.71 -0.32
CA ARG D 351 -22.30 -21.00 0.34
C ARG D 351 -23.02 -20.90 1.68
N ARG D 352 -22.73 -19.83 2.42
CA ARG D 352 -23.30 -19.64 3.76
C ARG D 352 -24.79 -19.25 3.94
N PHE D 353 -25.48 -18.84 2.89
CA PHE D 353 -26.83 -18.34 3.05
C PHE D 353 -27.83 -19.11 2.21
N GLU D 354 -29.02 -19.30 2.79
CA GLU D 354 -30.09 -20.03 2.14
C GLU D 354 -30.58 -19.30 0.90
N LYS D 355 -31.08 -18.10 1.08
CA LYS D 355 -31.89 -17.42 0.08
C LYS D 355 -31.07 -16.32 -0.57
N ARG D 356 -30.68 -16.54 -1.82
CA ARG D 356 -30.08 -15.52 -2.65
C ARG D 356 -31.19 -14.82 -3.42
N ILE D 357 -31.13 -13.50 -3.43
CA ILE D 357 -32.22 -12.78 -4.02
C ILE D 357 -31.95 -11.84 -5.17
N PHE D 358 -32.82 -12.01 -6.15
CA PHE D 358 -32.77 -11.19 -7.31
C PHE D 358 -34.04 -10.40 -7.37
N ILE D 359 -33.86 -9.10 -7.48
CA ILE D 359 -34.98 -8.23 -7.53
C ILE D 359 -35.38 -7.82 -8.91
N PRO D 360 -36.40 -8.49 -9.43
CA PRO D 360 -36.92 -7.97 -10.70
C PRO D 360 -37.36 -6.52 -10.58
N LEU D 361 -37.17 -5.79 -11.67
CA LEU D 361 -37.74 -4.45 -11.77
C LEU D 361 -39.25 -4.57 -11.90
N PRO D 362 -39.99 -3.49 -11.63
CA PRO D 362 -41.44 -3.59 -11.64
C PRO D 362 -41.99 -3.79 -13.05
N ASP D 363 -43.11 -4.50 -13.12
CA ASP D 363 -43.86 -4.69 -14.34
C ASP D 363 -44.99 -3.66 -14.42
N ILE D 364 -45.85 -3.84 -15.41
CA ILE D 364 -46.86 -2.82 -15.72
C ILE D 364 -47.84 -2.63 -14.58
N ASP D 365 -48.20 -3.70 -13.87
CA ASP D 365 -49.17 -3.56 -12.80
C ASP D 365 -48.48 -3.18 -11.51
N ALA D 366 -47.27 -3.71 -11.29
CA ALA D 366 -46.38 -3.13 -10.31
C ALA D 366 -46.29 -1.64 -10.52
N ARG D 367 -45.90 -1.21 -11.71
CA ARG D 367 -45.84 0.21 -12.02
C ARG D 367 -47.17 0.90 -11.75
N LYS D 368 -48.28 0.20 -12.00
CA LYS D 368 -49.59 0.82 -11.81
C LYS D 368 -49.83 1.15 -10.35
N LYS D 369 -49.80 0.12 -9.49
CA LYS D 369 -50.04 0.36 -8.07
C LYS D 369 -48.92 1.17 -7.44
N LEU D 370 -47.71 1.09 -7.99
CA LEU D 370 -46.59 1.86 -7.49
C LEU D 370 -46.80 3.34 -7.73
N ILE D 371 -47.34 3.68 -8.89
CA ILE D 371 -47.75 5.04 -9.14
C ILE D 371 -48.86 5.42 -8.20
N GLU D 372 -49.96 4.66 -8.25
CA GLU D 372 -51.17 5.05 -7.55
C GLU D 372 -50.96 5.14 -6.05
N LYS D 373 -50.01 4.37 -5.54
CA LYS D 373 -49.56 4.54 -4.15
C LYS D 373 -48.61 5.73 -4.04
N SER D 374 -47.79 5.94 -5.07
CA SER D 374 -46.99 7.15 -5.15
C SER D 374 -47.85 8.37 -5.40
N MET D 375 -49.08 8.18 -5.90
CA MET D 375 -50.02 9.26 -6.15
C MET D 375 -50.99 9.43 -5.00
N GLU D 376 -50.53 9.24 -3.77
CA GLU D 376 -51.35 9.41 -2.58
C GLU D 376 -51.10 10.79 -1.99
N GLY D 377 -52.12 11.31 -1.32
CA GLY D 377 -52.09 12.70 -0.89
C GLY D 377 -51.93 13.64 -2.06
N THR D 378 -52.52 13.30 -3.20
CA THR D 378 -52.19 13.90 -4.48
C THR D 378 -53.45 14.42 -5.17
N PRO D 379 -53.87 15.66 -4.91
CA PRO D 379 -54.94 16.26 -5.70
C PRO D 379 -54.54 16.32 -7.17
N LYS D 380 -55.31 15.63 -8.01
CA LYS D 380 -54.93 15.37 -9.39
C LYS D 380 -56.10 15.65 -10.32
N SER D 381 -55.78 15.73 -11.60
CA SER D 381 -56.78 15.59 -12.64
C SER D 381 -57.10 14.12 -12.85
N ASP D 382 -58.22 13.87 -13.52
CA ASP D 382 -58.73 12.51 -13.73
C ASP D 382 -58.69 12.11 -15.21
N GLU D 383 -58.12 12.95 -16.07
CA GLU D 383 -57.64 12.50 -17.37
C GLU D 383 -56.63 11.37 -17.27
N ILE D 384 -55.94 11.26 -16.14
CA ILE D 384 -54.72 10.47 -16.01
C ILE D 384 -55.02 9.00 -16.28
N ASN D 385 -54.36 8.44 -17.30
CA ASN D 385 -54.40 7.02 -17.59
C ASN D 385 -53.11 6.38 -17.09
N TYR D 386 -53.17 5.81 -15.88
CA TYR D 386 -51.99 5.18 -15.30
C TYR D 386 -51.54 3.96 -16.09
N ASP D 387 -52.41 3.37 -16.92
CA ASP D 387 -52.03 2.20 -17.69
C ASP D 387 -51.06 2.57 -18.81
N ASP D 388 -51.49 3.48 -19.70
CA ASP D 388 -50.62 3.94 -20.76
C ASP D 388 -49.36 4.57 -20.20
N LEU D 389 -49.49 5.27 -19.06
CA LEU D 389 -48.33 5.82 -18.39
C LEU D 389 -47.37 4.72 -17.96
N ALA D 390 -47.91 3.63 -17.42
CA ALA D 390 -47.05 2.48 -17.10
C ALA D 390 -46.41 1.92 -18.36
N ALA D 391 -47.08 2.04 -19.51
CA ALA D 391 -46.46 1.65 -20.76
C ALA D 391 -45.27 2.54 -21.08
N ARG D 392 -45.42 3.85 -20.84
CA ARG D 392 -44.34 4.78 -21.13
C ARG D 392 -43.10 4.49 -20.31
N THR D 393 -43.28 3.94 -19.11
CA THR D 393 -42.29 4.03 -18.05
C THR D 393 -41.60 2.69 -17.79
N GLU D 394 -41.34 1.95 -18.85
CA GLU D 394 -40.58 0.72 -18.74
C GLU D 394 -39.09 1.05 -18.70
N GLY D 395 -38.32 0.15 -18.10
CA GLY D 395 -36.91 0.38 -17.91
C GLY D 395 -36.57 1.20 -16.69
N PHE D 396 -37.36 1.07 -15.62
CA PHE D 396 -37.34 1.98 -14.49
C PHE D 396 -37.47 1.21 -13.19
N SER D 397 -37.47 1.96 -12.09
CA SER D 397 -37.53 1.41 -10.73
C SER D 397 -38.55 2.19 -9.91
N GLY D 398 -38.55 1.97 -8.59
CA GLY D 398 -39.47 2.71 -7.74
C GLY D 398 -39.03 4.15 -7.57
N ALA D 399 -37.76 4.36 -7.26
CA ALA D 399 -37.20 5.70 -7.13
C ALA D 399 -37.46 6.56 -8.35
N ASP D 400 -37.52 5.92 -9.53
CA ASP D 400 -37.94 6.63 -10.73
C ASP D 400 -39.31 7.24 -10.54
N VAL D 401 -40.25 6.47 -10.02
CA VAL D 401 -41.58 7.01 -9.76
C VAL D 401 -41.52 8.06 -8.68
N VAL D 402 -40.62 7.90 -7.72
CA VAL D 402 -40.49 8.89 -6.65
C VAL D 402 -40.12 10.24 -7.24
N SER D 403 -38.95 10.30 -7.86
CA SER D 403 -38.47 11.55 -8.43
C SER D 403 -39.31 12.03 -9.59
N LEU D 404 -40.09 11.13 -10.20
CA LEU D 404 -40.98 11.50 -11.29
C LEU D 404 -42.21 12.21 -10.77
N CYS D 405 -42.87 11.61 -9.79
CA CYS D 405 -43.96 12.28 -9.10
C CYS D 405 -43.49 13.61 -8.55
N ARG D 406 -42.26 13.66 -8.03
CA ARG D 406 -41.70 14.94 -7.61
C ARG D 406 -41.50 15.88 -8.79
N THR D 407 -41.18 15.34 -9.96
CA THR D 407 -40.96 16.17 -11.14
C THR D 407 -42.25 16.88 -11.53
N ALA D 408 -43.34 16.12 -11.64
CA ALA D 408 -44.64 16.76 -11.83
C ALA D 408 -45.00 17.66 -10.65
N ALA D 409 -44.45 17.37 -9.47
CA ALA D 409 -44.74 18.16 -8.28
C ALA D 409 -44.20 19.57 -8.41
N ILE D 410 -42.92 19.72 -8.74
CA ILE D 410 -42.40 21.04 -9.07
C ILE D 410 -43.09 21.58 -10.30
N ASN D 411 -43.52 20.71 -11.20
CA ASN D 411 -44.27 21.20 -12.34
C ASN D 411 -45.61 21.79 -11.96
N VAL D 412 -46.09 21.52 -10.74
CA VAL D 412 -47.31 22.17 -10.28
C VAL D 412 -47.10 23.67 -10.20
N LEU D 413 -45.93 24.08 -9.72
CA LEU D 413 -45.48 25.44 -9.94
C LEU D 413 -45.36 25.72 -11.43
N ARG D 414 -44.45 24.98 -12.08
CA ARG D 414 -43.87 25.50 -13.30
C ARG D 414 -44.88 25.55 -14.46
N ARG D 415 -46.05 24.94 -14.29
CA ARG D 415 -47.20 25.28 -15.12
C ARG D 415 -47.54 26.76 -15.01
N TYR D 416 -47.50 27.29 -13.78
CA TYR D 416 -47.84 28.68 -13.53
C TYR D 416 -46.87 29.60 -14.28
N ASP D 417 -47.14 30.90 -14.18
CA ASP D 417 -46.12 31.88 -14.53
C ASP D 417 -45.01 31.70 -13.50
N THR D 418 -43.98 30.96 -13.89
CA THR D 418 -43.04 30.39 -12.95
C THR D 418 -42.17 31.44 -12.28
N LYS D 419 -42.08 32.64 -12.85
CA LYS D 419 -41.13 33.66 -12.41
C LYS D 419 -41.77 34.69 -11.48
N SER D 420 -42.67 34.27 -10.59
CA SER D 420 -43.26 35.22 -9.65
C SER D 420 -42.24 35.61 -8.60
N LEU D 421 -41.24 36.39 -9.00
CA LEU D 421 -40.17 36.84 -8.13
C LEU D 421 -40.48 38.21 -7.54
N ARG D 422 -41.76 38.51 -7.33
CA ARG D 422 -42.14 39.62 -6.47
C ARG D 422 -41.39 39.55 -5.16
N GLY D 423 -41.56 38.45 -4.43
CA GLY D 423 -40.76 38.20 -3.25
C GLY D 423 -41.38 38.88 -2.06
N GLY D 424 -41.67 38.12 -1.00
CA GLY D 424 -42.41 38.69 0.13
C GLY D 424 -43.89 38.83 -0.14
N GLU D 425 -44.25 39.44 -1.26
CA GLU D 425 -45.62 39.40 -1.75
C GLU D 425 -46.10 37.96 -1.81
N LEU D 426 -47.13 37.66 -1.02
CA LEU D 426 -47.66 36.31 -1.02
C LEU D 426 -48.41 36.11 -2.33
N THR D 427 -47.72 35.57 -3.32
CA THR D 427 -48.31 35.39 -4.64
C THR D 427 -49.51 34.45 -4.53
N ALA D 428 -50.53 34.69 -5.36
CA ALA D 428 -51.76 33.91 -5.28
C ALA D 428 -51.51 32.43 -5.48
N ALA D 429 -50.45 32.06 -6.20
CA ALA D 429 -49.99 30.69 -6.21
C ALA D 429 -49.65 30.22 -4.80
N MET D 430 -49.00 31.08 -4.01
CA MET D 430 -48.51 30.67 -2.70
C MET D 430 -49.65 30.26 -1.76
N GLU D 431 -50.87 30.71 -2.04
CA GLU D 431 -52.06 30.12 -1.43
C GLU D 431 -52.62 28.98 -2.28
N SER D 432 -52.49 29.09 -3.60
CA SER D 432 -53.00 28.10 -4.54
C SER D 432 -51.98 27.02 -4.87
N LEU D 433 -51.04 26.76 -3.96
CA LEU D 433 -49.97 25.79 -4.24
C LEU D 433 -50.55 24.40 -4.46
N LYS D 434 -51.23 23.86 -3.45
CA LYS D 434 -51.91 22.59 -3.60
C LYS D 434 -53.18 22.70 -4.44
N ALA D 435 -53.57 23.91 -4.84
CA ALA D 435 -54.82 24.07 -5.59
C ALA D 435 -54.73 23.42 -6.96
N GLU D 436 -53.73 23.76 -7.75
CA GLU D 436 -53.64 23.25 -9.11
C GLU D 436 -53.34 21.76 -9.09
N LEU D 437 -53.77 21.07 -10.13
CA LEU D 437 -53.82 19.63 -10.16
C LEU D 437 -52.65 19.01 -10.93
N VAL D 438 -52.38 17.76 -10.60
CA VAL D 438 -51.56 16.91 -11.43
C VAL D 438 -52.24 16.73 -12.77
N ARG D 439 -51.45 16.80 -13.86
CA ARG D 439 -51.99 16.61 -15.19
C ARG D 439 -50.97 15.89 -16.06
N ASN D 440 -51.48 15.20 -17.08
CA ASN D 440 -50.63 14.39 -17.94
C ASN D 440 -49.55 15.21 -18.63
N ILE D 441 -49.78 16.51 -18.79
CA ILE D 441 -48.73 17.40 -19.27
C ILE D 441 -47.54 17.39 -18.31
N ASP D 442 -47.80 17.33 -17.01
CA ASP D 442 -46.71 17.40 -16.06
C ASP D 442 -45.81 16.18 -16.15
N PHE D 443 -46.40 15.02 -16.38
CA PHE D 443 -45.61 13.82 -16.61
C PHE D 443 -45.11 13.74 -18.04
N GLU D 444 -45.68 14.52 -18.95
CA GLU D 444 -45.08 14.66 -20.27
C GLU D 444 -43.75 15.37 -20.14
N ALA D 445 -43.76 16.55 -19.51
CA ALA D 445 -42.54 17.31 -19.30
C ALA D 445 -41.55 16.53 -18.43
N ALA D 446 -42.06 15.84 -17.42
CA ALA D 446 -41.19 15.05 -16.59
C ALA D 446 -40.55 13.93 -17.39
N LEU D 447 -41.36 13.11 -18.03
CA LEU D 447 -40.85 11.90 -18.65
C LEU D 447 -39.97 12.21 -19.84
N GLN D 448 -40.17 13.35 -20.49
CA GLN D 448 -39.14 13.79 -21.43
C GLN D 448 -37.90 14.24 -20.68
N ALA D 449 -38.07 14.78 -19.47
CA ALA D 449 -36.91 15.14 -18.66
C ALA D 449 -36.18 13.93 -18.10
N VAL D 450 -36.84 12.77 -18.02
CA VAL D 450 -36.27 11.61 -17.33
C VAL D 450 -35.34 10.83 -18.24
N SER D 451 -34.22 10.38 -17.68
CA SER D 451 -33.49 9.23 -18.16
C SER D 451 -33.52 8.14 -17.08
N PRO D 452 -33.43 6.86 -17.45
CA PRO D 452 -33.34 5.82 -16.41
C PRO D 452 -32.08 5.95 -15.58
N SER D 453 -31.01 6.44 -16.20
CA SER D 453 -29.66 6.27 -15.68
C SER D 453 -29.42 4.82 -15.29
N ALA D 454 -29.80 3.90 -16.18
CA ALA D 454 -29.83 2.48 -15.90
C ALA D 454 -28.96 1.73 -16.90
N GLY D 455 -28.01 0.95 -16.37
CA GLY D 455 -27.31 -0.03 -17.17
C GLY D 455 -27.89 -1.40 -16.93
N PRO D 456 -28.76 -1.84 -17.84
CA PRO D 456 -29.48 -3.08 -17.66
C PRO D 456 -28.56 -4.29 -17.64
N ASP D 457 -27.39 -4.21 -18.25
CA ASP D 457 -26.56 -5.38 -18.45
C ASP D 457 -25.93 -5.89 -17.16
N THR D 458 -25.90 -5.08 -16.10
CA THR D 458 -25.25 -5.49 -14.86
C THR D 458 -26.23 -6.23 -13.96
N MET D 459 -27.37 -5.60 -13.70
CA MET D 459 -28.45 -6.32 -13.04
C MET D 459 -28.83 -7.56 -13.83
N LEU D 460 -28.78 -7.47 -15.16
CA LEU D 460 -28.98 -8.64 -15.99
C LEU D 460 -27.84 -9.64 -15.82
N LYS D 461 -26.62 -9.16 -15.56
CA LYS D 461 -25.50 -10.06 -15.34
C LYS D 461 -25.74 -10.91 -14.10
N CYS D 462 -25.98 -10.26 -12.97
CA CYS D 462 -26.26 -11.03 -11.77
C CYS D 462 -27.59 -11.75 -11.85
N LYS D 463 -28.48 -11.32 -12.74
CA LYS D 463 -29.67 -12.11 -13.05
C LYS D 463 -29.29 -13.39 -13.76
N GLU D 464 -28.21 -13.36 -14.53
CA GLU D 464 -27.63 -14.61 -15.01
C GLU D 464 -27.06 -15.38 -13.83
N TRP D 465 -26.46 -14.66 -12.87
CA TRP D 465 -25.98 -15.30 -11.66
C TRP D 465 -27.13 -15.75 -10.77
N CYS D 466 -28.27 -15.05 -10.80
CA CYS D 466 -29.32 -15.34 -9.84
C CYS D 466 -29.91 -16.72 -10.04
N ASP D 467 -29.73 -17.31 -11.22
CA ASP D 467 -30.04 -18.72 -11.46
C ASP D 467 -28.83 -19.61 -11.30
N SER D 468 -27.65 -19.10 -11.61
CA SER D 468 -26.41 -19.87 -11.63
C SER D 468 -25.55 -19.38 -10.48
N PHE D 469 -25.47 -20.20 -9.42
CA PHE D 469 -24.95 -19.87 -8.09
C PHE D 469 -25.86 -18.90 -7.33
N GLY D 470 -27.01 -18.54 -7.91
CA GLY D 470 -27.99 -17.75 -7.20
C GLY D 470 -29.08 -18.61 -6.61
N ALA D 471 -29.10 -18.73 -5.29
CA ALA D 471 -30.17 -19.43 -4.60
C ALA D 471 -31.43 -18.58 -4.63
N MET D 472 -32.48 -19.05 -3.97
CA MET D 472 -33.75 -18.33 -3.90
C MET D 472 -33.85 -17.53 -2.62
N TYR E 173 -7.71 13.81 18.50
CA TYR E 173 -8.42 13.36 17.32
C TYR E 173 -8.10 14.26 16.13
N ILE E 174 -8.64 13.88 14.98
CA ILE E 174 -8.72 14.75 13.82
C ILE E 174 -10.00 15.59 13.84
N VAL E 175 -10.59 15.77 15.02
CA VAL E 175 -11.83 16.52 15.13
C VAL E 175 -11.66 17.95 14.65
N GLN E 176 -10.61 18.63 15.13
CA GLN E 176 -10.29 19.93 14.58
C GLN E 176 -9.89 19.82 13.13
N ALA E 177 -9.30 18.68 12.74
CA ALA E 177 -9.08 18.42 11.32
C ALA E 177 -10.41 18.29 10.60
N VAL E 178 -11.44 17.84 11.30
CA VAL E 178 -12.80 17.93 10.75
C VAL E 178 -13.29 19.37 10.83
N ARG E 179 -12.85 20.12 11.83
CA ARG E 179 -13.11 21.56 11.85
C ARG E 179 -12.31 22.29 10.78
N GLY E 180 -11.41 21.60 10.07
CA GLY E 180 -10.88 22.14 8.83
C GLY E 180 -11.94 22.26 7.75
N THR E 181 -13.08 21.58 7.92
CA THR E 181 -14.18 21.62 6.97
C THR E 181 -15.13 22.77 7.24
N MET E 182 -14.65 23.84 7.87
CA MET E 182 -15.52 24.88 8.44
C MET E 182 -15.52 26.09 7.51
N ALA E 183 -16.68 26.39 6.94
CA ALA E 183 -16.90 27.59 6.16
C ALA E 183 -17.36 28.72 7.07
N THR E 184 -17.14 29.96 6.62
CA THR E 184 -17.60 31.13 7.35
C THR E 184 -17.53 32.38 6.47
N MET E 190 -20.63 38.67 -4.26
CA MET E 190 -20.89 38.14 -5.59
C MET E 190 -22.33 38.44 -6.02
N SER E 191 -22.78 37.81 -7.10
CA SER E 191 -24.14 38.04 -7.59
C SER E 191 -24.59 36.87 -8.43
N LEU E 192 -25.85 36.94 -8.86
CA LEU E 192 -26.51 35.89 -9.62
C LEU E 192 -26.54 36.19 -11.11
N ASP E 193 -26.78 37.44 -11.49
CA ASP E 193 -26.74 37.83 -12.88
C ASP E 193 -25.32 37.98 -13.40
N ASP E 194 -24.32 37.72 -12.55
CA ASP E 194 -22.99 37.38 -13.05
C ASP E 194 -23.06 36.22 -14.03
N ILE E 195 -24.01 35.32 -13.83
CA ILE E 195 -24.12 34.09 -14.60
C ILE E 195 -25.16 34.30 -15.70
N ILE E 196 -25.00 33.57 -16.81
CA ILE E 196 -25.84 33.71 -17.98
C ILE E 196 -26.19 32.31 -18.51
N GLY E 197 -27.46 32.11 -18.85
CA GLY E 197 -27.93 30.87 -19.43
C GLY E 197 -28.85 30.12 -18.49
N MET E 198 -28.99 28.83 -18.76
CA MET E 198 -29.41 27.83 -17.77
C MET E 198 -30.72 28.19 -17.07
N HIS E 199 -31.55 29.00 -17.72
CA HIS E 199 -32.70 29.60 -17.07
C HIS E 199 -33.62 28.54 -16.46
N ASP E 200 -33.73 27.38 -17.11
CA ASP E 200 -34.45 26.26 -16.52
C ASP E 200 -33.80 25.86 -15.21
N VAL E 201 -32.50 25.57 -15.23
CA VAL E 201 -31.79 25.18 -14.03
C VAL E 201 -31.82 26.31 -13.02
N LYS E 202 -31.60 27.53 -13.48
CA LYS E 202 -31.54 28.69 -12.60
C LYS E 202 -32.83 28.85 -11.81
N GLN E 203 -33.98 28.75 -12.46
CA GLN E 203 -35.22 28.85 -11.69
C GLN E 203 -35.40 27.61 -10.84
N VAL E 204 -35.01 26.44 -11.36
CA VAL E 204 -35.13 25.19 -10.60
C VAL E 204 -34.42 25.28 -9.27
N LEU E 205 -33.34 26.05 -9.21
CA LEU E 205 -32.46 26.08 -8.04
C LEU E 205 -32.70 27.30 -7.18
N HIS E 206 -32.92 28.45 -7.81
CA HIS E 206 -33.55 29.60 -7.17
C HIS E 206 -34.70 29.12 -6.30
N GLU E 207 -35.62 28.41 -6.93
CA GLU E 207 -36.79 27.85 -6.28
C GLU E 207 -36.40 26.81 -5.23
N ALA E 208 -35.79 25.72 -5.71
CA ALA E 208 -35.59 24.53 -4.89
C ALA E 208 -34.71 24.79 -3.69
N VAL E 209 -33.94 25.87 -3.69
CA VAL E 209 -33.05 26.21 -2.60
C VAL E 209 -33.64 27.30 -1.73
N THR E 210 -34.05 28.40 -2.34
CA THR E 210 -34.51 29.53 -1.55
C THR E 210 -35.87 29.25 -0.95
N LEU E 211 -36.83 28.93 -1.78
CA LEU E 211 -38.24 28.96 -1.40
C LEU E 211 -38.62 27.95 -0.32
N PRO E 212 -37.94 26.81 -0.18
CA PRO E 212 -38.16 26.00 1.03
C PRO E 212 -37.92 26.75 2.33
N LEU E 213 -37.03 27.75 2.32
CA LEU E 213 -36.93 28.64 3.48
C LEU E 213 -38.25 29.35 3.73
N LEU E 214 -38.97 29.65 2.66
CA LEU E 214 -39.98 30.69 2.66
C LEU E 214 -41.39 30.12 2.66
N VAL E 215 -41.57 28.91 2.15
CA VAL E 215 -42.83 28.19 2.30
C VAL E 215 -42.53 26.78 2.81
N PRO E 216 -42.13 26.63 4.07
CA PRO E 216 -42.15 25.29 4.67
C PRO E 216 -43.51 24.63 4.61
N GLU E 217 -44.58 25.41 4.54
CA GLU E 217 -45.95 24.91 4.58
C GLU E 217 -46.32 24.11 3.34
N PHE E 218 -45.53 24.20 2.27
CA PHE E 218 -45.81 23.47 1.04
C PHE E 218 -44.59 22.73 0.51
N PHE E 219 -43.40 23.23 0.82
CA PHE E 219 -42.18 22.48 0.56
C PHE E 219 -42.06 21.42 1.66
N GLN E 220 -42.57 20.23 1.37
CA GLN E 220 -42.84 19.24 2.40
C GLN E 220 -43.34 17.97 1.75
N GLY E 221 -43.22 16.87 2.48
CA GLY E 221 -43.76 15.60 2.03
C GLY E 221 -43.20 15.22 0.67
N LEU E 222 -44.09 15.02 -0.30
CA LEU E 222 -43.64 14.79 -1.66
C LEU E 222 -43.00 16.04 -2.23
N ARG E 223 -43.43 17.22 -1.78
CA ARG E 223 -42.79 18.46 -2.18
C ARG E 223 -41.54 18.70 -1.35
N SER E 224 -40.65 17.74 -1.30
CA SER E 224 -39.45 17.90 -0.51
C SER E 224 -38.39 18.62 -1.34
N PRO E 225 -37.52 19.41 -0.73
CA PRO E 225 -36.42 20.00 -1.50
C PRO E 225 -35.48 18.92 -2.00
N TRP E 226 -35.10 19.04 -3.27
CA TRP E 226 -34.09 18.13 -3.84
C TRP E 226 -32.80 18.38 -3.10
N LYS E 227 -32.47 17.49 -2.15
CA LYS E 227 -31.25 17.68 -1.38
C LYS E 227 -29.98 17.51 -2.20
N ALA E 228 -30.09 16.95 -3.41
CA ALA E 228 -28.97 16.88 -4.33
C ALA E 228 -29.49 16.37 -5.67
N MET E 229 -28.63 16.46 -6.66
CA MET E 229 -28.89 15.92 -8.00
C MET E 229 -27.53 15.75 -8.67
N VAL E 230 -27.53 15.59 -9.98
CA VAL E 230 -26.32 15.32 -10.74
C VAL E 230 -25.95 16.55 -11.57
N LEU E 231 -24.81 16.46 -12.24
CA LEU E 231 -24.25 17.58 -12.99
C LEU E 231 -23.28 17.06 -14.03
N ALA E 232 -22.99 17.88 -15.02
CA ALA E 232 -22.07 17.50 -16.08
C ALA E 232 -21.71 18.72 -16.90
N GLY E 233 -20.89 18.48 -17.93
CA GLY E 233 -20.42 19.50 -18.82
C GLY E 233 -18.92 19.66 -18.69
N PRO E 234 -18.28 20.37 -19.61
CA PRO E 234 -16.87 20.68 -19.43
C PRO E 234 -16.68 21.52 -18.18
N PRO E 235 -15.49 21.48 -17.57
CA PRO E 235 -15.22 22.45 -16.49
C PRO E 235 -14.75 23.79 -17.01
N GLY E 236 -14.37 24.65 -16.09
CA GLY E 236 -14.22 26.07 -16.33
C GLY E 236 -15.44 26.67 -16.97
N THR E 237 -16.60 26.20 -16.53
CA THR E 237 -17.90 26.60 -17.07
C THR E 237 -18.73 27.23 -15.96
N GLY E 238 -18.08 28.07 -15.16
CA GLY E 238 -18.73 28.79 -14.10
C GLY E 238 -19.35 27.92 -13.03
N LYS E 239 -18.96 26.65 -12.96
CA LYS E 239 -19.48 25.79 -11.89
C LYS E 239 -18.79 26.12 -10.58
N THR E 240 -17.50 26.40 -10.65
CA THR E 240 -16.81 26.91 -9.48
C THR E 240 -17.21 28.36 -9.23
N LEU E 241 -17.43 29.10 -10.31
CA LEU E 241 -17.78 30.50 -10.21
C LEU E 241 -19.15 30.65 -9.58
N ILE E 242 -20.13 29.90 -10.08
CA ILE E 242 -21.42 29.86 -9.40
C ILE E 242 -21.23 29.33 -7.99
N ALA E 243 -20.40 28.30 -7.83
CA ALA E 243 -20.25 27.70 -6.51
C ALA E 243 -19.77 28.71 -5.47
N ARG E 244 -19.05 29.74 -5.90
CA ARG E 244 -18.75 30.85 -5.00
C ARG E 244 -19.91 31.83 -4.93
N ALA E 245 -20.58 32.07 -6.06
CA ALA E 245 -21.67 33.05 -6.10
C ALA E 245 -22.80 32.64 -5.18
N ILE E 246 -23.08 31.35 -5.10
CA ILE E 246 -24.04 30.83 -4.15
C ILE E 246 -23.59 31.16 -2.73
N ALA E 247 -22.30 31.01 -2.48
CA ALA E 247 -21.75 31.18 -1.15
C ALA E 247 -21.93 32.61 -0.66
N SER E 248 -21.45 33.58 -1.43
CA SER E 248 -21.69 34.98 -1.05
C SER E 248 -23.18 35.32 -1.13
N GLU E 249 -23.95 34.56 -1.89
CA GLU E 249 -25.40 34.70 -1.95
C GLU E 249 -26.10 33.95 -0.82
N SER E 250 -25.55 32.83 -0.38
CA SER E 250 -26.30 31.90 0.44
C SER E 250 -26.60 32.45 1.82
N SER E 251 -27.86 32.34 2.22
CA SER E 251 -28.28 32.51 3.61
C SER E 251 -28.37 31.16 4.32
N SER E 252 -27.32 30.36 4.24
CA SER E 252 -27.23 29.11 4.99
C SER E 252 -25.76 28.88 5.35
N THR E 253 -25.46 27.68 5.84
CA THR E 253 -24.20 27.38 6.51
C THR E 253 -23.39 26.42 5.65
N PHE E 254 -22.45 26.95 4.87
CA PHE E 254 -21.59 26.10 4.07
C PHE E 254 -20.57 25.40 4.96
N PHE E 255 -19.97 24.34 4.42
CA PHE E 255 -18.84 23.65 5.05
C PHE E 255 -17.78 23.38 4.01
N THR E 256 -16.55 23.82 4.30
CA THR E 256 -15.44 23.72 3.37
C THR E 256 -15.21 22.28 3.00
N VAL E 257 -14.95 22.06 1.71
CA VAL E 257 -14.77 20.70 1.25
C VAL E 257 -13.49 20.28 0.54
N SER E 258 -12.93 19.21 1.08
CA SER E 258 -11.80 18.46 0.56
C SER E 258 -12.19 17.04 0.21
N SER E 259 -11.90 16.63 -1.02
CA SER E 259 -11.90 15.22 -1.36
C SER E 259 -10.74 14.47 -0.71
N THR E 260 -9.76 15.20 -0.17
CA THR E 260 -8.60 14.60 0.47
C THR E 260 -8.94 14.38 1.94
N ASP E 261 -9.92 13.53 2.17
CA ASP E 261 -10.16 13.01 3.51
C ASP E 261 -9.02 12.05 3.78
N LEU E 262 -7.97 12.56 4.44
CA LEU E 262 -6.66 11.92 4.40
C LEU E 262 -6.72 10.50 4.95
N SER E 263 -5.67 9.74 4.65
CA SER E 263 -5.65 8.29 4.81
C SER E 263 -4.44 7.92 5.65
N SER E 264 -4.56 8.09 6.95
CA SER E 264 -3.50 7.68 7.86
C SER E 264 -3.57 6.18 8.08
N LYS E 265 -2.41 5.60 8.41
CA LYS E 265 -2.38 4.29 9.06
C LYS E 265 -2.34 4.46 10.58
N TRP E 266 -3.21 5.35 11.04
CA TRP E 266 -3.44 5.71 12.44
C TRP E 266 -4.92 5.69 12.78
N ARG E 267 -5.77 6.09 11.84
CA ARG E 267 -7.22 5.93 11.94
C ARG E 267 -7.84 5.27 10.73
N GLY E 268 -7.27 5.49 9.53
CA GLY E 268 -7.72 4.84 8.32
C GLY E 268 -9.20 4.92 8.03
N ASP E 269 -9.87 5.96 8.53
CA ASP E 269 -11.32 6.06 8.42
C ASP E 269 -11.72 7.52 8.62
N SER E 270 -12.24 8.13 7.56
CA SER E 270 -12.70 9.50 7.58
C SER E 270 -14.15 9.64 7.14
N GLU E 271 -14.70 8.62 6.48
CA GLU E 271 -16.14 8.62 6.28
C GLU E 271 -16.88 8.54 7.60
N LYS E 272 -16.25 7.95 8.62
CA LYS E 272 -16.68 8.16 9.99
C LYS E 272 -16.71 9.65 10.32
N ILE E 273 -15.63 10.34 9.98
CA ILE E 273 -15.55 11.77 10.21
C ILE E 273 -16.57 12.50 9.34
N VAL E 274 -17.09 11.83 8.30
CA VAL E 274 -18.23 12.37 7.59
C VAL E 274 -19.53 12.05 8.33
N ARG E 275 -19.57 10.98 9.11
CA ARG E 275 -20.68 10.85 10.05
C ARG E 275 -20.70 12.04 10.98
N LEU E 276 -19.51 12.47 11.42
CA LEU E 276 -19.40 13.69 12.19
C LEU E 276 -19.73 14.92 11.35
N LEU E 277 -19.48 14.85 10.04
CA LEU E 277 -19.88 15.95 9.17
C LEU E 277 -21.38 16.15 9.21
N PHE E 278 -22.13 15.13 8.79
CA PHE E 278 -23.59 15.20 8.84
C PHE E 278 -24.09 15.55 10.22
N GLU E 279 -23.37 15.10 11.26
CA GLU E 279 -23.63 15.62 12.59
C GLU E 279 -23.57 17.15 12.60
N LEU E 280 -22.54 17.71 11.97
CA LEU E 280 -22.47 19.17 11.86
C LEU E 280 -23.62 19.71 11.01
N ALA E 281 -24.02 18.94 10.00
CA ALA E 281 -25.06 19.37 9.08
C ALA E 281 -26.37 19.59 9.81
N ARG E 282 -26.70 18.67 10.71
CA ARG E 282 -27.89 18.87 11.55
C ARG E 282 -27.60 19.89 12.64
N PHE E 283 -26.35 19.98 13.09
CA PHE E 283 -25.99 20.99 14.08
C PHE E 283 -26.18 22.39 13.50
N TYR E 284 -25.54 22.65 12.37
CA TYR E 284 -25.92 23.75 11.50
C TYR E 284 -27.10 23.37 10.61
N ALA E 285 -28.27 23.15 11.22
CA ALA E 285 -29.41 22.43 10.64
C ALA E 285 -29.73 22.80 9.20
N PRO E 286 -29.68 24.07 8.80
CA PRO E 286 -29.59 24.38 7.37
C PRO E 286 -28.13 24.53 6.97
N SER E 287 -27.75 23.93 5.85
CA SER E 287 -26.35 23.91 5.49
C SER E 287 -26.13 23.56 4.02
N ILE E 288 -24.88 23.72 3.58
CA ILE E 288 -24.50 23.63 2.17
C ILE E 288 -23.15 22.93 2.09
N ILE E 289 -22.97 22.10 1.06
CA ILE E 289 -21.66 21.59 0.68
C ILE E 289 -21.65 21.48 -0.84
N PHE E 290 -20.46 21.56 -1.43
CA PHE E 290 -20.32 21.24 -2.84
C PHE E 290 -18.88 20.89 -3.17
N ILE E 291 -18.72 19.82 -3.94
CA ILE E 291 -17.42 19.37 -4.44
C ILE E 291 -17.59 19.15 -5.93
N ASP E 292 -16.52 18.69 -6.59
CA ASP E 292 -16.57 18.42 -8.02
C ASP E 292 -15.61 17.30 -8.37
N GLN E 293 -15.88 16.65 -9.51
CA GLN E 293 -15.03 15.61 -10.08
C GLN E 293 -14.85 14.47 -9.09
N ILE E 294 -15.96 14.07 -8.48
CA ILE E 294 -15.94 13.17 -7.34
C ILE E 294 -16.23 11.74 -7.78
N ASP E 295 -15.84 11.41 -9.01
CA ASP E 295 -15.73 10.00 -9.37
C ASP E 295 -14.73 9.25 -8.49
N THR E 296 -13.86 9.98 -7.79
CA THR E 296 -13.01 9.45 -6.73
C THR E 296 -13.74 8.48 -5.81
N HIS E 307 -10.29 0.53 -6.45
CA HIS E 307 -9.49 -0.22 -5.48
C HIS E 307 -10.16 -0.17 -4.11
N GLU E 308 -9.38 -0.26 -3.02
CA GLU E 308 -9.98 -0.45 -1.70
C GLU E 308 -10.64 0.82 -1.19
N ALA E 309 -9.82 1.85 -0.95
CA ALA E 309 -10.28 3.08 -0.30
C ALA E 309 -11.45 3.71 -1.04
N SER E 310 -11.52 3.52 -2.36
CA SER E 310 -12.60 4.10 -3.14
C SER E 310 -13.95 3.58 -2.68
N ARG E 311 -14.19 2.27 -2.84
CA ARG E 311 -15.47 1.72 -2.43
C ARG E 311 -15.64 1.81 -0.91
N ARG E 312 -14.54 1.73 -0.16
CA ARG E 312 -14.61 1.84 1.29
C ARG E 312 -15.24 3.14 1.73
N VAL E 313 -14.54 4.24 1.45
CA VAL E 313 -15.00 5.52 1.97
C VAL E 313 -16.15 6.08 1.16
N LYS E 314 -16.23 5.73 -0.12
CA LYS E 314 -17.34 6.19 -0.94
C LYS E 314 -18.63 5.54 -0.49
N SER E 315 -18.67 4.20 -0.50
CA SER E 315 -19.87 3.51 -0.05
C SER E 315 -20.17 3.82 1.40
N GLU E 316 -19.15 4.07 2.21
CA GLU E 316 -19.37 4.59 3.55
C GLU E 316 -20.16 5.89 3.50
N PHE E 317 -19.76 6.80 2.61
CA PHE E 317 -20.54 8.02 2.46
C PHE E 317 -21.95 7.72 2.02
N LEU E 318 -22.12 6.75 1.13
CA LEU E 318 -23.44 6.44 0.64
C LEU E 318 -24.33 5.93 1.76
N VAL E 319 -23.74 5.22 2.71
CA VAL E 319 -24.43 4.93 3.96
C VAL E 319 -24.80 6.24 4.65
N GLN E 320 -23.90 7.22 4.61
CA GLN E 320 -24.19 8.54 5.16
C GLN E 320 -25.09 9.38 4.26
N MET E 321 -25.60 8.84 3.15
CA MET E 321 -26.23 9.68 2.15
C MET E 321 -27.53 10.29 2.68
N ASP E 322 -28.49 9.45 3.01
CA ASP E 322 -29.75 9.92 3.56
C ASP E 322 -29.60 10.13 5.06
N ARG E 331 -36.39 18.84 9.41
CA ARG E 331 -35.07 19.25 8.95
C ARG E 331 -34.96 19.11 7.43
N ARG E 332 -34.05 19.88 6.84
CA ARG E 332 -33.84 19.83 5.39
C ARG E 332 -32.53 20.52 5.07
N VAL E 333 -31.74 19.92 4.18
CA VAL E 333 -30.39 20.38 3.86
C VAL E 333 -30.13 20.07 2.40
N PHE E 334 -29.25 20.86 1.77
CA PHE E 334 -28.86 20.65 0.39
C PHE E 334 -27.36 20.47 0.27
N VAL E 335 -26.96 19.56 -0.62
CA VAL E 335 -25.59 19.43 -1.08
C VAL E 335 -25.66 19.01 -2.55
N LEU E 336 -24.58 19.24 -3.27
CA LEU E 336 -24.45 18.75 -4.64
C LEU E 336 -22.99 18.42 -4.92
N ALA E 337 -22.76 17.78 -6.05
CA ALA E 337 -21.41 17.61 -6.57
C ALA E 337 -21.50 17.47 -8.08
N ALA E 338 -20.34 17.42 -8.73
CA ALA E 338 -20.30 17.38 -10.19
C ALA E 338 -19.09 16.60 -10.65
N THR E 339 -18.97 16.50 -11.96
CA THR E 339 -17.79 16.00 -12.64
C THR E 339 -17.92 16.34 -14.11
N ASN E 340 -17.04 15.77 -14.92
CA ASN E 340 -17.17 15.81 -16.37
C ASN E 340 -17.02 14.42 -16.99
N ILE E 341 -16.81 13.38 -16.17
CA ILE E 341 -16.73 12.00 -16.63
C ILE E 341 -17.92 11.20 -16.13
N PRO E 342 -19.10 11.36 -16.73
CA PRO E 342 -20.14 10.34 -16.56
C PRO E 342 -19.81 9.08 -17.30
N TRP E 343 -18.86 9.15 -18.24
CA TRP E 343 -18.07 7.97 -18.58
C TRP E 343 -17.68 7.21 -17.32
N GLU E 344 -17.22 7.94 -16.29
CA GLU E 344 -17.02 7.38 -14.96
C GLU E 344 -18.25 7.58 -14.07
N LEU E 345 -19.43 7.23 -14.59
CA LEU E 345 -20.63 7.12 -13.78
C LEU E 345 -20.54 5.79 -13.05
N ASP E 346 -20.00 5.83 -11.82
CA ASP E 346 -19.35 4.66 -11.25
C ASP E 346 -20.31 3.50 -11.06
N GLU E 347 -21.19 3.57 -10.06
CA GLU E 347 -22.10 2.48 -9.76
C GLU E 347 -23.57 2.89 -9.69
N ALA E 348 -23.94 3.69 -8.69
CA ALA E 348 -25.35 4.11 -8.55
C ALA E 348 -25.66 5.62 -8.52
N LEU E 349 -24.65 6.45 -8.73
CA LEU E 349 -24.84 7.89 -8.63
C LEU E 349 -25.85 8.48 -9.64
N ARG E 350 -25.78 8.03 -10.90
CA ARG E 350 -26.68 8.55 -11.91
C ARG E 350 -28.13 8.22 -11.55
N ARG E 351 -28.36 7.01 -11.09
CA ARG E 351 -29.69 6.56 -10.68
C ARG E 351 -30.21 7.34 -9.47
N ARG E 352 -29.33 7.62 -8.51
CA ARG E 352 -29.73 8.32 -7.29
C ARG E 352 -30.07 9.82 -7.32
N PHE E 353 -29.73 10.50 -8.40
CA PHE E 353 -29.90 11.94 -8.48
C PHE E 353 -31.06 12.38 -9.37
N GLU E 354 -31.55 13.58 -9.08
CA GLU E 354 -32.74 14.14 -9.71
C GLU E 354 -32.52 14.41 -11.19
N LYS E 355 -31.33 14.90 -11.54
CA LYS E 355 -31.08 15.46 -12.85
C LYS E 355 -29.58 15.50 -13.11
N ARG E 356 -29.18 15.02 -14.28
CA ARG E 356 -27.78 14.99 -14.70
C ARG E 356 -27.63 16.02 -15.81
N ILE E 357 -26.94 17.11 -15.49
CA ILE E 357 -26.99 18.33 -16.29
C ILE E 357 -25.70 18.45 -17.06
N PHE E 358 -25.77 18.18 -18.35
CA PHE E 358 -24.74 18.55 -19.30
C PHE E 358 -25.00 19.95 -19.80
N ILE E 359 -23.93 20.66 -20.14
CA ILE E 359 -24.01 21.96 -20.78
C ILE E 359 -23.12 21.96 -22.02
N PRO E 360 -23.59 22.44 -23.17
CA PRO E 360 -22.69 22.73 -24.28
C PRO E 360 -22.02 24.07 -24.08
N LEU E 361 -21.25 24.48 -25.07
CA LEU E 361 -20.71 25.83 -25.07
C LEU E 361 -21.84 26.83 -25.26
N PRO E 362 -21.62 28.08 -24.88
CA PRO E 362 -22.69 29.08 -25.05
C PRO E 362 -22.91 29.40 -26.52
N ASP E 363 -24.01 30.09 -26.78
CA ASP E 363 -24.35 30.54 -28.12
C ASP E 363 -24.04 32.03 -28.26
N ILE E 364 -24.18 32.54 -29.48
CA ILE E 364 -23.81 33.91 -29.81
C ILE E 364 -24.54 34.94 -28.96
N ASP E 365 -25.71 34.59 -28.41
CA ASP E 365 -26.45 35.52 -27.57
C ASP E 365 -26.04 35.39 -26.12
N ALA E 366 -25.94 34.15 -25.63
CA ALA E 366 -25.23 33.92 -24.38
C ALA E 366 -23.88 34.60 -24.42
N ARG E 367 -23.10 34.33 -25.46
CA ARG E 367 -21.82 34.99 -25.63
C ARG E 367 -21.98 36.50 -25.74
N LYS E 368 -23.10 36.96 -26.28
CA LYS E 368 -23.38 38.39 -26.29
C LYS E 368 -23.40 38.96 -24.89
N LYS E 369 -24.29 38.43 -24.04
CA LYS E 369 -24.39 38.92 -22.67
C LYS E 369 -23.14 38.63 -21.86
N LEU E 370 -22.39 37.59 -22.23
CA LEU E 370 -21.21 37.20 -21.48
C LEU E 370 -20.05 38.13 -21.77
N ILE E 371 -19.82 38.41 -23.05
CA ILE E 371 -18.94 39.51 -23.44
C ILE E 371 -19.35 40.76 -22.70
N GLU E 372 -20.61 41.16 -22.88
CA GLU E 372 -21.10 42.41 -22.32
C GLU E 372 -21.02 42.44 -20.81
N LYS E 373 -20.90 41.28 -20.16
CA LYS E 373 -20.68 41.21 -18.72
C LYS E 373 -19.20 41.35 -18.38
N SER E 374 -18.35 40.68 -19.15
CA SER E 374 -16.91 40.80 -18.94
C SER E 374 -16.44 42.22 -19.16
N MET E 375 -17.02 42.89 -20.14
CA MET E 375 -16.63 44.22 -20.56
C MET E 375 -17.16 45.31 -19.64
N GLU E 376 -17.87 44.95 -18.59
CA GLU E 376 -18.46 45.95 -17.71
C GLU E 376 -17.38 46.72 -16.98
N GLY E 377 -17.63 48.01 -16.77
CA GLY E 377 -16.68 48.88 -16.08
C GLY E 377 -15.33 48.97 -16.75
N THR E 378 -15.25 48.67 -18.04
CA THR E 378 -13.99 48.56 -18.74
C THR E 378 -13.76 49.79 -19.61
N PRO E 379 -12.51 50.26 -19.75
CA PRO E 379 -12.24 51.25 -20.80
C PRO E 379 -12.30 50.57 -22.16
N LYS E 380 -13.39 50.83 -22.88
CA LYS E 380 -13.69 50.11 -24.11
C LYS E 380 -14.31 51.07 -25.10
N SER E 381 -13.83 51.00 -26.34
CA SER E 381 -14.33 51.89 -27.38
C SER E 381 -15.75 51.52 -27.76
N ASP E 382 -16.31 52.29 -28.68
CA ASP E 382 -17.70 52.16 -29.09
C ASP E 382 -17.87 51.90 -30.58
N GLU E 383 -16.78 51.58 -31.29
CA GLU E 383 -16.84 51.18 -32.68
C GLU E 383 -17.19 49.71 -32.85
N ILE E 384 -17.51 49.01 -31.78
CA ILE E 384 -17.36 47.57 -31.69
C ILE E 384 -18.72 46.91 -31.87
N ASN E 385 -18.76 45.86 -32.68
CA ASN E 385 -19.93 45.00 -32.82
C ASN E 385 -19.66 43.73 -32.02
N TYR E 386 -19.96 43.78 -30.73
CA TYR E 386 -19.75 42.64 -29.86
C TYR E 386 -20.58 41.44 -30.28
N ASP E 387 -21.64 41.65 -31.06
CA ASP E 387 -22.41 40.54 -31.59
C ASP E 387 -21.71 39.88 -32.76
N ASP E 388 -21.01 40.66 -33.59
CA ASP E 388 -20.20 40.06 -34.64
C ASP E 388 -18.94 39.44 -34.07
N LEU E 389 -18.34 40.09 -33.08
CA LEU E 389 -17.26 39.46 -32.33
C LEU E 389 -17.72 38.12 -31.79
N ALA E 390 -18.87 38.10 -31.11
CA ALA E 390 -19.46 36.85 -30.65
C ALA E 390 -19.71 35.88 -31.80
N ALA E 391 -20.00 36.41 -32.99
CA ALA E 391 -20.15 35.54 -34.15
C ALA E 391 -18.83 34.85 -34.46
N ARG E 392 -17.72 35.53 -34.20
CA ARG E 392 -16.41 34.94 -34.43
C ARG E 392 -15.92 34.09 -33.28
N THR E 393 -16.78 33.78 -32.31
CA THR E 393 -16.45 32.99 -31.13
C THR E 393 -16.87 31.53 -31.29
N GLU E 394 -16.66 30.97 -32.46
CA GLU E 394 -17.22 29.67 -32.79
C GLU E 394 -16.65 28.58 -31.88
N GLY E 395 -17.46 28.13 -30.93
CA GLY E 395 -17.18 26.94 -30.16
C GLY E 395 -16.20 27.13 -29.03
N PHE E 396 -16.46 28.09 -28.15
CA PHE E 396 -15.57 28.49 -27.08
C PHE E 396 -16.26 28.33 -25.73
N SER E 397 -15.57 28.74 -24.68
CA SER E 397 -16.06 28.72 -23.32
C SER E 397 -16.35 30.15 -22.85
N GLY E 398 -16.90 30.25 -21.65
CA GLY E 398 -16.96 31.56 -21.01
C GLY E 398 -15.58 32.08 -20.69
N ALA E 399 -14.73 31.22 -20.12
CA ALA E 399 -13.36 31.60 -19.78
C ALA E 399 -12.59 32.06 -21.00
N ASP E 400 -12.91 31.51 -22.18
CA ASP E 400 -12.32 32.03 -23.42
C ASP E 400 -12.64 33.50 -23.57
N VAL E 401 -13.90 33.86 -23.39
CA VAL E 401 -14.30 35.27 -23.44
C VAL E 401 -13.56 36.06 -22.37
N VAL E 402 -13.35 35.45 -21.20
CA VAL E 402 -12.72 36.16 -20.11
C VAL E 402 -11.29 36.53 -20.47
N SER E 403 -10.46 35.52 -20.67
CA SER E 403 -9.04 35.77 -20.89
C SER E 403 -8.75 36.30 -22.28
N LEU E 404 -9.76 36.37 -23.15
CA LEU E 404 -9.60 37.00 -24.45
C LEU E 404 -9.93 38.48 -24.38
N CYS E 405 -10.96 38.83 -23.60
CA CYS E 405 -11.10 40.22 -23.19
C CYS E 405 -9.82 40.70 -22.50
N ARG E 406 -9.22 39.82 -21.69
CA ARG E 406 -7.93 40.16 -21.12
C ARG E 406 -6.85 40.24 -22.17
N THR E 407 -6.94 39.39 -23.20
CA THR E 407 -5.95 39.45 -24.27
C THR E 407 -5.98 40.81 -24.95
N ALA E 408 -7.17 41.37 -25.12
CA ALA E 408 -7.26 42.74 -25.57
C ALA E 408 -6.75 43.71 -24.51
N ALA E 409 -6.96 43.36 -23.24
CA ALA E 409 -6.53 44.23 -22.14
C ALA E 409 -5.01 44.41 -22.13
N ILE E 410 -4.28 43.33 -22.39
CA ILE E 410 -2.84 43.47 -22.60
C ILE E 410 -2.56 44.12 -23.94
N ASN E 411 -3.43 43.89 -24.93
CA ASN E 411 -3.20 44.50 -26.23
C ASN E 411 -3.24 46.02 -26.15
N VAL E 412 -3.89 46.57 -25.11
CA VAL E 412 -3.69 47.99 -24.77
C VAL E 412 -2.21 48.28 -24.64
N LEU E 413 -1.53 47.55 -23.76
CA LEU E 413 -0.10 47.73 -23.57
C LEU E 413 0.65 47.53 -24.88
N ARG E 414 0.30 46.47 -25.60
CA ARG E 414 1.03 46.13 -26.82
C ARG E 414 0.94 47.25 -27.85
N ARG E 415 -0.16 48.00 -27.82
CA ARG E 415 -0.28 49.17 -28.67
C ARG E 415 0.40 50.38 -28.04
N TYR E 416 0.37 50.49 -26.72
CA TYR E 416 1.18 51.50 -26.06
C TYR E 416 2.65 51.26 -26.32
N ASP E 417 3.48 52.22 -25.90
CA ASP E 417 4.93 52.08 -25.97
C ASP E 417 5.34 51.06 -24.91
N THR E 418 5.12 49.78 -25.25
CA THR E 418 5.36 48.68 -24.33
C THR E 418 6.81 48.57 -23.92
N LYS E 419 7.74 49.15 -24.69
CA LYS E 419 9.13 49.25 -24.29
C LYS E 419 9.36 50.26 -23.17
N SER E 420 8.34 50.80 -22.52
CA SER E 420 8.52 51.67 -21.36
C SER E 420 8.94 50.85 -20.15
N LEU E 421 10.13 50.27 -20.22
CA LEU E 421 10.73 49.52 -19.13
C LEU E 421 11.77 50.36 -18.40
N ARG E 422 11.53 51.68 -18.33
CA ARG E 422 12.39 52.57 -17.56
C ARG E 422 12.56 52.07 -16.14
N GLY E 423 11.44 51.78 -15.48
CA GLY E 423 11.47 51.13 -14.18
C GLY E 423 11.61 52.14 -13.07
N GLY E 424 10.64 52.17 -12.16
CA GLY E 424 10.64 53.17 -11.10
C GLY E 424 10.24 54.53 -11.62
N GLU E 425 11.01 55.07 -12.57
CA GLU E 425 10.60 56.24 -13.32
C GLU E 425 9.21 56.06 -13.86
N LEU E 426 8.24 56.74 -13.28
CA LEU E 426 6.84 56.49 -13.64
C LEU E 426 6.41 56.79 -15.07
N THR E 427 6.78 57.97 -15.53
CA THR E 427 6.51 58.46 -16.90
C THR E 427 5.08 58.33 -17.45
N ALA E 428 5.02 58.19 -18.77
CA ALA E 428 3.78 58.10 -19.50
C ALA E 428 2.99 56.86 -19.12
N ALA E 429 3.68 55.74 -18.96
CA ALA E 429 2.98 54.53 -18.62
C ALA E 429 2.27 54.70 -17.29
N MET E 430 2.95 55.23 -16.28
CA MET E 430 2.27 55.37 -15.00
C MET E 430 1.12 56.36 -15.10
N GLU E 431 1.37 57.43 -15.84
CA GLU E 431 0.35 58.45 -15.99
C GLU E 431 -0.93 57.93 -16.67
N SER E 432 -0.80 57.07 -17.67
CA SER E 432 -2.03 56.68 -18.38
C SER E 432 -2.43 55.24 -18.76
N LEU E 433 -2.85 54.42 -17.82
CA LEU E 433 -3.37 53.13 -18.24
C LEU E 433 -4.89 53.17 -18.36
N LYS E 434 -5.54 54.06 -17.61
CA LYS E 434 -6.96 54.32 -17.81
C LYS E 434 -7.26 55.02 -19.13
N ALA E 435 -6.25 55.54 -19.82
CA ALA E 435 -6.48 56.36 -21.00
C ALA E 435 -7.07 55.56 -22.14
N GLU E 436 -6.54 54.37 -22.40
CA GLU E 436 -6.97 53.61 -23.56
C GLU E 436 -8.43 53.22 -23.47
N LEU E 437 -9.05 53.13 -24.63
CA LEU E 437 -10.30 52.41 -24.80
C LEU E 437 -10.04 51.26 -25.77
N VAL E 438 -10.40 50.05 -25.35
CA VAL E 438 -10.13 48.87 -26.14
C VAL E 438 -10.97 48.88 -27.41
N ARG E 439 -10.45 48.23 -28.46
CA ARG E 439 -10.96 48.40 -29.81
C ARG E 439 -11.02 47.06 -30.53
N ASN E 440 -11.66 47.08 -31.69
CA ASN E 440 -11.81 45.87 -32.51
C ASN E 440 -10.48 45.27 -32.88
N ILE E 441 -9.44 46.08 -33.02
CA ILE E 441 -8.14 45.58 -33.46
C ILE E 441 -7.46 44.80 -32.34
N ASP E 442 -7.66 45.24 -31.09
CA ASP E 442 -7.14 44.52 -29.94
C ASP E 442 -7.64 43.08 -29.96
N PHE E 443 -8.96 42.93 -30.05
CA PHE E 443 -9.53 41.61 -30.17
C PHE E 443 -9.10 40.92 -31.44
N GLU E 444 -8.85 41.70 -32.51
CA GLU E 444 -8.48 41.11 -33.78
C GLU E 444 -7.17 40.33 -33.65
N ALA E 445 -6.16 40.94 -33.03
CA ALA E 445 -4.96 40.19 -32.73
C ALA E 445 -5.23 39.12 -31.70
N ALA E 446 -6.15 39.39 -30.77
CA ALA E 446 -6.45 38.44 -29.72
C ALA E 446 -6.96 37.12 -30.28
N LEU E 447 -7.67 37.17 -31.40
CA LEU E 447 -8.22 35.97 -32.02
C LEU E 447 -7.11 35.02 -32.44
N GLN E 448 -6.26 35.48 -33.35
CA GLN E 448 -5.10 34.68 -33.77
C GLN E 448 -4.19 34.34 -32.61
N ALA E 449 -4.25 35.09 -31.51
CA ALA E 449 -3.54 34.69 -30.31
C ALA E 449 -4.08 33.38 -29.73
N VAL E 450 -5.29 32.96 -30.11
CA VAL E 450 -6.01 31.91 -29.41
C VAL E 450 -5.65 30.54 -29.95
N SER E 451 -5.52 29.58 -29.02
CA SER E 451 -5.75 28.17 -29.28
C SER E 451 -6.63 27.70 -28.12
N PRO E 452 -7.98 27.71 -28.26
CA PRO E 452 -8.86 27.75 -27.08
C PRO E 452 -8.66 26.56 -26.15
N SER E 453 -8.84 25.36 -26.69
CA SER E 453 -8.71 24.13 -25.94
C SER E 453 -8.79 22.99 -26.94
N ALA E 454 -8.79 21.77 -26.45
CA ALA E 454 -8.87 20.60 -27.31
C ALA E 454 -10.31 20.40 -27.79
N GLY E 455 -10.49 19.37 -28.62
CA GLY E 455 -11.82 19.07 -29.13
C GLY E 455 -12.75 18.59 -28.03
N PRO E 456 -14.02 18.94 -28.17
CA PRO E 456 -15.04 18.61 -27.18
C PRO E 456 -15.71 17.28 -27.48
N ASP E 457 -15.02 16.37 -28.16
CA ASP E 457 -15.61 15.10 -28.53
C ASP E 457 -15.94 14.25 -27.33
N THR E 458 -15.28 14.49 -26.20
CA THR E 458 -15.69 13.85 -24.96
C THR E 458 -16.92 14.53 -24.38
N MET E 459 -16.96 15.87 -24.49
CA MET E 459 -18.19 16.58 -24.17
C MET E 459 -19.31 16.13 -25.08
N LEU E 460 -18.98 15.83 -26.33
CA LEU E 460 -19.95 15.22 -27.24
C LEU E 460 -20.34 13.84 -26.76
N LYS E 461 -19.38 13.11 -26.19
CA LYS E 461 -19.64 11.74 -25.75
C LYS E 461 -20.63 11.72 -24.60
N CYS E 462 -20.29 12.39 -23.50
CA CYS E 462 -21.22 12.48 -22.39
C CYS E 462 -22.48 13.25 -22.76
N LYS E 463 -22.41 14.10 -23.78
CA LYS E 463 -23.62 14.68 -24.34
C LYS E 463 -24.49 13.60 -24.96
N GLU E 464 -23.89 12.57 -25.52
CA GLU E 464 -24.68 11.40 -25.89
C GLU E 464 -25.17 10.68 -24.65
N TRP E 465 -24.39 10.70 -23.57
CA TRP E 465 -24.87 10.15 -22.31
C TRP E 465 -25.94 11.03 -21.68
N CYS E 466 -25.80 12.35 -21.82
CA CYS E 466 -26.68 13.25 -21.08
C CYS E 466 -28.14 13.08 -21.50
N ASP E 467 -28.39 12.54 -22.69
CA ASP E 467 -29.73 12.24 -23.13
C ASP E 467 -30.19 10.89 -22.60
N SER E 468 -29.49 9.83 -23.00
CA SER E 468 -29.84 8.47 -22.64
C SER E 468 -28.99 8.05 -21.46
N PHE E 469 -29.65 7.74 -20.35
CA PHE E 469 -29.05 7.48 -19.03
C PHE E 469 -28.59 8.74 -18.33
N GLY E 470 -28.64 9.88 -18.98
CA GLY E 470 -28.38 11.16 -18.36
C GLY E 470 -29.71 11.84 -18.07
N ALA E 471 -29.97 12.13 -16.81
CA ALA E 471 -31.26 12.68 -16.41
C ALA E 471 -31.34 14.14 -16.85
N MET E 472 -32.39 14.83 -16.40
CA MET E 472 -32.66 16.20 -16.80
C MET E 472 -31.51 17.17 -16.54
N TYR F 173 3.26 18.84 10.38
CA TYR F 173 2.88 17.47 10.70
C TYR F 173 3.94 16.49 10.22
N ILE F 174 3.84 16.03 8.96
CA ILE F 174 4.90 15.28 8.30
C ILE F 174 5.73 16.16 7.39
N VAL F 175 5.93 17.40 7.77
CA VAL F 175 6.50 18.44 6.94
C VAL F 175 7.99 18.33 6.77
N GLN F 176 8.61 17.20 7.14
CA GLN F 176 9.98 16.94 6.74
C GLN F 176 10.16 17.20 5.25
N ALA F 177 9.39 16.51 4.41
CA ALA F 177 9.45 16.73 2.98
C ALA F 177 8.80 18.02 2.54
N VAL F 178 7.90 18.57 3.37
CA VAL F 178 7.28 19.84 3.03
C VAL F 178 8.22 20.99 3.33
N ARG F 179 8.70 21.06 4.58
CA ARG F 179 9.72 22.03 4.92
C ARG F 179 11.01 21.80 4.15
N GLY F 180 11.21 20.59 3.60
CA GLY F 180 12.36 20.34 2.76
C GLY F 180 12.39 21.25 1.55
N THR F 181 11.24 21.41 0.88
CA THR F 181 11.18 22.27 -0.29
C THR F 181 11.19 23.75 0.04
N MET F 182 11.33 24.13 1.32
CA MET F 182 11.63 25.51 1.65
C MET F 182 12.90 25.91 0.91
N ALA F 183 12.93 27.16 0.44
CA ALA F 183 13.90 27.56 -0.57
C ALA F 183 14.37 28.99 -0.32
N THR F 184 15.54 29.29 -0.86
CA THR F 184 16.13 30.62 -0.78
C THR F 184 17.25 30.78 -1.80
N MET F 190 23.48 34.13 -10.80
CA MET F 190 23.52 34.54 -12.20
C MET F 190 22.59 35.72 -12.43
N SER F 191 22.49 36.15 -13.68
CA SER F 191 21.74 37.34 -14.06
C SER F 191 20.47 36.97 -14.82
N LEU F 192 19.74 38.00 -15.23
CA LEU F 192 18.42 37.79 -15.83
C LEU F 192 18.52 37.44 -17.32
N ASP F 193 19.02 38.36 -18.12
CA ASP F 193 19.04 38.21 -19.57
C ASP F 193 20.30 37.51 -20.04
N ASP F 194 20.96 36.74 -19.17
CA ASP F 194 21.91 35.72 -19.62
C ASP F 194 21.31 34.90 -20.75
N ILE F 195 20.04 34.52 -20.60
CA ILE F 195 19.30 33.85 -21.66
C ILE F 195 19.02 34.86 -22.77
N ILE F 196 18.93 34.36 -24.00
CA ILE F 196 18.73 35.18 -25.18
C ILE F 196 17.70 34.51 -26.07
N GLY F 197 16.52 35.11 -26.17
CA GLY F 197 15.48 34.64 -27.06
C GLY F 197 14.10 34.87 -26.48
N MET F 198 13.10 34.68 -27.36
CA MET F 198 11.69 34.76 -26.99
C MET F 198 11.34 36.12 -26.40
N HIS F 199 11.46 37.13 -27.26
CA HIS F 199 11.10 38.49 -26.85
C HIS F 199 9.68 38.55 -26.31
N ASP F 200 8.76 37.82 -26.93
CA ASP F 200 7.37 37.82 -26.49
C ASP F 200 7.24 37.26 -25.08
N VAL F 201 7.93 36.15 -24.81
CA VAL F 201 7.80 35.49 -23.51
C VAL F 201 8.35 36.39 -22.43
N LYS F 202 9.64 36.71 -22.52
CA LYS F 202 10.30 37.55 -21.54
C LYS F 202 9.56 38.86 -21.35
N GLN F 203 9.09 39.45 -22.45
CA GLN F 203 8.23 40.62 -22.39
C GLN F 203 7.03 40.37 -21.49
N VAL F 204 6.20 39.40 -21.84
CA VAL F 204 4.95 39.16 -21.15
C VAL F 204 5.17 38.81 -19.69
N LEU F 205 6.35 38.29 -19.36
CA LEU F 205 6.63 37.88 -18.01
C LEU F 205 7.08 39.05 -17.15
N HIS F 206 8.03 39.84 -17.67
CA HIS F 206 8.37 41.12 -17.06
C HIS F 206 7.11 41.94 -16.82
N GLU F 207 6.25 41.98 -17.82
CA GLU F 207 4.98 42.67 -17.69
C GLU F 207 4.14 42.04 -16.59
N ALA F 208 4.07 40.72 -16.59
CA ALA F 208 3.16 40.01 -15.70
C ALA F 208 3.61 40.08 -14.25
N VAL F 209 4.87 40.43 -13.99
CA VAL F 209 5.51 40.20 -12.71
C VAL F 209 6.07 41.49 -12.12
N THR F 210 6.88 42.20 -12.89
CA THR F 210 7.52 43.39 -12.39
C THR F 210 6.51 44.51 -12.18
N LEU F 211 5.58 44.65 -13.11
CA LEU F 211 4.68 45.79 -13.14
C LEU F 211 3.73 45.86 -11.95
N PRO F 212 3.00 44.80 -11.61
CA PRO F 212 1.95 44.93 -10.58
C PRO F 212 2.47 45.38 -9.24
N LEU F 213 3.75 45.15 -8.97
CA LEU F 213 4.37 45.77 -7.81
C LEU F 213 4.43 47.28 -7.98
N LEU F 214 4.85 47.73 -9.15
CA LEU F 214 4.90 49.15 -9.44
C LEU F 214 3.50 49.72 -9.63
N VAL F 215 2.62 48.96 -10.28
CA VAL F 215 1.30 49.42 -10.66
C VAL F 215 0.28 48.38 -10.24
N PRO F 216 0.02 48.19 -8.94
CA PRO F 216 -1.15 47.41 -8.54
C PRO F 216 -2.44 47.93 -9.13
N GLU F 217 -2.52 49.24 -9.35
CA GLU F 217 -3.79 49.88 -9.65
C GLU F 217 -4.35 49.42 -10.98
N PHE F 218 -3.48 49.17 -11.96
CA PHE F 218 -3.93 48.52 -13.19
C PHE F 218 -4.47 47.14 -12.88
N PHE F 219 -3.60 46.25 -12.44
CA PHE F 219 -3.86 44.82 -12.45
C PHE F 219 -4.95 44.50 -11.44
N GLN F 220 -6.18 44.36 -11.95
CA GLN F 220 -7.38 44.32 -11.11
C GLN F 220 -8.49 43.67 -11.92
N GLY F 221 -8.97 42.51 -11.47
CA GLY F 221 -10.08 41.84 -12.11
C GLY F 221 -9.79 41.51 -13.56
N LEU F 222 -10.45 42.26 -14.45
CA LEU F 222 -10.09 42.26 -15.87
C LEU F 222 -8.59 42.41 -16.04
N ARG F 223 -8.05 43.50 -15.52
CA ARG F 223 -6.65 43.84 -15.68
C ARG F 223 -5.70 42.92 -14.93
N SER F 224 -6.20 42.11 -14.00
CA SER F 224 -5.32 41.42 -13.08
C SER F 224 -4.48 40.37 -13.81
N PRO F 225 -3.36 39.95 -13.23
CA PRO F 225 -2.39 39.15 -13.99
C PRO F 225 -2.72 37.67 -13.88
N TRP F 226 -1.99 36.88 -14.66
CA TRP F 226 -2.02 35.43 -14.54
C TRP F 226 -1.03 35.00 -13.48
N LYS F 227 -1.41 34.00 -12.69
CA LYS F 227 -0.50 33.38 -11.75
C LYS F 227 0.14 32.11 -12.31
N ALA F 228 -0.20 31.72 -13.53
CA ALA F 228 0.51 30.64 -14.22
C ALA F 228 0.03 30.57 -15.66
N MET F 229 0.57 29.58 -16.36
CA MET F 229 0.17 29.22 -17.71
C MET F 229 0.66 27.79 -17.95
N VAL F 230 0.64 27.37 -19.20
CA VAL F 230 1.19 26.09 -19.63
C VAL F 230 2.47 26.33 -20.43
N LEU F 231 3.27 25.27 -20.55
CA LEU F 231 4.53 25.34 -21.27
C LEU F 231 4.96 23.97 -21.75
N ALA F 232 5.92 23.96 -22.67
CA ALA F 232 6.67 22.75 -22.97
C ALA F 232 7.91 23.13 -23.76
N GLY F 233 8.86 22.20 -23.79
CA GLY F 233 10.06 22.38 -24.57
C GLY F 233 10.99 21.19 -24.47
N PRO F 234 11.98 21.10 -25.36
CA PRO F 234 12.91 19.98 -25.29
C PRO F 234 13.77 20.08 -24.05
N PRO F 235 14.14 18.95 -23.42
CA PRO F 235 15.00 19.04 -22.24
C PRO F 235 16.34 19.71 -22.55
N GLY F 236 16.99 20.17 -21.48
CA GLY F 236 18.22 20.90 -21.60
C GLY F 236 18.13 22.15 -22.44
N THR F 237 16.93 22.75 -22.55
CA THR F 237 16.71 23.98 -23.30
C THR F 237 16.46 25.18 -22.38
N GLY F 238 17.05 25.17 -21.20
CA GLY F 238 17.08 26.35 -20.35
C GLY F 238 15.83 26.55 -19.54
N LYS F 239 14.89 25.61 -19.58
CA LYS F 239 13.66 25.74 -18.82
C LYS F 239 13.94 25.62 -17.33
N THR F 240 14.97 24.85 -16.97
CA THR F 240 15.39 24.76 -15.58
C THR F 240 16.38 25.86 -15.25
N LEU F 241 17.10 26.36 -16.26
CA LEU F 241 18.05 27.44 -16.05
C LEU F 241 17.34 28.78 -15.94
N ILE F 242 16.30 28.97 -16.77
CA ILE F 242 15.51 30.18 -16.69
C ILE F 242 14.80 30.24 -15.35
N ALA F 243 14.46 29.09 -14.78
CA ALA F 243 13.92 29.06 -13.43
C ALA F 243 14.88 29.73 -12.46
N ARG F 244 16.18 29.49 -12.63
CA ARG F 244 17.17 30.18 -11.83
C ARG F 244 17.34 31.62 -12.29
N ALA F 245 17.03 31.93 -13.55
CA ALA F 245 17.09 33.30 -14.02
C ALA F 245 16.08 34.16 -13.30
N ILE F 246 14.92 33.59 -12.99
CA ILE F 246 13.84 34.37 -12.40
C ILE F 246 13.85 34.26 -10.89
N ALA F 247 14.24 33.10 -10.37
CA ALA F 247 14.59 32.99 -8.97
C ALA F 247 15.69 34.00 -8.63
N SER F 248 16.62 34.21 -9.57
CA SER F 248 17.57 35.31 -9.45
C SER F 248 16.86 36.65 -9.56
N GLU F 249 15.91 36.76 -10.50
CA GLU F 249 15.07 37.95 -10.56
C GLU F 249 14.22 38.07 -9.31
N SER F 250 13.90 36.95 -8.68
CA SER F 250 12.82 36.92 -7.71
C SER F 250 13.23 37.66 -6.45
N SER F 251 13.07 38.99 -6.50
CA SER F 251 12.97 39.76 -5.26
C SER F 251 11.78 39.29 -4.44
N SER F 252 10.77 38.72 -5.10
CA SER F 252 9.72 37.95 -4.44
C SER F 252 10.30 36.62 -3.97
N THR F 253 9.40 35.74 -3.53
CA THR F 253 9.76 34.47 -2.95
C THR F 253 9.44 33.32 -3.90
N PHE F 254 10.32 32.32 -3.92
CA PHE F 254 10.11 31.09 -4.65
C PHE F 254 9.98 29.92 -3.68
N PHE F 255 9.18 28.94 -4.08
CA PHE F 255 9.05 27.68 -3.36
C PHE F 255 9.46 26.55 -4.28
N THR F 256 10.30 25.65 -3.80
CA THR F 256 10.84 24.59 -4.61
C THR F 256 9.91 23.38 -4.64
N VAL F 257 10.30 22.40 -5.45
CA VAL F 257 9.36 21.51 -6.10
C VAL F 257 9.90 20.08 -6.12
N SER F 258 8.99 19.12 -6.08
CA SER F 258 9.23 17.76 -6.55
C SER F 258 8.14 17.38 -7.53
N SER F 259 8.45 16.40 -8.35
CA SER F 259 7.44 15.66 -9.09
C SER F 259 6.97 14.41 -8.36
N THR F 260 7.39 14.24 -7.12
CA THR F 260 7.19 13.03 -6.35
C THR F 260 6.82 13.42 -4.93
N ASP F 261 5.51 13.55 -4.67
CA ASP F 261 5.00 13.57 -3.30
C ASP F 261 4.69 12.15 -2.85
N LEU F 262 5.70 11.30 -2.99
CA LEU F 262 5.49 9.86 -2.90
C LEU F 262 5.25 9.42 -1.47
N SER F 263 3.98 9.36 -1.07
CA SER F 263 3.59 8.75 0.19
C SER F 263 3.54 7.24 0.00
N SER F 264 2.99 6.54 0.97
CA SER F 264 2.88 5.09 0.93
C SER F 264 1.42 4.71 1.01
N LYS F 265 1.14 3.43 0.75
CA LYS F 265 -0.20 2.91 1.00
C LYS F 265 -0.60 3.09 2.45
N TRP F 266 0.37 3.12 3.36
CA TRP F 266 0.11 3.48 4.75
C TRP F 266 -0.10 4.98 4.89
N ARG F 267 0.78 5.79 4.28
CA ARG F 267 0.68 7.23 4.40
C ARG F 267 -0.45 7.78 3.51
N GLY F 268 -0.41 7.45 2.22
CA GLY F 268 -1.59 7.51 1.37
C GLY F 268 -2.17 8.87 1.09
N ASP F 269 -1.64 9.95 1.67
CA ASP F 269 -2.21 11.28 1.52
C ASP F 269 -1.06 12.26 1.31
N SER F 270 -0.99 12.85 0.11
CA SER F 270 0.13 13.70 -0.28
C SER F 270 -0.29 14.95 -1.05
N GLU F 271 -1.55 15.35 -0.96
CA GLU F 271 -2.02 16.61 -1.55
C GLU F 271 -2.57 17.56 -0.50
N LYS F 272 -2.90 17.06 0.69
CA LYS F 272 -2.99 17.93 1.85
C LYS F 272 -1.66 18.60 2.14
N ILE F 273 -0.58 17.94 1.73
CA ILE F 273 0.71 18.60 1.58
C ILE F 273 0.52 19.92 0.87
N VAL F 274 -0.15 19.88 -0.28
CA VAL F 274 -0.35 21.10 -1.04
C VAL F 274 -1.38 22.00 -0.36
N ARG F 275 -2.30 21.42 0.41
CA ARG F 275 -3.19 22.23 1.22
C ARG F 275 -2.42 23.04 2.24
N LEU F 276 -1.23 22.59 2.60
CA LEU F 276 -0.29 23.40 3.38
C LEU F 276 0.62 24.25 2.50
N LEU F 277 0.87 23.81 1.27
CA LEU F 277 1.65 24.60 0.32
C LEU F 277 1.06 25.99 0.18
N PHE F 278 -0.21 26.06 -0.22
CA PHE F 278 -0.82 27.37 -0.41
C PHE F 278 -0.81 28.21 0.87
N GLU F 279 -0.78 27.56 2.03
CA GLU F 279 -0.50 28.29 3.26
C GLU F 279 0.90 28.88 3.23
N LEU F 280 1.84 28.16 2.62
CA LEU F 280 3.17 28.73 2.43
C LEU F 280 3.12 29.87 1.43
N ALA F 281 2.37 29.68 0.35
CA ALA F 281 2.21 30.71 -0.68
C ALA F 281 1.74 32.02 -0.08
N ARG F 282 0.74 31.96 0.79
CA ARG F 282 0.28 33.16 1.46
C ARG F 282 1.29 33.60 2.52
N PHE F 283 2.00 32.65 3.12
CA PHE F 283 2.98 32.97 4.15
C PHE F 283 4.11 33.81 3.55
N TYR F 284 4.70 33.32 2.48
CA TYR F 284 5.58 34.11 1.63
C TYR F 284 4.81 34.80 0.53
N ALA F 285 3.80 35.62 0.90
CA ALA F 285 2.66 36.06 0.08
C ALA F 285 2.99 36.28 -1.39
N PRO F 286 4.06 37.01 -1.74
CA PRO F 286 4.54 36.97 -3.13
C PRO F 286 5.39 35.72 -3.33
N SER F 287 4.81 34.73 -4.00
CA SER F 287 5.34 33.36 -4.00
C SER F 287 5.40 32.83 -5.42
N ILE F 288 6.43 32.01 -5.68
CA ILE F 288 6.75 31.54 -7.03
C ILE F 288 7.03 30.05 -6.96
N ILE F 289 6.53 29.30 -7.96
CA ILE F 289 6.74 27.86 -8.06
C ILE F 289 6.88 27.50 -9.53
N PHE F 290 7.67 26.46 -9.81
CA PHE F 290 7.72 25.89 -11.15
C PHE F 290 8.17 24.44 -11.12
N ILE F 291 7.51 23.61 -11.95
CA ILE F 291 7.89 22.22 -12.16
C ILE F 291 8.08 21.99 -13.66
N ASP F 292 8.60 20.82 -13.98
CA ASP F 292 8.54 20.27 -15.33
C ASP F 292 7.85 18.91 -15.30
N GLN F 293 7.24 18.54 -16.43
CA GLN F 293 6.69 17.20 -16.65
C GLN F 293 5.63 16.84 -15.60
N ILE F 294 4.52 17.58 -15.67
CA ILE F 294 3.36 17.24 -14.86
C ILE F 294 2.84 15.84 -15.17
N ASP F 295 3.10 15.34 -16.38
CA ASP F 295 2.55 14.06 -16.82
C ASP F 295 2.95 12.90 -15.91
N THR F 296 3.95 13.10 -15.05
CA THR F 296 4.17 12.27 -13.89
C THR F 296 2.86 11.88 -13.20
N HIS F 307 -1.99 5.44 -13.13
CA HIS F 307 -2.68 4.66 -12.10
C HIS F 307 -3.80 5.48 -11.47
N GLU F 308 -4.31 5.01 -10.33
CA GLU F 308 -5.45 5.64 -9.70
C GLU F 308 -5.02 6.82 -8.83
N ALA F 309 -4.03 6.59 -7.97
CA ALA F 309 -3.58 7.65 -7.06
C ALA F 309 -3.00 8.83 -7.83
N SER F 310 -2.49 8.57 -9.03
CA SER F 310 -2.21 9.64 -9.97
C SER F 310 -3.42 10.55 -10.12
N ARG F 311 -4.57 9.96 -10.44
CA ARG F 311 -5.79 10.75 -10.56
C ARG F 311 -6.18 11.37 -9.23
N ARG F 312 -5.88 10.70 -8.12
CA ARG F 312 -6.21 11.25 -6.81
C ARG F 312 -5.52 12.59 -6.61
N VAL F 313 -4.19 12.58 -6.63
CA VAL F 313 -3.44 13.78 -6.28
C VAL F 313 -3.51 14.81 -7.40
N LYS F 314 -3.40 14.34 -8.64
CA LYS F 314 -3.51 15.22 -9.80
C LYS F 314 -4.83 15.97 -9.77
N SER F 315 -5.91 15.28 -9.43
CA SER F 315 -7.18 15.94 -9.22
C SER F 315 -7.15 16.83 -7.98
N GLU F 316 -6.36 16.45 -6.98
CA GLU F 316 -6.29 17.20 -5.73
C GLU F 316 -5.81 18.64 -5.93
N PHE F 317 -4.85 18.81 -6.82
CA PHE F 317 -4.25 20.11 -7.12
C PHE F 317 -5.23 21.13 -7.71
N LEU F 318 -6.22 20.66 -8.46
CA LEU F 318 -7.16 21.56 -9.15
C LEU F 318 -8.03 22.51 -8.32
N VAL F 319 -8.58 22.09 -7.19
CA VAL F 319 -9.40 23.02 -6.44
C VAL F 319 -8.54 24.01 -5.67
N GLN F 320 -7.41 23.55 -5.15
CA GLN F 320 -6.47 24.43 -4.49
C GLN F 320 -5.80 25.39 -5.46
N MET F 321 -5.80 25.06 -6.75
CA MET F 321 -5.21 25.92 -7.77
C MET F 321 -5.75 27.34 -7.76
N ASP F 322 -7.00 27.52 -7.32
CA ASP F 322 -7.57 28.85 -7.16
C ASP F 322 -8.32 28.95 -5.82
N ARG F 331 -3.16 39.17 -1.18
CA ARG F 331 -2.74 37.92 -1.80
C ARG F 331 -2.37 38.14 -3.26
N ARG F 332 -1.16 37.72 -3.63
CA ARG F 332 -0.66 37.90 -5.00
C ARG F 332 0.45 36.88 -5.21
N VAL F 333 0.25 35.96 -6.16
CA VAL F 333 1.07 34.77 -6.29
C VAL F 333 1.26 34.45 -7.77
N PHE F 334 2.40 33.84 -8.09
CA PHE F 334 2.63 33.21 -9.38
C PHE F 334 3.12 31.78 -9.17
N VAL F 335 2.85 30.94 -10.17
CA VAL F 335 3.34 29.57 -10.26
C VAL F 335 3.46 29.30 -11.75
N LEU F 336 4.16 28.22 -12.11
CA LEU F 336 4.09 27.76 -13.49
C LEU F 336 4.46 26.28 -13.53
N ALA F 337 4.47 25.72 -14.75
CA ALA F 337 4.85 24.33 -14.97
C ALA F 337 5.14 24.16 -16.46
N ALA F 338 5.75 23.03 -16.80
CA ALA F 338 6.09 22.73 -18.18
C ALA F 338 6.18 21.22 -18.36
N THR F 339 6.39 20.82 -19.61
CA THR F 339 6.62 19.43 -19.97
C THR F 339 7.53 19.40 -21.19
N ASN F 340 7.60 18.23 -21.82
CA ASN F 340 8.13 18.10 -23.16
C ASN F 340 7.28 17.16 -24.02
N ILE F 341 6.18 16.63 -23.49
CA ILE F 341 5.26 15.77 -24.22
C ILE F 341 3.84 16.29 -24.04
N PRO F 342 3.55 17.50 -24.53
CA PRO F 342 2.18 18.01 -24.44
C PRO F 342 1.22 17.31 -25.37
N TRP F 343 1.72 16.46 -26.28
CA TRP F 343 0.88 15.45 -26.90
C TRP F 343 0.14 14.64 -25.85
N GLU F 344 0.73 14.47 -24.66
CA GLU F 344 0.08 13.87 -23.50
C GLU F 344 -0.69 14.89 -22.67
N LEU F 345 -1.07 16.03 -23.26
CA LEU F 345 -1.92 16.98 -22.55
C LEU F 345 -3.22 16.30 -22.14
N ASP F 346 -3.38 16.05 -20.85
CA ASP F 346 -4.32 15.01 -20.42
C ASP F 346 -5.77 15.48 -20.42
N GLU F 347 -6.11 16.42 -19.52
CA GLU F 347 -7.50 16.59 -19.12
C GLU F 347 -8.06 17.96 -19.47
N ALA F 348 -7.49 19.04 -18.94
CA ALA F 348 -8.13 20.35 -19.00
C ALA F 348 -7.16 21.49 -19.21
N LEU F 349 -5.86 21.23 -19.26
CA LEU F 349 -4.93 22.35 -19.22
C LEU F 349 -4.85 23.07 -20.55
N ARG F 350 -5.46 22.53 -21.60
CA ARG F 350 -5.77 23.34 -22.78
C ARG F 350 -6.80 24.39 -22.45
N ARG F 351 -7.72 24.08 -21.52
CA ARG F 351 -8.64 25.08 -20.99
C ARG F 351 -7.97 25.96 -19.94
N ARG F 352 -7.42 25.34 -18.90
CA ARG F 352 -7.12 26.04 -17.66
C ARG F 352 -6.17 27.20 -17.87
N PHE F 353 -5.15 27.00 -18.68
CA PHE F 353 -3.97 27.85 -18.67
C PHE F 353 -3.96 28.73 -19.90
N GLU F 354 -3.54 29.98 -19.69
CA GLU F 354 -3.73 31.02 -20.71
C GLU F 354 -2.74 30.88 -21.85
N LYS F 355 -1.62 30.22 -21.63
CA LYS F 355 -0.56 30.12 -22.61
C LYS F 355 0.11 28.76 -22.51
N ARG F 356 0.50 28.24 -23.67
CA ARG F 356 1.03 26.88 -23.78
C ARG F 356 2.10 26.94 -24.87
N ILE F 357 3.34 27.15 -24.45
CA ILE F 357 4.44 27.43 -25.35
C ILE F 357 5.21 26.14 -25.58
N PHE F 358 5.26 25.71 -26.83
CA PHE F 358 6.39 24.94 -27.32
C PHE F 358 7.45 25.89 -27.82
N ILE F 359 8.70 25.60 -27.49
CA ILE F 359 9.84 26.38 -27.94
C ILE F 359 10.48 25.65 -29.11
N PRO F 360 10.67 26.28 -30.26
CA PRO F 360 11.57 25.71 -31.26
C PRO F 360 13.02 25.99 -30.89
N LEU F 361 13.89 25.13 -31.40
CA LEU F 361 15.31 25.30 -31.13
C LEU F 361 15.82 26.57 -31.81
N PRO F 362 16.90 27.15 -31.31
CA PRO F 362 17.41 28.38 -31.91
C PRO F 362 17.94 28.13 -33.32
N ASP F 363 17.78 29.14 -34.17
CA ASP F 363 18.24 28.99 -35.54
C ASP F 363 19.75 29.17 -35.60
N ILE F 364 20.32 28.84 -36.77
CA ILE F 364 21.76 28.89 -36.94
C ILE F 364 22.30 30.29 -36.70
N ASP F 365 21.50 31.31 -37.02
CA ASP F 365 21.87 32.68 -36.66
C ASP F 365 21.95 32.83 -35.15
N ALA F 366 20.85 32.47 -34.47
CA ALA F 366 20.84 32.45 -33.02
C ALA F 366 22.01 31.63 -32.49
N ARG F 367 22.10 30.37 -32.92
CA ARG F 367 23.15 29.48 -32.45
C ARG F 367 24.54 30.07 -32.63
N LYS F 368 24.74 30.86 -33.67
CA LYS F 368 25.94 31.69 -33.74
C LYS F 368 26.00 32.61 -32.53
N LYS F 369 24.95 33.41 -32.33
CA LYS F 369 24.93 34.36 -31.22
C LYS F 369 24.98 33.70 -29.83
N LEU F 370 24.73 32.39 -29.77
CA LEU F 370 24.52 31.66 -28.52
C LEU F 370 25.70 30.80 -28.15
N ILE F 371 26.41 30.27 -29.15
CA ILE F 371 27.80 29.90 -28.96
C ILE F 371 28.56 31.12 -28.45
N GLU F 372 28.45 32.22 -29.19
CA GLU F 372 29.17 33.43 -28.83
C GLU F 372 28.75 33.94 -27.46
N LYS F 373 27.49 33.76 -27.10
CA LYS F 373 27.08 34.02 -25.73
C LYS F 373 27.63 32.99 -24.76
N SER F 374 27.88 31.78 -25.26
CA SER F 374 28.48 30.73 -24.45
C SER F 374 30.00 30.83 -24.43
N MET F 375 30.59 31.39 -25.48
CA MET F 375 32.03 31.55 -25.59
C MET F 375 32.52 32.84 -24.96
N GLU F 376 31.70 33.48 -24.14
CA GLU F 376 32.07 34.75 -23.52
C GLU F 376 33.24 34.54 -22.57
N GLY F 377 34.37 35.17 -22.89
CA GLY F 377 35.55 35.05 -22.06
C GLY F 377 36.20 33.69 -22.19
N THR F 378 36.71 33.39 -23.38
CA THR F 378 37.29 32.10 -23.69
C THR F 378 38.62 32.27 -24.40
N PRO F 379 39.68 31.55 -24.02
CA PRO F 379 40.87 31.50 -24.88
C PRO F 379 40.52 30.80 -26.18
N LYS F 380 40.72 31.51 -27.29
CA LYS F 380 40.29 30.97 -28.58
C LYS F 380 41.01 31.66 -29.72
N SER F 381 41.57 30.87 -30.62
CA SER F 381 42.09 31.38 -31.87
C SER F 381 40.98 32.05 -32.68
N ASP F 382 41.40 32.83 -33.68
CA ASP F 382 40.48 33.63 -34.47
C ASP F 382 40.09 32.97 -35.79
N GLU F 383 40.53 31.74 -36.04
CA GLU F 383 40.00 30.98 -37.17
C GLU F 383 38.50 30.73 -37.04
N ILE F 384 37.96 30.83 -35.83
CA ILE F 384 36.57 30.44 -35.55
C ILE F 384 35.65 31.42 -36.27
N ASN F 385 34.97 30.95 -37.30
CA ASN F 385 33.73 31.55 -37.75
C ASN F 385 32.61 30.77 -37.12
N TYR F 386 31.89 31.40 -36.19
CA TYR F 386 30.79 30.72 -35.53
C TYR F 386 29.67 30.41 -36.50
N ASP F 387 29.52 31.24 -37.54
CA ASP F 387 28.57 30.92 -38.60
C ASP F 387 28.97 29.64 -39.32
N ASP F 388 30.28 29.40 -39.46
CA ASP F 388 30.75 28.20 -40.14
C ASP F 388 30.50 26.97 -39.29
N LEU F 389 31.00 26.99 -38.05
CA LEU F 389 30.86 25.83 -37.18
C LEU F 389 29.39 25.55 -36.86
N ALA F 390 28.57 26.59 -36.82
CA ALA F 390 27.15 26.40 -36.55
C ALA F 390 26.43 25.67 -37.68
N ALA F 391 27.05 25.59 -38.86
CA ALA F 391 26.51 24.76 -39.94
C ALA F 391 26.31 23.32 -39.49
N ARG F 392 27.19 22.83 -38.63
CA ARG F 392 27.13 21.47 -38.13
C ARG F 392 26.35 21.33 -36.84
N THR F 393 26.06 22.44 -36.16
CA THR F 393 25.33 22.41 -34.91
C THR F 393 23.83 22.24 -35.08
N GLU F 394 23.33 22.22 -36.32
CA GLU F 394 21.90 22.27 -36.55
C GLU F 394 21.25 21.02 -36.00
N GLY F 395 20.27 21.21 -35.12
CA GLY F 395 19.71 20.15 -34.31
C GLY F 395 20.07 20.24 -32.84
N PHE F 396 21.05 21.05 -32.48
CA PHE F 396 21.48 21.16 -31.10
C PHE F 396 20.48 21.95 -30.27
N SER F 397 20.59 21.76 -28.96
CA SER F 397 19.95 22.58 -27.96
C SER F 397 20.98 23.58 -27.46
N GLY F 398 20.63 24.32 -26.41
CA GLY F 398 21.60 25.14 -25.73
C GLY F 398 22.68 24.26 -25.13
N ALA F 399 22.24 23.35 -24.26
CA ALA F 399 23.16 22.51 -23.49
C ALA F 399 24.07 21.68 -24.39
N ASP F 400 23.58 21.27 -25.57
CA ASP F 400 24.44 20.62 -26.55
C ASP F 400 25.65 21.49 -26.86
N VAL F 401 25.41 22.75 -27.19
CA VAL F 401 26.47 23.69 -27.45
C VAL F 401 27.31 23.93 -26.21
N VAL F 402 26.68 23.91 -25.03
CA VAL F 402 27.42 24.11 -23.79
C VAL F 402 28.47 23.04 -23.64
N SER F 403 28.03 21.78 -23.55
CA SER F 403 28.96 20.67 -23.38
C SER F 403 29.87 20.47 -24.59
N LEU F 404 29.54 21.07 -25.73
CA LEU F 404 30.47 21.11 -26.84
C LEU F 404 31.63 22.05 -26.54
N CYS F 405 31.31 23.30 -26.20
CA CYS F 405 32.35 24.27 -25.87
C CYS F 405 33.17 23.80 -24.67
N ARG F 406 32.55 23.07 -23.75
CA ARG F 406 33.29 22.43 -22.67
C ARG F 406 34.16 21.32 -23.21
N THR F 407 33.60 20.52 -24.12
CA THR F 407 34.33 19.38 -24.67
C THR F 407 35.61 19.84 -25.35
N ALA F 408 35.58 21.01 -25.99
CA ALA F 408 36.80 21.61 -26.50
C ALA F 408 37.61 22.24 -25.37
N ALA F 409 36.94 22.81 -24.36
CA ALA F 409 37.63 23.45 -23.26
C ALA F 409 38.55 22.49 -22.53
N ILE F 410 38.21 21.20 -22.53
CA ILE F 410 39.06 20.17 -21.92
C ILE F 410 39.77 19.32 -22.96
N ASN F 411 39.35 19.37 -24.23
CA ASN F 411 40.24 18.98 -25.31
C ASN F 411 41.58 19.69 -25.14
N VAL F 412 41.53 21.02 -25.07
CA VAL F 412 42.75 21.83 -24.95
C VAL F 412 43.58 21.40 -23.77
N LEU F 413 42.93 21.04 -22.66
CA LEU F 413 43.64 20.45 -21.53
C LEU F 413 44.38 19.19 -21.98
N ARG F 414 43.69 18.32 -22.70
CA ARG F 414 44.22 16.98 -22.99
C ARG F 414 45.03 16.91 -24.27
N ARG F 415 45.33 18.04 -24.91
CA ARG F 415 46.13 18.02 -26.12
C ARG F 415 47.57 17.62 -25.83
N TYR F 416 48.23 18.39 -24.99
CA TYR F 416 49.68 18.36 -24.84
C TYR F 416 50.02 17.33 -23.77
N ASP F 417 51.24 17.39 -23.22
CA ASP F 417 51.67 16.40 -22.24
C ASP F 417 50.87 16.57 -20.95
N THR F 418 49.58 16.22 -21.03
CA THR F 418 48.62 16.39 -19.97
C THR F 418 48.60 15.21 -19.03
N LYS F 419 49.01 14.02 -19.52
CA LYS F 419 49.24 12.89 -18.63
C LYS F 419 50.48 13.11 -17.79
N SER F 420 51.51 13.73 -18.36
CA SER F 420 52.72 14.05 -17.62
C SER F 420 52.41 15.22 -16.69
N LEU F 421 52.14 14.89 -15.42
CA LEU F 421 52.05 15.91 -14.39
C LEU F 421 53.43 16.48 -14.13
N ARG F 422 53.50 17.44 -13.20
CA ARG F 422 54.75 17.77 -12.52
C ARG F 422 54.95 16.90 -11.28
N GLY F 423 54.39 15.69 -11.28
CA GLY F 423 54.28 14.91 -10.07
C GLY F 423 53.23 15.44 -9.12
N GLY F 424 52.35 16.31 -9.59
CA GLY F 424 51.37 16.96 -8.74
C GLY F 424 51.74 18.38 -8.36
N GLU F 425 52.45 19.09 -9.24
CA GLU F 425 52.89 20.45 -8.97
C GLU F 425 52.75 21.28 -10.24
N LEU F 426 53.12 22.56 -10.14
CA LEU F 426 52.89 23.52 -11.22
C LEU F 426 54.09 23.60 -12.14
N THR F 427 53.84 23.48 -13.44
CA THR F 427 54.74 23.96 -14.47
C THR F 427 54.18 25.26 -15.03
N ALA F 428 55.06 26.07 -15.63
CA ALA F 428 54.62 27.36 -16.16
C ALA F 428 53.61 27.20 -17.29
N ALA F 429 53.89 26.29 -18.22
CA ALA F 429 52.97 26.08 -19.34
C ALA F 429 51.62 25.57 -18.86
N MET F 430 51.61 24.79 -17.77
CA MET F 430 50.35 24.35 -17.18
C MET F 430 49.49 25.52 -16.76
N GLU F 431 50.12 26.59 -16.28
CA GLU F 431 49.40 27.84 -16.06
C GLU F 431 49.08 28.53 -17.38
N SER F 432 49.93 28.36 -18.39
CA SER F 432 49.68 28.91 -19.72
C SER F 432 48.56 28.21 -20.46
N LEU F 433 47.96 27.17 -19.89
CA LEU F 433 46.74 26.63 -20.48
C LEU F 433 45.66 27.70 -20.59
N LYS F 434 45.45 28.44 -19.50
CA LYS F 434 44.60 29.63 -19.58
C LYS F 434 45.14 30.60 -20.62
N ALA F 435 46.47 30.73 -20.71
CA ALA F 435 47.06 31.55 -21.77
C ALA F 435 46.89 30.90 -23.13
N GLU F 436 46.83 29.58 -23.19
CA GLU F 436 46.71 28.88 -24.45
C GLU F 436 45.26 28.91 -24.93
N LEU F 437 45.08 28.90 -26.25
CA LEU F 437 43.80 29.15 -26.87
C LEU F 437 43.11 27.85 -27.28
N VAL F 438 41.82 27.97 -27.53
CA VAL F 438 41.00 26.92 -28.12
C VAL F 438 40.98 27.12 -29.62
N ARG F 439 40.79 26.02 -30.37
CA ARG F 439 40.94 26.01 -31.81
C ARG F 439 39.95 25.03 -32.41
N ASN F 440 39.75 25.14 -33.73
CA ASN F 440 38.84 24.22 -34.42
C ASN F 440 39.30 22.78 -34.26
N ILE F 441 40.61 22.55 -34.27
CA ILE F 441 41.13 21.21 -34.03
C ILE F 441 40.87 20.80 -32.60
N ASP F 442 40.82 21.77 -31.68
CA ASP F 442 40.42 21.48 -30.31
C ASP F 442 38.91 21.35 -30.18
N PHE F 443 38.17 21.94 -31.11
CA PHE F 443 36.78 21.60 -31.28
C PHE F 443 36.61 20.31 -32.05
N GLU F 444 37.54 20.00 -32.96
CA GLU F 444 37.36 18.88 -33.88
C GLU F 444 37.10 17.58 -33.14
N ALA F 445 37.80 17.37 -32.02
CA ALA F 445 37.45 16.26 -31.16
C ALA F 445 36.08 16.46 -30.56
N ALA F 446 35.76 17.70 -30.18
CA ALA F 446 34.43 18.00 -29.69
C ALA F 446 33.39 17.93 -30.81
N LEU F 447 33.81 18.21 -32.05
CA LEU F 447 32.89 18.16 -33.17
C LEU F 447 32.49 16.72 -33.46
N GLN F 448 33.47 15.84 -33.62
CA GLN F 448 33.16 14.43 -33.77
C GLN F 448 32.45 13.88 -32.55
N ALA F 449 32.77 14.40 -31.36
CA ALA F 449 32.28 13.79 -30.13
C ALA F 449 30.79 14.07 -29.93
N VAL F 450 30.38 15.32 -30.06
CA VAL F 450 29.04 15.74 -29.69
C VAL F 450 28.10 15.55 -30.89
N SER F 451 26.85 15.23 -30.59
CA SER F 451 25.79 15.03 -31.58
C SER F 451 24.53 15.70 -31.08
N PRO F 452 23.57 16.01 -31.99
CA PRO F 452 22.26 16.44 -31.48
C PRO F 452 21.58 15.35 -30.68
N SER F 453 21.44 14.16 -31.28
CA SER F 453 21.06 12.94 -30.56
C SER F 453 19.71 13.10 -29.85
N ALA F 454 18.67 13.33 -30.63
CA ALA F 454 17.34 13.54 -30.05
C ALA F 454 16.28 13.31 -31.12
N GLY F 455 15.04 13.23 -30.66
CA GLY F 455 13.91 13.06 -31.55
C GLY F 455 13.35 14.38 -32.03
N PRO F 456 13.74 14.77 -33.25
CA PRO F 456 13.25 16.00 -33.83
C PRO F 456 11.77 15.90 -34.20
N ASP F 457 11.33 14.71 -34.63
CA ASP F 457 9.93 14.53 -34.97
C ASP F 457 9.02 14.74 -33.76
N THR F 458 9.53 14.52 -32.55
CA THR F 458 8.78 14.88 -31.36
C THR F 458 8.49 16.37 -31.33
N MET F 459 9.52 17.19 -31.61
CA MET F 459 9.33 18.64 -31.64
C MET F 459 8.33 19.03 -32.72
N LEU F 460 8.36 18.35 -33.86
CA LEU F 460 7.37 18.63 -34.90
C LEU F 460 5.97 18.24 -34.42
N LYS F 461 5.87 17.16 -33.66
CA LYS F 461 4.57 16.70 -33.17
C LYS F 461 3.99 17.71 -32.19
N CYS F 462 4.71 17.99 -31.11
CA CYS F 462 4.23 18.93 -30.12
C CYS F 462 4.28 20.39 -30.59
N LYS F 463 4.89 20.66 -31.74
CA LYS F 463 4.75 21.96 -32.38
C LYS F 463 3.48 22.04 -33.20
N GLU F 464 3.11 20.97 -33.89
CA GLU F 464 1.78 20.88 -34.44
C GLU F 464 0.74 21.01 -33.33
N TRP F 465 1.04 20.44 -32.16
CA TRP F 465 0.19 20.64 -30.99
C TRP F 465 0.14 22.11 -30.59
N CYS F 466 1.30 22.78 -30.60
CA CYS F 466 1.36 24.11 -29.99
C CYS F 466 0.51 25.11 -30.76
N ASP F 467 0.18 24.80 -32.01
CA ASP F 467 -0.81 25.59 -32.75
C ASP F 467 -2.23 25.15 -32.42
N SER F 468 -2.42 23.85 -32.16
CA SER F 468 -3.75 23.25 -32.08
C SER F 468 -4.03 22.91 -30.62
N PHE F 469 -4.86 23.73 -29.98
CA PHE F 469 -5.12 23.67 -28.54
C PHE F 469 -3.88 24.01 -27.72
N GLY F 470 -2.83 24.51 -28.37
CA GLY F 470 -1.64 24.97 -27.68
C GLY F 470 -1.71 26.46 -27.53
N ALA F 471 -2.03 26.91 -26.33
CA ALA F 471 -2.28 28.32 -26.07
C ALA F 471 -1.03 29.15 -26.32
N MET F 472 -1.14 30.46 -26.11
CA MET F 472 -0.03 31.40 -26.34
C MET F 472 1.27 31.03 -25.64
PG ATP G . 11.50 -24.46 12.47
O1G ATP G . 10.19 -24.64 11.74
O2G ATP G . 11.37 -24.29 13.97
O3G ATP G . 12.45 -23.51 11.79
PB ATP G . 13.81 -25.91 12.01
O1B ATP G . 13.97 -25.88 10.52
O2B ATP G . 14.49 -24.87 12.87
O3B ATP G . 12.24 -25.88 12.33
PA ATP G . 13.64 -28.30 13.58
O1A ATP G . 14.69 -28.46 14.63
O2A ATP G . 12.30 -27.80 14.02
O3A ATP G . 14.31 -27.37 12.44
O5' ATP G . 13.50 -29.72 12.83
C5' ATP G . 12.28 -30.46 12.84
C4' ATP G . 12.57 -31.94 13.01
O4' ATP G . 13.31 -32.45 11.90
C3' ATP G . 13.39 -32.23 14.26
O3' ATP G . 12.57 -32.86 15.25
C2' ATP G . 14.50 -33.15 13.81
O2' ATP G . 14.55 -34.35 14.59
C1' ATP G . 14.19 -33.48 12.36
N9 ATP G . 15.41 -33.53 11.51
C8 ATP G . 15.48 -33.04 10.27
N7 ATP G . 16.72 -33.25 9.74
C5 ATP G . 17.46 -33.89 10.67
C6 ATP G . 18.84 -34.41 10.77
N6 ATP G . 19.71 -34.28 9.75
N1 ATP G . 19.19 -35.02 11.92
C2 ATP G . 18.34 -35.17 12.96
N3 ATP G . 17.08 -34.72 12.93
C4 ATP G . 16.58 -34.09 11.84
PG ATP H . -17.87 -21.98 8.59
O1G ATP H . -17.07 -21.88 7.31
O2G ATP H . -19.15 -21.18 8.58
O3G ATP H . -17.07 -21.89 9.86
PB ATP H . -17.29 -24.68 8.65
O1B ATP H . -16.46 -24.54 7.40
O2B ATP H . -16.60 -24.72 10.00
O3B ATP H . -18.37 -23.51 8.60
PA ATP H . -19.42 -26.30 9.44
O1A ATP H . -18.91 -27.26 10.47
O2A ATP H . -20.06 -25.02 9.91
O3A ATP H . -18.16 -26.01 8.48
O5' ATP H . -20.43 -27.14 8.51
C5' ATP H . -21.74 -26.66 8.25
C4' ATP H . -22.65 -27.80 7.78
O4' ATP H . -22.01 -28.86 7.05
C3' ATP H . -23.31 -28.47 8.98
O3' ATP H . -24.65 -28.02 9.14
C2' ATP H . -23.26 -29.94 8.65
O2' ATP H . -24.52 -30.59 8.84
C1' ATP H . -22.87 -30.00 7.19
N9 ATP H . -22.29 -31.32 6.84
C8 ATP H . -21.44 -31.55 5.81
N7 ATP H . -21.10 -32.85 5.72
C5 ATP H . -21.76 -33.50 6.70
C6 ATP H . -21.85 -34.90 7.15
N6 ATP H . -21.14 -35.86 6.52
N1 ATP H . -22.64 -35.19 8.21
C2 ATP H . -23.33 -34.22 8.84
N3 ATP H . -23.30 -32.94 8.46
C4 ATP H . -22.55 -32.51 7.42
PG ATP I . -29.73 2.64 -1.89
O1G ATP I . -28.84 3.05 -3.04
O2G ATP I . -30.17 3.78 -1.00
O3G ATP I . -29.25 1.42 -1.15
PB ATP I . -31.83 0.89 -1.94
O1B ATP I . -31.31 -0.37 -2.58
O2B ATP I . -31.79 1.06 -0.44
O3B ATP I . -31.08 2.16 -2.58
PA ATP I . -34.14 2.28 -1.69
O1A ATP I . -34.78 1.65 -0.50
O2A ATP I . -33.18 3.44 -1.47
O3A ATP I . -33.33 1.11 -2.42
O5' ATP I . -35.30 2.70 -2.72
C5' ATP I . -35.36 4.00 -3.31
C4' ATP I . -36.79 4.35 -3.66
O4' ATP I . -37.36 3.29 -4.45
C3' ATP I . -37.63 4.50 -2.40
O3' ATP I . -38.07 5.85 -2.27
C2' ATP I . -38.79 3.55 -2.58
O2' ATP I . -40.04 4.19 -2.34
C1' ATP I . -38.71 3.07 -4.03
N9 ATP I . -39.06 1.64 -4.06
C8 ATP I . -38.30 0.65 -4.56
N7 ATP I . -38.94 -0.54 -4.43
C5 ATP I . -40.13 -0.31 -3.85
C6 ATP I . -41.30 -1.11 -3.42
N6 ATP I . -41.33 -2.44 -3.59
N1 ATP I . -42.33 -0.46 -2.86
C2 ATP I . -42.34 0.87 -2.66
N3 ATP I . -41.31 1.65 -3.03
C4 ATP I . -40.20 1.14 -3.61
PG ATP J . -13.44 23.89 -12.73
O1G ATP J . -12.48 23.20 -13.68
O2G ATP J . -12.80 24.93 -11.84
O3G ATP J . -14.41 22.96 -12.06
PB ATP J . -15.93 24.96 -13.38
O1B ATP J . -16.76 23.98 -14.15
O2B ATP J . -16.10 25.05 -11.88
O3B ATP J . -14.37 24.76 -13.69
PA ATP J . -15.48 27.65 -13.26
O1A ATP J . -16.48 28.10 -12.24
O2A ATP J . -14.12 27.24 -12.78
O3A ATP J . -16.17 26.40 -14.02
O5' ATP J . -15.38 28.77 -14.40
C5' ATP J . -14.12 29.30 -14.82
C4' ATP J . -14.32 30.68 -15.38
O4' ATP J . -15.22 30.65 -16.48
C3' ATP J . -14.90 31.61 -14.32
O3' ATP J . -14.05 32.74 -14.11
C2' ATP J . -16.24 32.03 -14.88
O2' ATP J . -16.49 33.42 -14.67
C1' ATP J . -16.18 31.70 -16.36
N9 ATP J . -17.51 31.29 -16.84
C8 ATP J . -17.78 30.20 -17.57
N7 ATP J . -19.11 30.14 -17.84
C5 ATP J . -19.70 31.20 -17.29
C6 ATP J . -21.06 31.77 -17.20
N6 ATP J . -22.11 31.14 -17.77
N1 ATP J . -21.24 32.92 -16.51
C2 ATP J . -20.22 33.57 -15.93
N3 ATP J . -18.95 33.12 -15.98
C4 ATP J . -18.64 31.97 -16.63
PG ATP K . 15.32 19.91 -18.40
O1G ATP K . 15.82 18.53 -18.73
O2G ATP K . 15.43 20.28 -16.95
O3G ATP K . 14.02 20.29 -19.05
PB ATP K . 15.88 22.36 -19.51
O1B ATP K . 15.16 22.26 -20.83
O2B ATP K . 15.21 22.93 -18.28
O3B ATP K . 16.38 20.88 -19.12
PA ATP K . 18.09 23.49 -18.44
O1A ATP K . 17.37 24.66 -17.82
O2A ATP K . 18.24 22.21 -17.67
O3A ATP K . 17.26 23.13 -19.77
O5' ATP K . 19.53 24.02 -18.94
C5' ATP K . 20.08 23.83 -20.24
C4' ATP K . 21.33 24.70 -20.37
O4' ATP K . 21.49 25.15 -21.71
C3' ATP K . 21.24 25.95 -19.51
O3' ATP K . 21.85 25.75 -18.23
C2' ATP K . 21.93 27.03 -20.31
O2' ATP K . 23.28 27.21 -19.89
C1' ATP K . 21.87 26.53 -21.74
N9 ATP K . 20.85 27.31 -22.50
C8 ATP K . 19.68 26.84 -22.93
N7 ATP K . 18.98 27.81 -23.59
C5 ATP K . 19.74 28.92 -23.58
C6 ATP K . 19.63 30.30 -24.09
N6 ATP K . 18.53 30.70 -24.77
N1 ATP K . 20.66 31.16 -23.86
C2 ATP K . 21.75 30.78 -23.19
N3 ATP K . 21.92 29.54 -22.69
C4 ATP K . 20.98 28.59 -22.86
#